data_1ZYX
# 
_entry.id   1ZYX 
# 
_audit_conform.dict_name       mmcif_pdbx.dic 
_audit_conform.dict_version    5.398 
_audit_conform.dict_location   http://mmcif.pdb.org/dictionaries/ascii/mmcif_pdbx.dic 
# 
loop_
_database_2.database_id 
_database_2.database_code 
_database_2.pdbx_database_accession 
_database_2.pdbx_DOI 
PDB   1ZYX         pdb_00001zyx 10.2210/pdb1zyx/pdb 
RCSB  RCSB033283   ?            ?                   
WWPDB D_1000033283 ?            ?                   
# 
loop_
_pdbx_audit_revision_history.ordinal 
_pdbx_audit_revision_history.data_content_type 
_pdbx_audit_revision_history.major_revision 
_pdbx_audit_revision_history.minor_revision 
_pdbx_audit_revision_history.revision_date 
1 'Structure model' 1 0 2005-06-28 
2 'Structure model' 1 1 2008-04-30 
3 'Structure model' 1 2 2011-07-13 
4 'Structure model' 1 3 2017-10-11 
5 'Structure model' 1 4 2024-11-13 
# 
_pdbx_audit_revision_details.ordinal             1 
_pdbx_audit_revision_details.revision_ordinal    1 
_pdbx_audit_revision_details.data_content_type   'Structure model' 
_pdbx_audit_revision_details.provider            repository 
_pdbx_audit_revision_details.type                'Initial release' 
_pdbx_audit_revision_details.description         ? 
_pdbx_audit_revision_details.details             ? 
# 
loop_
_pdbx_audit_revision_group.ordinal 
_pdbx_audit_revision_group.revision_ordinal 
_pdbx_audit_revision_group.data_content_type 
_pdbx_audit_revision_group.group 
1 2 'Structure model' 'Version format compliance' 
2 3 'Structure model' 'Version format compliance' 
3 4 'Structure model' 'Refinement description'    
4 5 'Structure model' 'Data collection'           
5 5 'Structure model' 'Database references'       
6 5 'Structure model' 'Derived calculations'      
7 5 'Structure model' 'Structure summary'         
# 
loop_
_pdbx_audit_revision_category.ordinal 
_pdbx_audit_revision_category.revision_ordinal 
_pdbx_audit_revision_category.data_content_type 
_pdbx_audit_revision_category.category 
1 4 'Structure model' software                  
2 5 'Structure model' chem_comp_atom            
3 5 'Structure model' chem_comp_bond            
4 5 'Structure model' database_2                
5 5 'Structure model' pdbx_entry_details        
6 5 'Structure model' pdbx_modification_feature 
7 5 'Structure model' struct_site               
# 
loop_
_pdbx_audit_revision_item.ordinal 
_pdbx_audit_revision_item.revision_ordinal 
_pdbx_audit_revision_item.data_content_type 
_pdbx_audit_revision_item.item 
1 4 'Structure model' '_software.classification'            
2 4 'Structure model' '_software.name'                      
3 5 'Structure model' '_database_2.pdbx_DOI'                
4 5 'Structure model' '_database_2.pdbx_database_accession' 
5 5 'Structure model' '_struct_site.pdbx_auth_asym_id'      
6 5 'Structure model' '_struct_site.pdbx_auth_comp_id'      
7 5 'Structure model' '_struct_site.pdbx_auth_seq_id'       
# 
_pdbx_database_status.status_code                     REL 
_pdbx_database_status.entry_id                        1ZYX 
_pdbx_database_status.recvd_initial_deposition_date   2005-06-13 
_pdbx_database_status.deposit_site                    RCSB 
_pdbx_database_status.process_site                    PDBJ 
_pdbx_database_status.status_code_sf                  ? 
_pdbx_database_status.status_code_mr                  ? 
_pdbx_database_status.SG_entry                        ? 
_pdbx_database_status.pdb_format_compatible           Y 
_pdbx_database_status.status_code_cs                  ? 
_pdbx_database_status.methods_development_category    ? 
_pdbx_database_status.status_code_nmr_data            ? 
# 
loop_
_pdbx_database_related.db_name 
_pdbx_database_related.db_id 
_pdbx_database_related.details 
_pdbx_database_related.content_type 
PDB 1SV3 'Structure Of The Complex Formed Between Phospholipase A2 and 4-Methoxybenzoic Acid At 1.3A Resolution.' unspecified 
PDB 1Q7A 
;Crystal Structure Of The Complex Formed Between Russell'S Viper Phospholipase A2 and An Antiinflammatory Agent Oxyphenbutazone At 1.6A Resolution
;
unspecified 
# 
loop_
_audit_author.name 
_audit_author.pdbx_ordinal 
'Singh, N.'   1 
'Jabeen, T.'  2 
'Sharma, S.'  3 
'Bhushan, A.' 4 
'Singh, T.P.' 5 
# 
_citation.id                        primary 
_citation.title                     
;Crystal structure of the complex of a group IIA phospholipase A2 with a synthetic anti-inflammatory agent licofelone at 1.9A resolution
;
_citation.journal_abbrev            'To be Published' 
_citation.journal_volume            ? 
_citation.page_first                ? 
_citation.page_last                 ? 
_citation.year                      ? 
_citation.journal_id_ASTM           ? 
_citation.country                   ? 
_citation.journal_id_ISSN           ? 
_citation.journal_id_CSD            0353 
_citation.book_publisher            ? 
_citation.pdbx_database_id_PubMed   ? 
_citation.pdbx_database_id_DOI      ? 
# 
loop_
_citation_author.citation_id 
_citation_author.name 
_citation_author.ordinal 
_citation_author.identifier_ORCID 
primary 'Singh, N.'   1 ? 
primary 'Jabeen, T.'  2 ? 
primary 'Sharma, S.'  3 ? 
primary 'Bhushan, A.' 4 ? 
primary 'Singh, T.P.' 5 ? 
# 
loop_
_entity.id 
_entity.type 
_entity.src_method 
_entity.pdbx_description 
_entity.formula_weight 
_entity.pdbx_number_of_molecules 
_entity.pdbx_ec 
_entity.pdbx_mutation 
_entity.pdbx_fragment 
_entity.details 
1 polymer     nat 'Phospholipase A2 VRV-PL-VIIIa'                                                        13629.767 1   3.1.1.4 ? ? 
? 
2 non-polymer syn 'SULFATE ION'                                                                          96.063    2   ?       ? ? 
? 
3 non-polymer syn '[6-(4-CHLOROPHENYL)-2,2-DIMETHYL-7-PHENYL-2,3-DIHYDRO-1H-PYRROLIZIN-5-YL]ACETIC ACID' 379.879   1   ?       ? ? 
? 
4 water       nat water                                                                                  18.015    161 ?       ? ? 
? 
# 
_entity_name_com.entity_id   1 
_entity_name_com.name        'Phosphatidylcholine 2- acylhydrolase, DPLA2' 
# 
_entity_poly.entity_id                      1 
_entity_poly.type                           'polypeptide(L)' 
_entity_poly.nstd_linkage                   no 
_entity_poly.nstd_monomer                   no 
_entity_poly.pdbx_seq_one_letter_code       
;SLLEFGKMILEETGKLAIPSYSSYGCYCGWGGKGTPKDATDRCCFVHDCCYGNLPDCNPKSDRYKYKRVNGAIVCEKGTS
CENRICECDKAAAICFRQNLNTYSKKYMLYPDFLCKGELKC
;
_entity_poly.pdbx_seq_one_letter_code_can   
;SLLEFGKMILEETGKLAIPSYSSYGCYCGWGGKGTPKDATDRCCFVHDCCYGNLPDCNPKSDRYKYKRVNGAIVCEKGTS
CENRICECDKAAAICFRQNLNTYSKKYMLYPDFLCKGELKC
;
_entity_poly.pdbx_strand_id                 A 
_entity_poly.pdbx_target_identifier         ? 
# 
loop_
_pdbx_entity_nonpoly.entity_id 
_pdbx_entity_nonpoly.name 
_pdbx_entity_nonpoly.comp_id 
2 'SULFATE ION'                                                                          SO4 
3 '[6-(4-CHLOROPHENYL)-2,2-DIMETHYL-7-PHENYL-2,3-DIHYDRO-1H-PYRROLIZIN-5-YL]ACETIC ACID' LCF 
4 water                                                                                  HOH 
# 
loop_
_entity_poly_seq.entity_id 
_entity_poly_seq.num 
_entity_poly_seq.mon_id 
_entity_poly_seq.hetero 
1 1   SER n 
1 2   LEU n 
1 3   LEU n 
1 4   GLU n 
1 5   PHE n 
1 6   GLY n 
1 7   LYS n 
1 8   MET n 
1 9   ILE n 
1 10  LEU n 
1 11  GLU n 
1 12  GLU n 
1 13  THR n 
1 14  GLY n 
1 15  LYS n 
1 16  LEU n 
1 17  ALA n 
1 18  ILE n 
1 19  PRO n 
1 20  SER n 
1 21  TYR n 
1 22  SER n 
1 23  SER n 
1 24  TYR n 
1 25  GLY n 
1 26  CYS n 
1 27  TYR n 
1 28  CYS n 
1 29  GLY n 
1 30  TRP n 
1 31  GLY n 
1 32  GLY n 
1 33  LYS n 
1 34  GLY n 
1 35  THR n 
1 36  PRO n 
1 37  LYS n 
1 38  ASP n 
1 39  ALA n 
1 40  THR n 
1 41  ASP n 
1 42  ARG n 
1 43  CYS n 
1 44  CYS n 
1 45  PHE n 
1 46  VAL n 
1 47  HIS n 
1 48  ASP n 
1 49  CYS n 
1 50  CYS n 
1 51  TYR n 
1 52  GLY n 
1 53  ASN n 
1 54  LEU n 
1 55  PRO n 
1 56  ASP n 
1 57  CYS n 
1 58  ASN n 
1 59  PRO n 
1 60  LYS n 
1 61  SER n 
1 62  ASP n 
1 63  ARG n 
1 64  TYR n 
1 65  LYS n 
1 66  TYR n 
1 67  LYS n 
1 68  ARG n 
1 69  VAL n 
1 70  ASN n 
1 71  GLY n 
1 72  ALA n 
1 73  ILE n 
1 74  VAL n 
1 75  CYS n 
1 76  GLU n 
1 77  LYS n 
1 78  GLY n 
1 79  THR n 
1 80  SER n 
1 81  CYS n 
1 82  GLU n 
1 83  ASN n 
1 84  ARG n 
1 85  ILE n 
1 86  CYS n 
1 87  GLU n 
1 88  CYS n 
1 89  ASP n 
1 90  LYS n 
1 91  ALA n 
1 92  ALA n 
1 93  ALA n 
1 94  ILE n 
1 95  CYS n 
1 96  PHE n 
1 97  ARG n 
1 98  GLN n 
1 99  ASN n 
1 100 LEU n 
1 101 ASN n 
1 102 THR n 
1 103 TYR n 
1 104 SER n 
1 105 LYS n 
1 106 LYS n 
1 107 TYR n 
1 108 MET n 
1 109 LEU n 
1 110 TYR n 
1 111 PRO n 
1 112 ASP n 
1 113 PHE n 
1 114 LEU n 
1 115 CYS n 
1 116 LYS n 
1 117 GLY n 
1 118 GLU n 
1 119 LEU n 
1 120 LYS n 
1 121 CYS n 
# 
_entity_src_nat.entity_id                  1 
_entity_src_nat.pdbx_src_id                1 
_entity_src_nat.pdbx_alt_source_flag       sample 
_entity_src_nat.pdbx_beg_seq_num           ? 
_entity_src_nat.pdbx_end_seq_num           ? 
_entity_src_nat.common_name                ? 
_entity_src_nat.pdbx_organism_scientific   'Daboia russellii pulchella' 
_entity_src_nat.pdbx_ncbi_taxonomy_id      97228 
_entity_src_nat.genus                      Daboia 
_entity_src_nat.species                    'Daboia russellii' 
_entity_src_nat.strain                     pulchella 
_entity_src_nat.tissue                     ? 
_entity_src_nat.tissue_fraction            ? 
_entity_src_nat.pdbx_secretion             ? 
_entity_src_nat.pdbx_fragment              ? 
_entity_src_nat.pdbx_variant               ? 
_entity_src_nat.pdbx_cell_line             ? 
_entity_src_nat.pdbx_atcc                  ? 
_entity_src_nat.pdbx_cellular_location     ? 
_entity_src_nat.pdbx_organ                 ? 
_entity_src_nat.pdbx_organelle             ? 
_entity_src_nat.pdbx_cell                  ? 
_entity_src_nat.pdbx_plasmid_name          ? 
_entity_src_nat.pdbx_plasmid_details       ? 
_entity_src_nat.details                    ? 
# 
loop_
_chem_comp.id 
_chem_comp.type 
_chem_comp.mon_nstd_flag 
_chem_comp.name 
_chem_comp.pdbx_synonyms 
_chem_comp.formula 
_chem_comp.formula_weight 
ALA 'L-peptide linking' y ALANINE                                                                                ?          
'C3 H7 N O2'      89.093  
ARG 'L-peptide linking' y ARGININE                                                                               ?          
'C6 H15 N4 O2 1'  175.209 
ASN 'L-peptide linking' y ASPARAGINE                                                                             ?          
'C4 H8 N2 O3'     132.118 
ASP 'L-peptide linking' y 'ASPARTIC ACID'                                                                        ?          
'C4 H7 N O4'      133.103 
CYS 'L-peptide linking' y CYSTEINE                                                                               ?          
'C3 H7 N O2 S'    121.158 
GLN 'L-peptide linking' y GLUTAMINE                                                                              ?          
'C5 H10 N2 O3'    146.144 
GLU 'L-peptide linking' y 'GLUTAMIC ACID'                                                                        ?          
'C5 H9 N O4'      147.129 
GLY 'peptide linking'   y GLYCINE                                                                                ?          
'C2 H5 N O2'      75.067  
HIS 'L-peptide linking' y HISTIDINE                                                                              ?          
'C6 H10 N3 O2 1'  156.162 
HOH non-polymer         . WATER                                                                                  ?          'H2 O' 
18.015  
ILE 'L-peptide linking' y ISOLEUCINE                                                                             ?          
'C6 H13 N O2'     131.173 
LCF non-polymer         . '[6-(4-CHLOROPHENYL)-2,2-DIMETHYL-7-PHENYL-2,3-DIHYDRO-1H-PYRROLIZIN-5-YL]ACETIC ACID' LICOFELONE 
'C23 H22 Cl N O2' 379.879 
LEU 'L-peptide linking' y LEUCINE                                                                                ?          
'C6 H13 N O2'     131.173 
LYS 'L-peptide linking' y LYSINE                                                                                 ?          
'C6 H15 N2 O2 1'  147.195 
MET 'L-peptide linking' y METHIONINE                                                                             ?          
'C5 H11 N O2 S'   149.211 
PHE 'L-peptide linking' y PHENYLALANINE                                                                          ?          
'C9 H11 N O2'     165.189 
PRO 'L-peptide linking' y PROLINE                                                                                ?          
'C5 H9 N O2'      115.130 
SER 'L-peptide linking' y SERINE                                                                                 ?          
'C3 H7 N O3'      105.093 
SO4 non-polymer         . 'SULFATE ION'                                                                          ?          
'O4 S -2'         96.063  
THR 'L-peptide linking' y THREONINE                                                                              ?          
'C4 H9 N O3'      119.119 
TRP 'L-peptide linking' y TRYPTOPHAN                                                                             ?          
'C11 H12 N2 O2'   204.225 
TYR 'L-peptide linking' y TYROSINE                                                                               ?          
'C9 H11 N O3'     181.189 
VAL 'L-peptide linking' y VALINE                                                                                 ?          
'C5 H11 N O2'     117.146 
# 
loop_
_pdbx_poly_seq_scheme.asym_id 
_pdbx_poly_seq_scheme.entity_id 
_pdbx_poly_seq_scheme.seq_id 
_pdbx_poly_seq_scheme.mon_id 
_pdbx_poly_seq_scheme.ndb_seq_num 
_pdbx_poly_seq_scheme.pdb_seq_num 
_pdbx_poly_seq_scheme.auth_seq_num 
_pdbx_poly_seq_scheme.pdb_mon_id 
_pdbx_poly_seq_scheme.auth_mon_id 
_pdbx_poly_seq_scheme.pdb_strand_id 
_pdbx_poly_seq_scheme.pdb_ins_code 
_pdbx_poly_seq_scheme.hetero 
A 1 1   SER 1   1   1   SER SER A . n 
A 1 2   LEU 2   2   2   LEU LEU A . n 
A 1 3   LEU 3   3   3   LEU LEU A . n 
A 1 4   GLU 4   4   4   GLU GLU A . n 
A 1 5   PHE 5   5   5   PHE PHE A . n 
A 1 6   GLY 6   6   6   GLY GLY A . n 
A 1 7   LYS 7   7   7   LYS LYS A . n 
A 1 8   MET 8   8   8   MET MET A . n 
A 1 9   ILE 9   9   9   ILE ILE A . n 
A 1 10  LEU 10  10  10  LEU LEU A . n 
A 1 11  GLU 11  11  11  GLU GLU A . n 
A 1 12  GLU 12  12  12  GLU GLU A . n 
A 1 13  THR 13  13  13  THR THR A . n 
A 1 14  GLY 14  14  14  GLY GLY A . n 
A 1 15  LYS 15  16  16  LYS LYS A . n 
A 1 16  LEU 16  17  17  LEU LEU A . n 
A 1 17  ALA 17  18  18  ALA ALA A . n 
A 1 18  ILE 18  19  19  ILE ILE A . n 
A 1 19  PRO 19  20  20  PRO PRO A . n 
A 1 20  SER 20  21  21  SER SER A . n 
A 1 21  TYR 21  22  22  TYR TYR A . n 
A 1 22  SER 22  23  23  SER SER A . n 
A 1 23  SER 23  24  24  SER SER A . n 
A 1 24  TYR 24  25  25  TYR TYR A . n 
A 1 25  GLY 25  26  26  GLY GLY A . n 
A 1 26  CYS 26  27  27  CYS CYS A . n 
A 1 27  TYR 27  28  28  TYR TYR A . n 
A 1 28  CYS 28  29  29  CYS CYS A . n 
A 1 29  GLY 29  30  30  GLY GLY A . n 
A 1 30  TRP 30  31  31  TRP TRP A . n 
A 1 31  GLY 31  32  32  GLY GLY A . n 
A 1 32  GLY 32  33  33  GLY GLY A . n 
A 1 33  LYS 33  34  34  LYS LYS A . n 
A 1 34  GLY 34  35  35  GLY GLY A . n 
A 1 35  THR 35  36  36  THR THR A . n 
A 1 36  PRO 36  37  37  PRO PRO A . n 
A 1 37  LYS 37  38  38  LYS LYS A . n 
A 1 38  ASP 38  39  39  ASP ASP A . n 
A 1 39  ALA 39  40  40  ALA ALA A . n 
A 1 40  THR 40  41  41  THR THR A . n 
A 1 41  ASP 41  42  42  ASP ASP A . n 
A 1 42  ARG 42  43  43  ARG ARG A . n 
A 1 43  CYS 43  44  44  CYS CYS A . n 
A 1 44  CYS 44  45  45  CYS CYS A . n 
A 1 45  PHE 45  46  46  PHE PHE A . n 
A 1 46  VAL 46  47  47  VAL VAL A . n 
A 1 47  HIS 47  48  48  HIS HIS A . n 
A 1 48  ASP 48  49  49  ASP ASP A . n 
A 1 49  CYS 49  50  50  CYS CYS A . n 
A 1 50  CYS 50  51  51  CYS CYS A . n 
A 1 51  TYR 51  52  52  TYR TYR A . n 
A 1 52  GLY 52  53  53  GLY GLY A . n 
A 1 53  ASN 53  54  54  ASN ASN A . n 
A 1 54  LEU 54  55  55  LEU LEU A . n 
A 1 55  PRO 55  56  56  PRO PRO A . n 
A 1 56  ASP 56  59  59  ASP ASP A . n 
A 1 57  CYS 57  61  61  CYS CYS A . n 
A 1 58  ASN 58  67  67  ASN ASN A . n 
A 1 59  PRO 59  68  68  PRO PRO A . n 
A 1 60  LYS 60  69  69  LYS LYS A . n 
A 1 61  SER 61  70  70  SER SER A . n 
A 1 62  ASP 62  71  71  ASP ASP A . n 
A 1 63  ARG 63  72  72  ARG ARG A . n 
A 1 64  TYR 64  73  73  TYR TYR A . n 
A 1 65  LYS 65  74  74  LYS LYS A . n 
A 1 66  TYR 66  75  75  TYR TYR A . n 
A 1 67  LYS 67  76  76  LYS LYS A . n 
A 1 68  ARG 68  77  77  ARG ARG A . n 
A 1 69  VAL 69  78  78  VAL VAL A . n 
A 1 70  ASN 70  79  79  ASN ASN A . n 
A 1 71  GLY 71  80  80  GLY GLY A . n 
A 1 72  ALA 72  81  81  ALA ALA A . n 
A 1 73  ILE 73  82  82  ILE ILE A . n 
A 1 74  VAL 74  83  83  VAL VAL A . n 
A 1 75  CYS 75  84  84  CYS CYS A . n 
A 1 76  GLU 76  85  85  GLU GLU A . n 
A 1 77  LYS 77  86  86  LYS LYS A . n 
A 1 78  GLY 78  88  88  GLY GLY A . n 
A 1 79  THR 79  89  89  THR THR A . n 
A 1 80  SER 80  90  90  SER SER A . n 
A 1 81  CYS 81  91  91  CYS CYS A . n 
A 1 82  GLU 82  92  92  GLU GLU A . n 
A 1 83  ASN 83  93  93  ASN ASN A . n 
A 1 84  ARG 84  94  94  ARG ARG A . n 
A 1 85  ILE 85  95  95  ILE ILE A . n 
A 1 86  CYS 86  96  96  CYS CYS A . n 
A 1 87  GLU 87  97  97  GLU GLU A . n 
A 1 88  CYS 88  98  98  CYS CYS A . n 
A 1 89  ASP 89  99  99  ASP ASP A . n 
A 1 90  LYS 90  100 100 LYS LYS A . n 
A 1 91  ALA 91  101 101 ALA ALA A . n 
A 1 92  ALA 92  102 102 ALA ALA A . n 
A 1 93  ALA 93  103 103 ALA ALA A . n 
A 1 94  ILE 94  104 104 ILE ILE A . n 
A 1 95  CYS 95  105 105 CYS CYS A . n 
A 1 96  PHE 96  106 106 PHE PHE A . n 
A 1 97  ARG 97  107 107 ARG ARG A . n 
A 1 98  GLN 98  108 108 GLN GLN A . n 
A 1 99  ASN 99  109 109 ASN ASN A . n 
A 1 100 LEU 100 110 110 LEU LEU A . n 
A 1 101 ASN 101 111 111 ASN ASN A . n 
A 1 102 THR 102 112 112 THR THR A . n 
A 1 103 TYR 103 113 113 TYR TYR A . n 
A 1 104 SER 104 114 114 SER SER A . n 
A 1 105 LYS 105 115 115 LYS LYS A . n 
A 1 106 LYS 106 116 116 LYS LYS A . n 
A 1 107 TYR 107 117 117 TYR TYR A . n 
A 1 108 MET 108 118 118 MET MET A . n 
A 1 109 LEU 109 119 119 LEU LEU A . n 
A 1 110 TYR 110 120 120 TYR TYR A . n 
A 1 111 PRO 111 121 121 PRO PRO A . n 
A 1 112 ASP 112 122 122 ASP ASP A . n 
A 1 113 PHE 113 124 124 PHE PHE A . n 
A 1 114 LEU 114 125 125 LEU LEU A . n 
A 1 115 CYS 115 126 126 CYS CYS A . n 
A 1 116 LYS 116 127 127 LYS LYS A . n 
A 1 117 GLY 117 128 128 GLY GLY A . n 
A 1 118 GLU 118 129 129 GLU GLU A . n 
A 1 119 LEU 119 130 130 LEU LEU A . n 
A 1 120 LYS 120 131 131 LYS LYS A . n 
A 1 121 CYS 121 133 133 CYS CYS A . n 
# 
loop_
_pdbx_nonpoly_scheme.asym_id 
_pdbx_nonpoly_scheme.entity_id 
_pdbx_nonpoly_scheme.mon_id 
_pdbx_nonpoly_scheme.ndb_seq_num 
_pdbx_nonpoly_scheme.pdb_seq_num 
_pdbx_nonpoly_scheme.auth_seq_num 
_pdbx_nonpoly_scheme.pdb_mon_id 
_pdbx_nonpoly_scheme.auth_mon_id 
_pdbx_nonpoly_scheme.pdb_strand_id 
_pdbx_nonpoly_scheme.pdb_ins_code 
B 2 SO4 1   261  261  SO4 SO4 A . 
C 2 SO4 1   262  262  SO4 SO4 A . 
D 3 LCF 1   2001 2001 LCF LCF A . 
E 4 HOH 1   2002 1    HOH HOH A . 
E 4 HOH 2   2003 2    HOH HOH A . 
E 4 HOH 3   2004 3    HOH HOH A . 
E 4 HOH 4   2005 4    HOH HOH A . 
E 4 HOH 5   2006 5    HOH HOH A . 
E 4 HOH 6   2007 6    HOH HOH A . 
E 4 HOH 7   2008 7    HOH HOH A . 
E 4 HOH 8   2009 8    HOH HOH A . 
E 4 HOH 9   2010 9    HOH HOH A . 
E 4 HOH 10  2011 10   HOH HOH A . 
E 4 HOH 11  2012 11   HOH HOH A . 
E 4 HOH 12  2013 12   HOH HOH A . 
E 4 HOH 13  2014 13   HOH HOH A . 
E 4 HOH 14  2015 14   HOH HOH A . 
E 4 HOH 15  2016 15   HOH HOH A . 
E 4 HOH 16  2017 16   HOH HOH A . 
E 4 HOH 17  2018 17   HOH HOH A . 
E 4 HOH 18  2019 18   HOH HOH A . 
E 4 HOH 19  2020 19   HOH HOH A . 
E 4 HOH 20  2021 20   HOH HOH A . 
E 4 HOH 21  2022 21   HOH HOH A . 
E 4 HOH 22  2023 22   HOH HOH A . 
E 4 HOH 23  2024 23   HOH HOH A . 
E 4 HOH 24  2025 24   HOH HOH A . 
E 4 HOH 25  2026 25   HOH HOH A . 
E 4 HOH 26  2027 26   HOH HOH A . 
E 4 HOH 27  2028 27   HOH HOH A . 
E 4 HOH 28  2029 28   HOH HOH A . 
E 4 HOH 29  2030 29   HOH HOH A . 
E 4 HOH 30  2031 30   HOH HOH A . 
E 4 HOH 31  2032 31   HOH HOH A . 
E 4 HOH 32  2033 32   HOH HOH A . 
E 4 HOH 33  2034 33   HOH HOH A . 
E 4 HOH 34  2035 34   HOH HOH A . 
E 4 HOH 35  2036 35   HOH HOH A . 
E 4 HOH 36  2037 36   HOH HOH A . 
E 4 HOH 37  2038 37   HOH HOH A . 
E 4 HOH 38  2039 38   HOH HOH A . 
E 4 HOH 39  2040 39   HOH HOH A . 
E 4 HOH 40  2041 40   HOH HOH A . 
E 4 HOH 41  2042 41   HOH HOH A . 
E 4 HOH 42  2043 42   HOH HOH A . 
E 4 HOH 43  2044 43   HOH HOH A . 
E 4 HOH 44  2045 44   HOH HOH A . 
E 4 HOH 45  2046 45   HOH HOH A . 
E 4 HOH 46  2047 46   HOH HOH A . 
E 4 HOH 47  2048 47   HOH HOH A . 
E 4 HOH 48  2049 48   HOH HOH A . 
E 4 HOH 49  2050 49   HOH HOH A . 
E 4 HOH 50  2051 50   HOH HOH A . 
E 4 HOH 51  2052 51   HOH HOH A . 
E 4 HOH 52  2053 52   HOH HOH A . 
E 4 HOH 53  2054 53   HOH HOH A . 
E 4 HOH 54  2055 54   HOH HOH A . 
E 4 HOH 55  2056 55   HOH HOH A . 
E 4 HOH 56  2057 56   HOH HOH A . 
E 4 HOH 57  2058 57   HOH HOH A . 
E 4 HOH 58  2059 58   HOH HOH A . 
E 4 HOH 59  2060 59   HOH HOH A . 
E 4 HOH 60  2061 60   HOH HOH A . 
E 4 HOH 61  2062 61   HOH HOH A . 
E 4 HOH 62  2063 62   HOH HOH A . 
E 4 HOH 63  2064 63   HOH HOH A . 
E 4 HOH 64  2065 64   HOH HOH A . 
E 4 HOH 65  2066 65   HOH HOH A . 
E 4 HOH 66  2067 66   HOH HOH A . 
E 4 HOH 67  2068 67   HOH HOH A . 
E 4 HOH 68  2069 68   HOH HOH A . 
E 4 HOH 69  2070 69   HOH HOH A . 
E 4 HOH 70  2071 70   HOH HOH A . 
E 4 HOH 71  2072 71   HOH HOH A . 
E 4 HOH 72  2073 72   HOH HOH A . 
E 4 HOH 73  2074 73   HOH HOH A . 
E 4 HOH 74  2075 74   HOH HOH A . 
E 4 HOH 75  2076 75   HOH HOH A . 
E 4 HOH 76  2077 76   HOH HOH A . 
E 4 HOH 77  2078 77   HOH HOH A . 
E 4 HOH 78  2079 78   HOH HOH A . 
E 4 HOH 79  2080 79   HOH HOH A . 
E 4 HOH 80  2081 80   HOH HOH A . 
E 4 HOH 81  2082 81   HOH HOH A . 
E 4 HOH 82  2083 82   HOH HOH A . 
E 4 HOH 83  2084 83   HOH HOH A . 
E 4 HOH 84  2085 84   HOH HOH A . 
E 4 HOH 85  2086 85   HOH HOH A . 
E 4 HOH 86  2087 86   HOH HOH A . 
E 4 HOH 87  2088 87   HOH HOH A . 
E 4 HOH 88  2089 88   HOH HOH A . 
E 4 HOH 89  2090 89   HOH HOH A . 
E 4 HOH 90  2091 90   HOH HOH A . 
E 4 HOH 91  2092 91   HOH HOH A . 
E 4 HOH 92  2093 92   HOH HOH A . 
E 4 HOH 93  2094 93   HOH HOH A . 
E 4 HOH 94  2095 94   HOH HOH A . 
E 4 HOH 95  2096 95   HOH HOH A . 
E 4 HOH 96  2097 96   HOH HOH A . 
E 4 HOH 97  2098 97   HOH HOH A . 
E 4 HOH 98  2099 98   HOH HOH A . 
E 4 HOH 99  2100 99   HOH HOH A . 
E 4 HOH 100 2101 100  HOH HOH A . 
E 4 HOH 101 2102 101  HOH HOH A . 
E 4 HOH 102 2103 102  HOH HOH A . 
E 4 HOH 103 2104 103  HOH HOH A . 
E 4 HOH 104 2105 104  HOH HOH A . 
E 4 HOH 105 2106 105  HOH HOH A . 
E 4 HOH 106 2107 106  HOH HOH A . 
E 4 HOH 107 2108 107  HOH HOH A . 
E 4 HOH 108 2109 108  HOH HOH A . 
E 4 HOH 109 2110 109  HOH HOH A . 
E 4 HOH 110 2111 110  HOH HOH A . 
E 4 HOH 111 2112 111  HOH HOH A . 
E 4 HOH 112 2113 112  HOH HOH A . 
E 4 HOH 113 2114 113  HOH HOH A . 
E 4 HOH 114 2115 114  HOH HOH A . 
E 4 HOH 115 2116 115  HOH HOH A . 
E 4 HOH 116 2117 116  HOH HOH A . 
E 4 HOH 117 2118 117  HOH HOH A . 
E 4 HOH 118 2119 118  HOH HOH A . 
E 4 HOH 119 2120 119  HOH HOH A . 
E 4 HOH 120 2121 120  HOH HOH A . 
E 4 HOH 121 2122 121  HOH HOH A . 
E 4 HOH 122 2123 122  HOH HOH A . 
E 4 HOH 123 2124 123  HOH HOH A . 
E 4 HOH 124 2125 124  HOH HOH A . 
E 4 HOH 125 2126 125  HOH HOH A . 
E 4 HOH 126 2127 126  HOH HOH A . 
E 4 HOH 127 2128 127  HOH HOH A . 
E 4 HOH 128 2129 128  HOH HOH A . 
E 4 HOH 129 2130 129  HOH HOH A . 
E 4 HOH 130 2131 130  HOH HOH A . 
E 4 HOH 131 2132 131  HOH HOH A . 
E 4 HOH 132 2133 132  HOH HOH A . 
E 4 HOH 133 2134 133  HOH HOH A . 
E 4 HOH 134 2135 134  HOH HOH A . 
E 4 HOH 135 2136 135  HOH HOH A . 
E 4 HOH 136 2137 136  HOH HOH A . 
E 4 HOH 137 2138 137  HOH HOH A . 
E 4 HOH 138 2139 138  HOH HOH A . 
E 4 HOH 139 2140 139  HOH HOH A . 
E 4 HOH 140 2141 140  HOH HOH A . 
E 4 HOH 141 2142 141  HOH HOH A . 
E 4 HOH 142 2143 142  HOH HOH A . 
E 4 HOH 143 2144 143  HOH HOH A . 
E 4 HOH 144 2145 144  HOH HOH A . 
E 4 HOH 145 2146 145  HOH HOH A . 
E 4 HOH 146 2147 146  HOH HOH A . 
E 4 HOH 147 2148 147  HOH HOH A . 
E 4 HOH 148 2149 148  HOH HOH A . 
E 4 HOH 149 2150 149  HOH HOH A . 
E 4 HOH 150 2151 150  HOH HOH A . 
E 4 HOH 151 2152 151  HOH HOH A . 
E 4 HOH 152 2153 152  HOH HOH A . 
E 4 HOH 153 2154 153  HOH HOH A . 
E 4 HOH 154 2155 154  HOH HOH A . 
E 4 HOH 155 2156 155  HOH HOH A . 
E 4 HOH 156 2157 156  HOH HOH A . 
E 4 HOH 157 2158 157  HOH HOH A . 
E 4 HOH 158 2159 158  HOH HOH A . 
E 4 HOH 159 2160 159  HOH HOH A . 
E 4 HOH 160 2161 160  HOH HOH A . 
E 4 HOH 161 2162 161  HOH HOH A . 
# 
loop_
_software.name 
_software.classification 
_software.version 
_software.citation_id 
_software.pdbx_ordinal 
CNS     refinement       0.9 ? 1 
DENZO   'data reduction' .   ? 2 
AUTOMAR 'data reduction' .   ? 3 
AMoRE   phasing          .   ? 4 
# 
_cell.entry_id           1ZYX 
_cell.length_a           53.440 
_cell.length_b           53.440 
_cell.length_c           48.570 
_cell.angle_alpha        90.00 
_cell.angle_beta         90.00 
_cell.angle_gamma        90.00 
_cell.Z_PDB              4 
_cell.pdbx_unique_axis   ? 
_cell.length_a_esd       ? 
_cell.length_b_esd       ? 
_cell.length_c_esd       ? 
_cell.angle_alpha_esd    ? 
_cell.angle_beta_esd     ? 
_cell.angle_gamma_esd    ? 
# 
_symmetry.entry_id                         1ZYX 
_symmetry.space_group_name_H-M             'P 43' 
_symmetry.pdbx_full_space_group_name_H-M   ? 
_symmetry.cell_setting                     ? 
_symmetry.Int_Tables_number                78 
_symmetry.space_group_name_Hall            ? 
# 
_exptl.entry_id          1ZYX 
_exptl.method            'X-RAY DIFFRACTION' 
_exptl.crystals_number   1 
# 
_exptl_crystal.id                    1 
_exptl_crystal.density_meas          ? 
_exptl_crystal.density_Matthews      2.5 
_exptl_crystal.density_percent_sol   50 
_exptl_crystal.description           ? 
_exptl_crystal.F_000                 ? 
_exptl_crystal.preparation           ? 
# 
_exptl_crystal_grow.crystal_id      1 
_exptl_crystal_grow.method          'VAPOR DIFFUSION, HANGING DROP' 
_exptl_crystal_grow.temp            293 
_exptl_crystal_grow.temp_details    ? 
_exptl_crystal_grow.pH              7.0 
_exptl_crystal_grow.pdbx_details    'Ammonium Sulphate, PEG4000, pH 7.0, VAPOR DIFFUSION, HANGING DROP, temperature 293K' 
_exptl_crystal_grow.pdbx_pH_range   . 
# 
_diffrn.id                     1 
_diffrn.ambient_temp           293 
_diffrn.ambient_temp_details   ? 
_diffrn.crystal_id             1 
# 
_diffrn_detector.diffrn_id              1 
_diffrn_detector.detector               'IMAGE PLATE' 
_diffrn_detector.type                   MARRESEARCH 
_diffrn_detector.pdbx_collection_date   2005-03-21 
_diffrn_detector.details                Mirror 
# 
_diffrn_radiation.diffrn_id                        1 
_diffrn_radiation.wavelength_id                    1 
_diffrn_radiation.pdbx_monochromatic_or_laue_m_l   M 
_diffrn_radiation.monochromator                    graphite 
_diffrn_radiation.pdbx_diffrn_protocol             'SINGLE WAVELENGTH' 
_diffrn_radiation.pdbx_scattering_type             x-ray 
# 
_diffrn_radiation_wavelength.id           1 
_diffrn_radiation_wavelength.wavelength   1.541812 
_diffrn_radiation_wavelength.wt           1.0 
# 
_diffrn_source.diffrn_id                   1 
_diffrn_source.source                      'ROTATING ANODE' 
_diffrn_source.type                        'RIGAKU RU300' 
_diffrn_source.pdbx_synchrotron_site       ? 
_diffrn_source.pdbx_synchrotron_beamline   ? 
_diffrn_source.pdbx_wavelength             ? 
_diffrn_source.pdbx_wavelength_list        1.541812 
# 
_reflns.entry_id                     1ZYX 
_reflns.observed_criterion_sigma_I   0 
_reflns.observed_criterion_sigma_F   0 
_reflns.d_resolution_low             17.97 
_reflns.d_resolution_high            1.95 
_reflns.number_obs                   9639 
_reflns.number_all                   10086 
_reflns.percent_possible_obs         95.6 
_reflns.pdbx_Rmerge_I_obs            ? 
_reflns.pdbx_Rsym_value              ? 
_reflns.pdbx_netI_over_sigmaI        ? 
_reflns.B_iso_Wilson_estimate        21.5 
_reflns.pdbx_redundancy              ? 
_reflns.R_free_details               ? 
_reflns.limit_h_max                  ? 
_reflns.limit_h_min                  ? 
_reflns.limit_k_max                  ? 
_reflns.limit_k_min                  ? 
_reflns.limit_l_max                  ? 
_reflns.limit_l_min                  ? 
_reflns.observed_criterion_F_max     ? 
_reflns.observed_criterion_F_min     ? 
_reflns.pdbx_chi_squared             ? 
_reflns.pdbx_scaling_rejects         ? 
_reflns.pdbx_diffrn_id               1 
_reflns.pdbx_ordinal                 1 
# 
_reflns_shell.d_res_high             1.95 
_reflns_shell.d_res_low              1.97 
_reflns_shell.percent_possible_all   95 
_reflns_shell.Rmerge_I_obs           ? 
_reflns_shell.pdbx_Rsym_value        ? 
_reflns_shell.meanI_over_sigI_obs    ? 
_reflns_shell.pdbx_redundancy        ? 
_reflns_shell.percent_possible_obs   ? 
_reflns_shell.number_unique_all      ? 
_reflns_shell.number_measured_all    ? 
_reflns_shell.number_measured_obs    ? 
_reflns_shell.number_unique_obs      ? 
_reflns_shell.pdbx_chi_squared       ? 
_reflns_shell.pdbx_diffrn_id         ? 
_reflns_shell.pdbx_ordinal           1 
# 
_refine.entry_id                                 1ZYX 
_refine.ls_number_reflns_obs                     9639 
_refine.ls_number_reflns_all                     10086 
_refine.pdbx_ls_sigma_I                          ? 
_refine.pdbx_ls_sigma_F                          0.0 
_refine.pdbx_data_cutoff_high_absF               1011564.86 
_refine.pdbx_data_cutoff_low_absF                0.000000 
_refine.pdbx_data_cutoff_high_rms_absF           ? 
_refine.ls_d_res_low                             17.97 
_refine.ls_d_res_high                            1.95 
_refine.ls_percent_reflns_obs                    98 
_refine.ls_R_factor_obs                          0.193 
_refine.ls_R_factor_all                          0.202 
_refine.ls_R_factor_R_work                       0.193 
_refine.ls_R_factor_R_free                       0.219 
_refine.ls_R_factor_R_free_error                 0.010 
_refine.ls_R_factor_R_free_error_details         ? 
_refine.ls_percent_reflns_R_free                 5.3 
_refine.ls_number_reflns_R_free                  509 
_refine.ls_number_parameters                     ? 
_refine.ls_number_restraints                     ? 
_refine.occupancy_min                            ? 
_refine.occupancy_max                            ? 
_refine.correlation_coeff_Fo_to_Fc               ? 
_refine.correlation_coeff_Fo_to_Fc_free          ? 
_refine.B_iso_mean                               31.8 
_refine.aniso_B[1][1]                            1.46 
_refine.aniso_B[2][2]                            1.46 
_refine.aniso_B[3][3]                            -2.92 
_refine.aniso_B[1][2]                            0.00 
_refine.aniso_B[1][3]                            0.00 
_refine.aniso_B[2][3]                            0.00 
_refine.solvent_model_details                    'FLAT MODEL' 
_refine.solvent_model_param_ksol                 0.292602 
_refine.solvent_model_param_bsol                 46.0814 
_refine.pdbx_solvent_vdw_probe_radii             ? 
_refine.pdbx_solvent_ion_probe_radii             ? 
_refine.pdbx_solvent_shrinkage_radii             ? 
_refine.pdbx_ls_cross_valid_method               THROUGHOUT 
_refine.details                                  ? 
_refine.pdbx_starting_model                      ? 
_refine.pdbx_method_to_determine_struct          'MOLECULAR REPLACEMENT' 
_refine.pdbx_isotropic_thermal_model             RESTRAINED 
_refine.pdbx_stereochemistry_target_values       'Engh & Huber' 
_refine.pdbx_stereochem_target_val_spec_case     ? 
_refine.pdbx_R_Free_selection_details            RANDOM 
_refine.pdbx_overall_ESU_R                       ? 
_refine.pdbx_overall_ESU_R_Free                  ? 
_refine.overall_SU_ML                            ? 
_refine.overall_SU_B                             ? 
_refine.ls_redundancy_reflns_obs                 ? 
_refine.B_iso_min                                ? 
_refine.B_iso_max                                ? 
_refine.overall_SU_R_Cruickshank_DPI             ? 
_refine.overall_SU_R_free                        ? 
_refine.ls_wR_factor_R_free                      ? 
_refine.ls_wR_factor_R_work                      ? 
_refine.overall_FOM_free_R_set                   ? 
_refine.overall_FOM_work_R_set                   ? 
_refine.pdbx_refine_id                           'X-RAY DIFFRACTION' 
_refine.pdbx_diffrn_id                           1 
_refine.pdbx_TLS_residual_ADP_flag               ? 
_refine.pdbx_overall_phase_error                 ? 
_refine.pdbx_overall_SU_R_free_Cruickshank_DPI   ? 
_refine.pdbx_overall_SU_R_Blow_DPI               ? 
_refine.pdbx_overall_SU_R_free_Blow_DPI          ? 
# 
_refine_analyze.entry_id                        1ZYX 
_refine_analyze.Luzzati_coordinate_error_obs    0.22 
_refine_analyze.Luzzati_sigma_a_obs             0.22 
_refine_analyze.Luzzati_d_res_low_obs           5.00 
_refine_analyze.Luzzati_coordinate_error_free   0.25 
_refine_analyze.Luzzati_sigma_a_free            0.24 
_refine_analyze.Luzzati_d_res_low_free          ? 
_refine_analyze.number_disordered_residues      ? 
_refine_analyze.occupancy_sum_hydrogen          ? 
_refine_analyze.occupancy_sum_non_hydrogen      ? 
_refine_analyze.pdbx_Luzzati_d_res_high_obs     ? 
_refine_analyze.pdbx_refine_id                  'X-RAY DIFFRACTION' 
# 
_refine_hist.pdbx_refine_id                   'X-RAY DIFFRACTION' 
_refine_hist.cycle_id                         LAST 
_refine_hist.pdbx_number_atoms_protein        944 
_refine_hist.pdbx_number_atoms_nucleic_acid   0 
_refine_hist.pdbx_number_atoms_ligand         37 
_refine_hist.number_atoms_solvent             161 
_refine_hist.number_atoms_total               1142 
_refine_hist.d_res_high                       1.95 
_refine_hist.d_res_low                        17.97 
# 
loop_
_refine_ls_restr.type 
_refine_ls_restr.dev_ideal 
_refine_ls_restr.dev_ideal_target 
_refine_ls_restr.weight 
_refine_ls_restr.number 
_refine_ls_restr.pdbx_refine_id 
_refine_ls_restr.pdbx_restraint_function 
c_bond_d           0.008 ?    ? ? 'X-RAY DIFFRACTION' ? 
c_angle_deg        1.2   ?    ? ? 'X-RAY DIFFRACTION' ? 
c_dihedral_angle_d 21.6  ?    ? ? 'X-RAY DIFFRACTION' ? 
c_improper_angle_d 0.73  ?    ? ? 'X-RAY DIFFRACTION' ? 
c_mcbond_it        0.82  1.50 ? ? 'X-RAY DIFFRACTION' ? 
c_mcangle_it       1.45  2.00 ? ? 'X-RAY DIFFRACTION' ? 
c_scbond_it        1.10  2.00 ? ? 'X-RAY DIFFRACTION' ? 
c_scangle_it       1.79  2.50 ? ? 'X-RAY DIFFRACTION' ? 
# 
_refine_ls_shell.pdbx_total_number_of_bins_used   6 
_refine_ls_shell.d_res_high                       1.90 
_refine_ls_shell.d_res_low                        2.02 
_refine_ls_shell.number_reflns_R_work             861 
_refine_ls_shell.R_factor_R_work                  0.286 
_refine_ls_shell.percent_reflns_obs               50.4 
_refine_ls_shell.R_factor_R_free                  0.326 
_refine_ls_shell.R_factor_R_free_error            0.050 
_refine_ls_shell.percent_reflns_R_free            4.8 
_refine_ls_shell.number_reflns_R_free             43 
_refine_ls_shell.number_reflns_obs                ? 
_refine_ls_shell.redundancy_reflns_obs            ? 
_refine_ls_shell.number_reflns_all                ? 
_refine_ls_shell.R_factor_all                     ? 
_refine_ls_shell.pdbx_refine_id                   'X-RAY DIFFRACTION' 
# 
loop_
_pdbx_xplor_file.serial_no 
_pdbx_xplor_file.param_file 
_pdbx_xplor_file.topol_file 
_pdbx_xplor_file.pdbx_refine_id 
1 protein_rep.param protein.top 'X-RAY DIFFRACTION' 
2 ion.param         water.top   'X-RAY DIFFRACTION' 
3 water_rep.param   lcf.top     'X-RAY DIFFRACTION' 
4 lcf.param         ion.top     'X-RAY DIFFRACTION' 
5 so4.param         so4.top     'X-RAY DIFFRACTION' 
# 
_struct.entry_id                  1ZYX 
_struct.title                     
;Crystal structure of the complex of a group IIA phospholipase A2 with a synthetic anti-inflammatory agent licofelone at 1.9A resolution
;
_struct.pdbx_model_details        ? 
_struct.pdbx_CASP_flag            ? 
_struct.pdbx_model_type_details   ? 
# 
_struct_keywords.entry_id        1ZYX 
_struct_keywords.pdbx_keywords   HYDROLASE 
_struct_keywords.text            'inhibitor, complex, drug, HYDROLASE' 
# 
loop_
_struct_asym.id 
_struct_asym.pdbx_blank_PDB_chainid_flag 
_struct_asym.pdbx_modified 
_struct_asym.entity_id 
_struct_asym.details 
A N N 1 ? 
B N N 2 ? 
C N N 2 ? 
D N N 3 ? 
E N N 4 ? 
# 
_struct_ref.id                         1 
_struct_ref.db_name                    UNP 
_struct_ref.db_code                    PA28_DABRP 
_struct_ref.pdbx_db_accession          P59071 
_struct_ref.entity_id                  1 
_struct_ref.pdbx_seq_one_letter_code   
;SLLEFGKMILEETGKLAIPSYSSYGCYCGWGGKGTPKDATDRCCFVHDCCYGNLPDCNPKSDRYKYKRVNGAIVCEKGTS
CENRICECDKAAAICFRQNLNTYSKKYMLYPDFLCKGELKC
;
_struct_ref.pdbx_align_begin           1 
_struct_ref.pdbx_db_isoform            ? 
# 
_struct_ref_seq.align_id                      1 
_struct_ref_seq.ref_id                        1 
_struct_ref_seq.pdbx_PDB_id_code              1ZYX 
_struct_ref_seq.pdbx_strand_id                A 
_struct_ref_seq.seq_align_beg                 1 
_struct_ref_seq.pdbx_seq_align_beg_ins_code   ? 
_struct_ref_seq.seq_align_end                 121 
_struct_ref_seq.pdbx_seq_align_end_ins_code   ? 
_struct_ref_seq.pdbx_db_accession             P59071 
_struct_ref_seq.db_align_beg                  1 
_struct_ref_seq.pdbx_db_align_beg_ins_code    ? 
_struct_ref_seq.db_align_end                  121 
_struct_ref_seq.pdbx_db_align_end_ins_code    ? 
_struct_ref_seq.pdbx_auth_seq_align_beg       1 
_struct_ref_seq.pdbx_auth_seq_align_end       133 
# 
_pdbx_struct_assembly.id                   1 
_pdbx_struct_assembly.details              author_defined_assembly 
_pdbx_struct_assembly.method_details       ? 
_pdbx_struct_assembly.oligomeric_details   monomeric 
_pdbx_struct_assembly.oligomeric_count     1 
# 
_pdbx_struct_assembly_gen.assembly_id       1 
_pdbx_struct_assembly_gen.oper_expression   1 
_pdbx_struct_assembly_gen.asym_id_list      A,B,C,D,E 
# 
_pdbx_struct_oper_list.id                   1 
_pdbx_struct_oper_list.type                 'identity operation' 
_pdbx_struct_oper_list.name                 1_555 
_pdbx_struct_oper_list.symmetry_operation   x,y,z 
_pdbx_struct_oper_list.matrix[1][1]         1.0000000000 
_pdbx_struct_oper_list.matrix[1][2]         0.0000000000 
_pdbx_struct_oper_list.matrix[1][3]         0.0000000000 
_pdbx_struct_oper_list.vector[1]            0.0000000000 
_pdbx_struct_oper_list.matrix[2][1]         0.0000000000 
_pdbx_struct_oper_list.matrix[2][2]         1.0000000000 
_pdbx_struct_oper_list.matrix[2][3]         0.0000000000 
_pdbx_struct_oper_list.vector[2]            0.0000000000 
_pdbx_struct_oper_list.matrix[3][1]         0.0000000000 
_pdbx_struct_oper_list.matrix[3][2]         0.0000000000 
_pdbx_struct_oper_list.matrix[3][3]         1.0000000000 
_pdbx_struct_oper_list.vector[3]            0.0000000000 
# 
loop_
_struct_conf.conf_type_id 
_struct_conf.id 
_struct_conf.pdbx_PDB_helix_id 
_struct_conf.beg_label_comp_id 
_struct_conf.beg_label_asym_id 
_struct_conf.beg_label_seq_id 
_struct_conf.pdbx_beg_PDB_ins_code 
_struct_conf.end_label_comp_id 
_struct_conf.end_label_asym_id 
_struct_conf.end_label_seq_id 
_struct_conf.pdbx_end_PDB_ins_code 
_struct_conf.beg_auth_comp_id 
_struct_conf.beg_auth_asym_id 
_struct_conf.beg_auth_seq_id 
_struct_conf.end_auth_comp_id 
_struct_conf.end_auth_asym_id 
_struct_conf.end_auth_seq_id 
_struct_conf.pdbx_PDB_helix_class 
_struct_conf.details 
_struct_conf.pdbx_PDB_helix_length 
HELX_P HELX_P1 1 SER A 1   ? GLY A 14  ? SER A 1   GLY A 14  1 ? 14 
HELX_P HELX_P2 2 LEU A 16  ? TYR A 21  ? LEU A 17  TYR A 22  1 ? 6  
HELX_P HELX_P3 3 ASP A 38  ? ASN A 53  ? ASP A 39  ASN A 54  1 ? 16 
HELX_P HELX_P4 4 THR A 79  ? ASN A 99  ? THR A 89  ASN A 109 1 ? 21 
HELX_P HELX_P5 5 LEU A 100 ? TYR A 103 ? LEU A 110 TYR A 113 5 ? 4  
HELX_P HELX_P6 6 SER A 104 ? MET A 108 ? SER A 114 MET A 118 5 ? 5  
HELX_P HELX_P7 7 PRO A 111 ? CYS A 115 ? PRO A 121 CYS A 126 5 ? 5  
# 
_struct_conf_type.id          HELX_P 
_struct_conf_type.criteria    ? 
_struct_conf_type.reference   ? 
# 
loop_
_struct_conn.id 
_struct_conn.conn_type_id 
_struct_conn.pdbx_leaving_atom_flag 
_struct_conn.pdbx_PDB_id 
_struct_conn.ptnr1_label_asym_id 
_struct_conn.ptnr1_label_comp_id 
_struct_conn.ptnr1_label_seq_id 
_struct_conn.ptnr1_label_atom_id 
_struct_conn.pdbx_ptnr1_label_alt_id 
_struct_conn.pdbx_ptnr1_PDB_ins_code 
_struct_conn.pdbx_ptnr1_standard_comp_id 
_struct_conn.ptnr1_symmetry 
_struct_conn.ptnr2_label_asym_id 
_struct_conn.ptnr2_label_comp_id 
_struct_conn.ptnr2_label_seq_id 
_struct_conn.ptnr2_label_atom_id 
_struct_conn.pdbx_ptnr2_label_alt_id 
_struct_conn.pdbx_ptnr2_PDB_ins_code 
_struct_conn.ptnr1_auth_asym_id 
_struct_conn.ptnr1_auth_comp_id 
_struct_conn.ptnr1_auth_seq_id 
_struct_conn.ptnr2_auth_asym_id 
_struct_conn.ptnr2_auth_comp_id 
_struct_conn.ptnr2_auth_seq_id 
_struct_conn.ptnr2_symmetry 
_struct_conn.pdbx_ptnr3_label_atom_id 
_struct_conn.pdbx_ptnr3_label_seq_id 
_struct_conn.pdbx_ptnr3_label_comp_id 
_struct_conn.pdbx_ptnr3_label_asym_id 
_struct_conn.pdbx_ptnr3_label_alt_id 
_struct_conn.pdbx_ptnr3_PDB_ins_code 
_struct_conn.details 
_struct_conn.pdbx_dist_value 
_struct_conn.pdbx_value_order 
_struct_conn.pdbx_role 
disulf1 disulf ? ? A CYS 26 SG ? ? ? 1_555 A CYS 115 SG ? ? A CYS 27 A CYS 126 1_555 ? ? ? ? ? ? ? 1.785 ? ? 
disulf2 disulf ? ? A CYS 28 SG ? ? ? 1_555 A CYS 44  SG ? ? A CYS 29 A CYS 45  1_555 ? ? ? ? ? ? ? 1.868 ? ? 
disulf3 disulf ? ? A CYS 43 SG ? ? ? 1_555 A CYS 95  SG ? ? A CYS 44 A CYS 105 1_555 ? ? ? ? ? ? ? 2.028 ? ? 
disulf4 disulf ? ? A CYS 49 SG ? ? ? 1_555 A CYS 121 SG ? ? A CYS 50 A CYS 133 1_555 ? ? ? ? ? ? ? 2.009 ? ? 
disulf5 disulf ? ? A CYS 50 SG ? ? ? 1_555 A CYS 88  SG ? ? A CYS 51 A CYS 98  1_555 ? ? ? ? ? ? ? 2.024 ? ? 
disulf6 disulf ? ? A CYS 57 SG ? ? ? 1_555 A CYS 81  SG ? ? A CYS 61 A CYS 91  1_555 ? ? ? ? ? ? ? 1.660 ? ? 
disulf7 disulf ? ? A CYS 75 SG ? ? ? 1_555 A CYS 86  SG ? ? A CYS 84 A CYS 96  1_555 ? ? ? ? ? ? ? 2.032 ? ? 
# 
_struct_conn_type.id          disulf 
_struct_conn_type.criteria    ? 
_struct_conn_type.reference   ? 
# 
loop_
_pdbx_modification_feature.ordinal 
_pdbx_modification_feature.label_comp_id 
_pdbx_modification_feature.label_asym_id 
_pdbx_modification_feature.label_seq_id 
_pdbx_modification_feature.label_alt_id 
_pdbx_modification_feature.modified_residue_label_comp_id 
_pdbx_modification_feature.modified_residue_label_asym_id 
_pdbx_modification_feature.modified_residue_label_seq_id 
_pdbx_modification_feature.modified_residue_label_alt_id 
_pdbx_modification_feature.auth_comp_id 
_pdbx_modification_feature.auth_asym_id 
_pdbx_modification_feature.auth_seq_id 
_pdbx_modification_feature.PDB_ins_code 
_pdbx_modification_feature.symmetry 
_pdbx_modification_feature.modified_residue_auth_comp_id 
_pdbx_modification_feature.modified_residue_auth_asym_id 
_pdbx_modification_feature.modified_residue_auth_seq_id 
_pdbx_modification_feature.modified_residue_PDB_ins_code 
_pdbx_modification_feature.modified_residue_symmetry 
_pdbx_modification_feature.comp_id_linking_atom 
_pdbx_modification_feature.modified_residue_id_linking_atom 
_pdbx_modification_feature.modified_residue_id 
_pdbx_modification_feature.ref_pcm_id 
_pdbx_modification_feature.ref_comp_id 
_pdbx_modification_feature.type 
_pdbx_modification_feature.category 
1 CYS A 26 ? CYS A 115 ? CYS A 27 ? 1_555 CYS A 126 ? 1_555 SG SG . . . None 'Disulfide bridge' 
2 CYS A 28 ? CYS A 44  ? CYS A 29 ? 1_555 CYS A 45  ? 1_555 SG SG . . . None 'Disulfide bridge' 
3 CYS A 43 ? CYS A 95  ? CYS A 44 ? 1_555 CYS A 105 ? 1_555 SG SG . . . None 'Disulfide bridge' 
4 CYS A 49 ? CYS A 121 ? CYS A 50 ? 1_555 CYS A 133 ? 1_555 SG SG . . . None 'Disulfide bridge' 
5 CYS A 50 ? CYS A 88  ? CYS A 51 ? 1_555 CYS A 98  ? 1_555 SG SG . . . None 'Disulfide bridge' 
6 CYS A 57 ? CYS A 81  ? CYS A 61 ? 1_555 CYS A 91  ? 1_555 SG SG . . . None 'Disulfide bridge' 
7 CYS A 75 ? CYS A 86  ? CYS A 84 ? 1_555 CYS A 96  ? 1_555 SG SG . . . None 'Disulfide bridge' 
# 
_struct_mon_prot_cis.pdbx_id                1 
_struct_mon_prot_cis.label_comp_id          ILE 
_struct_mon_prot_cis.label_seq_id           18 
_struct_mon_prot_cis.label_asym_id          A 
_struct_mon_prot_cis.label_alt_id           . 
_struct_mon_prot_cis.pdbx_PDB_ins_code      ? 
_struct_mon_prot_cis.auth_comp_id           ILE 
_struct_mon_prot_cis.auth_seq_id            19 
_struct_mon_prot_cis.auth_asym_id           A 
_struct_mon_prot_cis.pdbx_label_comp_id_2   PRO 
_struct_mon_prot_cis.pdbx_label_seq_id_2    19 
_struct_mon_prot_cis.pdbx_label_asym_id_2   A 
_struct_mon_prot_cis.pdbx_PDB_ins_code_2    ? 
_struct_mon_prot_cis.pdbx_auth_comp_id_2    PRO 
_struct_mon_prot_cis.pdbx_auth_seq_id_2     20 
_struct_mon_prot_cis.pdbx_auth_asym_id_2    A 
_struct_mon_prot_cis.pdbx_PDB_model_num     1 
_struct_mon_prot_cis.pdbx_omega_angle       0.20 
# 
_struct_sheet.id               A 
_struct_sheet.type             ? 
_struct_sheet.number_strands   2 
_struct_sheet.details          ? 
# 
_struct_sheet_order.sheet_id     A 
_struct_sheet_order.range_id_1   1 
_struct_sheet_order.range_id_2   2 
_struct_sheet_order.offset       ? 
_struct_sheet_order.sense        anti-parallel 
# 
loop_
_struct_sheet_range.sheet_id 
_struct_sheet_range.id 
_struct_sheet_range.beg_label_comp_id 
_struct_sheet_range.beg_label_asym_id 
_struct_sheet_range.beg_label_seq_id 
_struct_sheet_range.pdbx_beg_PDB_ins_code 
_struct_sheet_range.end_label_comp_id 
_struct_sheet_range.end_label_asym_id 
_struct_sheet_range.end_label_seq_id 
_struct_sheet_range.pdbx_end_PDB_ins_code 
_struct_sheet_range.beg_auth_comp_id 
_struct_sheet_range.beg_auth_asym_id 
_struct_sheet_range.beg_auth_seq_id 
_struct_sheet_range.end_auth_comp_id 
_struct_sheet_range.end_auth_asym_id 
_struct_sheet_range.end_auth_seq_id 
A 1 TYR A 66 ? VAL A 69 ? TYR A 75 VAL A 78 
A 2 ALA A 72 ? CYS A 75 ? ALA A 81 CYS A 84 
# 
_pdbx_struct_sheet_hbond.sheet_id                A 
_pdbx_struct_sheet_hbond.range_id_1              1 
_pdbx_struct_sheet_hbond.range_id_2              2 
_pdbx_struct_sheet_hbond.range_1_label_atom_id   N 
_pdbx_struct_sheet_hbond.range_1_label_comp_id   LYS 
_pdbx_struct_sheet_hbond.range_1_label_asym_id   A 
_pdbx_struct_sheet_hbond.range_1_label_seq_id    67 
_pdbx_struct_sheet_hbond.range_1_PDB_ins_code    ? 
_pdbx_struct_sheet_hbond.range_1_auth_atom_id    N 
_pdbx_struct_sheet_hbond.range_1_auth_comp_id    LYS 
_pdbx_struct_sheet_hbond.range_1_auth_asym_id    A 
_pdbx_struct_sheet_hbond.range_1_auth_seq_id     76 
_pdbx_struct_sheet_hbond.range_2_label_atom_id   O 
_pdbx_struct_sheet_hbond.range_2_label_comp_id   VAL 
_pdbx_struct_sheet_hbond.range_2_label_asym_id   A 
_pdbx_struct_sheet_hbond.range_2_label_seq_id    74 
_pdbx_struct_sheet_hbond.range_2_PDB_ins_code    ? 
_pdbx_struct_sheet_hbond.range_2_auth_atom_id    O 
_pdbx_struct_sheet_hbond.range_2_auth_comp_id    VAL 
_pdbx_struct_sheet_hbond.range_2_auth_asym_id    A 
_pdbx_struct_sheet_hbond.range_2_auth_seq_id     83 
# 
loop_
_struct_site.id 
_struct_site.pdbx_evidence_code 
_struct_site.pdbx_auth_asym_id 
_struct_site.pdbx_auth_comp_id 
_struct_site.pdbx_auth_seq_id 
_struct_site.pdbx_auth_ins_code 
_struct_site.pdbx_num_residues 
_struct_site.details 
AC1 Software A SO4 261  ? 4 'BINDING SITE FOR RESIDUE SO4 A 261'  
AC2 Software A SO4 262  ? 5 'BINDING SITE FOR RESIDUE SO4 A 262'  
AC3 Software A LCF 2001 ? 9 'BINDING SITE FOR RESIDUE LCF A 2001' 
# 
loop_
_struct_site_gen.id 
_struct_site_gen.site_id 
_struct_site_gen.pdbx_num_res 
_struct_site_gen.label_comp_id 
_struct_site_gen.label_asym_id 
_struct_site_gen.label_seq_id 
_struct_site_gen.pdbx_auth_ins_code 
_struct_site_gen.auth_comp_id 
_struct_site_gen.auth_asym_id 
_struct_site_gen.auth_seq_id 
_struct_site_gen.label_atom_id 
_struct_site_gen.label_alt_id 
_struct_site_gen.symmetry 
_struct_site_gen.details 
1  AC1 4 LYS A 15  ? LYS A 16   . ? 4_555 ? 
2  AC1 4 SER A 20  ? SER A 21   . ? 4_555 ? 
3  AC1 4 LYS A 67  ? LYS A 76   . ? 1_555 ? 
4  AC1 4 HOH E .   ? HOH A 2020 . ? 4_555 ? 
5  AC2 5 ARG A 42  ? ARG A 43   . ? 1_555 ? 
6  AC2 5 ARG A 63  ? ARG A 72   . ? 4_565 ? 
7  AC2 5 HOH E .   ? HOH A 2090 . ? 1_555 ? 
8  AC2 5 HOH E .   ? HOH A 2120 . ? 1_555 ? 
9  AC2 5 HOH E .   ? HOH A 2121 . ? 1_555 ? 
10 AC3 9 LEU A 2   ? LEU A 2    . ? 1_555 ? 
11 AC3 9 PHE A 5   ? PHE A 5    . ? 1_555 ? 
12 AC3 9 ILE A 18  ? ILE A 19   . ? 1_555 ? 
13 AC3 9 GLY A 29  ? GLY A 30   . ? 1_555 ? 
14 AC3 9 TRP A 30  ? TRP A 31   . ? 1_555 ? 
15 AC3 9 ASN A 101 ? ASN A 111  . ? 2_564 ? 
16 AC3 9 HOH E .   ? HOH A 2154 . ? 1_555 ? 
17 AC3 9 HOH E .   ? HOH A 2155 . ? 1_555 ? 
18 AC3 9 HOH E .   ? HOH A 2160 . ? 1_555 ? 
# 
_pdbx_entry_details.entry_id                   1ZYX 
_pdbx_entry_details.compound_details           ? 
_pdbx_entry_details.source_details             ? 
_pdbx_entry_details.nonpolymer_details         ? 
_pdbx_entry_details.sequence_details           ? 
_pdbx_entry_details.has_ligand_of_interest     ? 
_pdbx_entry_details.has_protein_modification   Y 
# 
loop_
_pdbx_validate_torsion.id 
_pdbx_validate_torsion.PDB_model_num 
_pdbx_validate_torsion.auth_comp_id 
_pdbx_validate_torsion.auth_asym_id 
_pdbx_validate_torsion.auth_seq_id 
_pdbx_validate_torsion.PDB_ins_code 
_pdbx_validate_torsion.label_alt_id 
_pdbx_validate_torsion.phi 
_pdbx_validate_torsion.psi 
1 1 SER A 24 ? ? -141.90 38.01 
2 1 LEU A 55 ? ? -119.29 70.45 
# 
loop_
_chem_comp_atom.comp_id 
_chem_comp_atom.atom_id 
_chem_comp_atom.type_symbol 
_chem_comp_atom.pdbx_aromatic_flag 
_chem_comp_atom.pdbx_stereo_config 
_chem_comp_atom.pdbx_ordinal 
ALA N    N  N N 1   
ALA CA   C  N S 2   
ALA C    C  N N 3   
ALA O    O  N N 4   
ALA CB   C  N N 5   
ALA OXT  O  N N 6   
ALA H    H  N N 7   
ALA H2   H  N N 8   
ALA HA   H  N N 9   
ALA HB1  H  N N 10  
ALA HB2  H  N N 11  
ALA HB3  H  N N 12  
ALA HXT  H  N N 13  
ARG N    N  N N 14  
ARG CA   C  N S 15  
ARG C    C  N N 16  
ARG O    O  N N 17  
ARG CB   C  N N 18  
ARG CG   C  N N 19  
ARG CD   C  N N 20  
ARG NE   N  N N 21  
ARG CZ   C  N N 22  
ARG NH1  N  N N 23  
ARG NH2  N  N N 24  
ARG OXT  O  N N 25  
ARG H    H  N N 26  
ARG H2   H  N N 27  
ARG HA   H  N N 28  
ARG HB2  H  N N 29  
ARG HB3  H  N N 30  
ARG HG2  H  N N 31  
ARG HG3  H  N N 32  
ARG HD2  H  N N 33  
ARG HD3  H  N N 34  
ARG HE   H  N N 35  
ARG HH11 H  N N 36  
ARG HH12 H  N N 37  
ARG HH21 H  N N 38  
ARG HH22 H  N N 39  
ARG HXT  H  N N 40  
ASN N    N  N N 41  
ASN CA   C  N S 42  
ASN C    C  N N 43  
ASN O    O  N N 44  
ASN CB   C  N N 45  
ASN CG   C  N N 46  
ASN OD1  O  N N 47  
ASN ND2  N  N N 48  
ASN OXT  O  N N 49  
ASN H    H  N N 50  
ASN H2   H  N N 51  
ASN HA   H  N N 52  
ASN HB2  H  N N 53  
ASN HB3  H  N N 54  
ASN HD21 H  N N 55  
ASN HD22 H  N N 56  
ASN HXT  H  N N 57  
ASP N    N  N N 58  
ASP CA   C  N S 59  
ASP C    C  N N 60  
ASP O    O  N N 61  
ASP CB   C  N N 62  
ASP CG   C  N N 63  
ASP OD1  O  N N 64  
ASP OD2  O  N N 65  
ASP OXT  O  N N 66  
ASP H    H  N N 67  
ASP H2   H  N N 68  
ASP HA   H  N N 69  
ASP HB2  H  N N 70  
ASP HB3  H  N N 71  
ASP HD2  H  N N 72  
ASP HXT  H  N N 73  
CYS N    N  N N 74  
CYS CA   C  N R 75  
CYS C    C  N N 76  
CYS O    O  N N 77  
CYS CB   C  N N 78  
CYS SG   S  N N 79  
CYS OXT  O  N N 80  
CYS H    H  N N 81  
CYS H2   H  N N 82  
CYS HA   H  N N 83  
CYS HB2  H  N N 84  
CYS HB3  H  N N 85  
CYS HG   H  N N 86  
CYS HXT  H  N N 87  
GLN N    N  N N 88  
GLN CA   C  N S 89  
GLN C    C  N N 90  
GLN O    O  N N 91  
GLN CB   C  N N 92  
GLN CG   C  N N 93  
GLN CD   C  N N 94  
GLN OE1  O  N N 95  
GLN NE2  N  N N 96  
GLN OXT  O  N N 97  
GLN H    H  N N 98  
GLN H2   H  N N 99  
GLN HA   H  N N 100 
GLN HB2  H  N N 101 
GLN HB3  H  N N 102 
GLN HG2  H  N N 103 
GLN HG3  H  N N 104 
GLN HE21 H  N N 105 
GLN HE22 H  N N 106 
GLN HXT  H  N N 107 
GLU N    N  N N 108 
GLU CA   C  N S 109 
GLU C    C  N N 110 
GLU O    O  N N 111 
GLU CB   C  N N 112 
GLU CG   C  N N 113 
GLU CD   C  N N 114 
GLU OE1  O  N N 115 
GLU OE2  O  N N 116 
GLU OXT  O  N N 117 
GLU H    H  N N 118 
GLU H2   H  N N 119 
GLU HA   H  N N 120 
GLU HB2  H  N N 121 
GLU HB3  H  N N 122 
GLU HG2  H  N N 123 
GLU HG3  H  N N 124 
GLU HE2  H  N N 125 
GLU HXT  H  N N 126 
GLY N    N  N N 127 
GLY CA   C  N N 128 
GLY C    C  N N 129 
GLY O    O  N N 130 
GLY OXT  O  N N 131 
GLY H    H  N N 132 
GLY H2   H  N N 133 
GLY HA2  H  N N 134 
GLY HA3  H  N N 135 
GLY HXT  H  N N 136 
HIS N    N  N N 137 
HIS CA   C  N S 138 
HIS C    C  N N 139 
HIS O    O  N N 140 
HIS CB   C  N N 141 
HIS CG   C  Y N 142 
HIS ND1  N  Y N 143 
HIS CD2  C  Y N 144 
HIS CE1  C  Y N 145 
HIS NE2  N  Y N 146 
HIS OXT  O  N N 147 
HIS H    H  N N 148 
HIS H2   H  N N 149 
HIS HA   H  N N 150 
HIS HB2  H  N N 151 
HIS HB3  H  N N 152 
HIS HD1  H  N N 153 
HIS HD2  H  N N 154 
HIS HE1  H  N N 155 
HIS HE2  H  N N 156 
HIS HXT  H  N N 157 
HOH O    O  N N 158 
HOH H1   H  N N 159 
HOH H2   H  N N 160 
ILE N    N  N N 161 
ILE CA   C  N S 162 
ILE C    C  N N 163 
ILE O    O  N N 164 
ILE CB   C  N S 165 
ILE CG1  C  N N 166 
ILE CG2  C  N N 167 
ILE CD1  C  N N 168 
ILE OXT  O  N N 169 
ILE H    H  N N 170 
ILE H2   H  N N 171 
ILE HA   H  N N 172 
ILE HB   H  N N 173 
ILE HG12 H  N N 174 
ILE HG13 H  N N 175 
ILE HG21 H  N N 176 
ILE HG22 H  N N 177 
ILE HG23 H  N N 178 
ILE HD11 H  N N 179 
ILE HD12 H  N N 180 
ILE HD13 H  N N 181 
ILE HXT  H  N N 182 
LCF C1   C  Y N 183 
LCF C2   C  N N 184 
LCF C3   C  N N 185 
LCF C4   C  N N 186 
LCF C5   C  Y N 187 
LCF C6   C  Y N 188 
LCF C7   C  Y N 189 
LCF N    N  Y N 190 
LCF C8   C  N N 191 
LCF C9   C  N N 192 
LCF O1   O  N N 193 
LCF O2   O  N N 194 
LCF C10  C  N N 195 
LCF C11  C  N N 196 
LCF C12  C  Y N 197 
LCF C13  C  Y N 198 
LCF C14  C  Y N 199 
LCF C15  C  Y N 200 
LCF C16  C  Y N 201 
LCF C17  C  Y N 202 
LCF C18  C  Y N 203 
LCF C19  C  Y N 204 
LCF C20  C  Y N 205 
LCF C21  C  Y N 206 
LCF C22  C  Y N 207 
LCF C23  C  Y N 208 
LCF CL1  CL N N 209 
LCF H21  H  N N 210 
LCF H22A H  N N 211 
LCF H41  H  N N 212 
LCF H42  H  N N 213 
LCF H81  H  N N 214 
LCF H82  H  N N 215 
LCF HO1  H  N N 216 
LCF H101 H  N N 217 
LCF H102 H  N N 218 
LCF H103 H  N N 219 
LCF H111 H  N N 220 
LCF H112 H  N N 221 
LCF H113 H  N N 222 
LCF H13  H  N N 223 
LCF H14  H  N N 224 
LCF H15  H  N N 225 
LCF H16  H  N N 226 
LCF H17  H  N N 227 
LCF H19  H  N N 228 
LCF H20  H  N N 229 
LCF H22  H  N N 230 
LCF H23  H  N N 231 
LEU N    N  N N 232 
LEU CA   C  N S 233 
LEU C    C  N N 234 
LEU O    O  N N 235 
LEU CB   C  N N 236 
LEU CG   C  N N 237 
LEU CD1  C  N N 238 
LEU CD2  C  N N 239 
LEU OXT  O  N N 240 
LEU H    H  N N 241 
LEU H2   H  N N 242 
LEU HA   H  N N 243 
LEU HB2  H  N N 244 
LEU HB3  H  N N 245 
LEU HG   H  N N 246 
LEU HD11 H  N N 247 
LEU HD12 H  N N 248 
LEU HD13 H  N N 249 
LEU HD21 H  N N 250 
LEU HD22 H  N N 251 
LEU HD23 H  N N 252 
LEU HXT  H  N N 253 
LYS N    N  N N 254 
LYS CA   C  N S 255 
LYS C    C  N N 256 
LYS O    O  N N 257 
LYS CB   C  N N 258 
LYS CG   C  N N 259 
LYS CD   C  N N 260 
LYS CE   C  N N 261 
LYS NZ   N  N N 262 
LYS OXT  O  N N 263 
LYS H    H  N N 264 
LYS H2   H  N N 265 
LYS HA   H  N N 266 
LYS HB2  H  N N 267 
LYS HB3  H  N N 268 
LYS HG2  H  N N 269 
LYS HG3  H  N N 270 
LYS HD2  H  N N 271 
LYS HD3  H  N N 272 
LYS HE2  H  N N 273 
LYS HE3  H  N N 274 
LYS HZ1  H  N N 275 
LYS HZ2  H  N N 276 
LYS HZ3  H  N N 277 
LYS HXT  H  N N 278 
MET N    N  N N 279 
MET CA   C  N S 280 
MET C    C  N N 281 
MET O    O  N N 282 
MET CB   C  N N 283 
MET CG   C  N N 284 
MET SD   S  N N 285 
MET CE   C  N N 286 
MET OXT  O  N N 287 
MET H    H  N N 288 
MET H2   H  N N 289 
MET HA   H  N N 290 
MET HB2  H  N N 291 
MET HB3  H  N N 292 
MET HG2  H  N N 293 
MET HG3  H  N N 294 
MET HE1  H  N N 295 
MET HE2  H  N N 296 
MET HE3  H  N N 297 
MET HXT  H  N N 298 
PHE N    N  N N 299 
PHE CA   C  N S 300 
PHE C    C  N N 301 
PHE O    O  N N 302 
PHE CB   C  N N 303 
PHE CG   C  Y N 304 
PHE CD1  C  Y N 305 
PHE CD2  C  Y N 306 
PHE CE1  C  Y N 307 
PHE CE2  C  Y N 308 
PHE CZ   C  Y N 309 
PHE OXT  O  N N 310 
PHE H    H  N N 311 
PHE H2   H  N N 312 
PHE HA   H  N N 313 
PHE HB2  H  N N 314 
PHE HB3  H  N N 315 
PHE HD1  H  N N 316 
PHE HD2  H  N N 317 
PHE HE1  H  N N 318 
PHE HE2  H  N N 319 
PHE HZ   H  N N 320 
PHE HXT  H  N N 321 
PRO N    N  N N 322 
PRO CA   C  N S 323 
PRO C    C  N N 324 
PRO O    O  N N 325 
PRO CB   C  N N 326 
PRO CG   C  N N 327 
PRO CD   C  N N 328 
PRO OXT  O  N N 329 
PRO H    H  N N 330 
PRO HA   H  N N 331 
PRO HB2  H  N N 332 
PRO HB3  H  N N 333 
PRO HG2  H  N N 334 
PRO HG3  H  N N 335 
PRO HD2  H  N N 336 
PRO HD3  H  N N 337 
PRO HXT  H  N N 338 
SER N    N  N N 339 
SER CA   C  N S 340 
SER C    C  N N 341 
SER O    O  N N 342 
SER CB   C  N N 343 
SER OG   O  N N 344 
SER OXT  O  N N 345 
SER H    H  N N 346 
SER H2   H  N N 347 
SER HA   H  N N 348 
SER HB2  H  N N 349 
SER HB3  H  N N 350 
SER HG   H  N N 351 
SER HXT  H  N N 352 
SO4 S    S  N N 353 
SO4 O1   O  N N 354 
SO4 O2   O  N N 355 
SO4 O3   O  N N 356 
SO4 O4   O  N N 357 
THR N    N  N N 358 
THR CA   C  N S 359 
THR C    C  N N 360 
THR O    O  N N 361 
THR CB   C  N R 362 
THR OG1  O  N N 363 
THR CG2  C  N N 364 
THR OXT  O  N N 365 
THR H    H  N N 366 
THR H2   H  N N 367 
THR HA   H  N N 368 
THR HB   H  N N 369 
THR HG1  H  N N 370 
THR HG21 H  N N 371 
THR HG22 H  N N 372 
THR HG23 H  N N 373 
THR HXT  H  N N 374 
TRP N    N  N N 375 
TRP CA   C  N S 376 
TRP C    C  N N 377 
TRP O    O  N N 378 
TRP CB   C  N N 379 
TRP CG   C  Y N 380 
TRP CD1  C  Y N 381 
TRP CD2  C  Y N 382 
TRP NE1  N  Y N 383 
TRP CE2  C  Y N 384 
TRP CE3  C  Y N 385 
TRP CZ2  C  Y N 386 
TRP CZ3  C  Y N 387 
TRP CH2  C  Y N 388 
TRP OXT  O  N N 389 
TRP H    H  N N 390 
TRP H2   H  N N 391 
TRP HA   H  N N 392 
TRP HB2  H  N N 393 
TRP HB3  H  N N 394 
TRP HD1  H  N N 395 
TRP HE1  H  N N 396 
TRP HE3  H  N N 397 
TRP HZ2  H  N N 398 
TRP HZ3  H  N N 399 
TRP HH2  H  N N 400 
TRP HXT  H  N N 401 
TYR N    N  N N 402 
TYR CA   C  N S 403 
TYR C    C  N N 404 
TYR O    O  N N 405 
TYR CB   C  N N 406 
TYR CG   C  Y N 407 
TYR CD1  C  Y N 408 
TYR CD2  C  Y N 409 
TYR CE1  C  Y N 410 
TYR CE2  C  Y N 411 
TYR CZ   C  Y N 412 
TYR OH   O  N N 413 
TYR OXT  O  N N 414 
TYR H    H  N N 415 
TYR H2   H  N N 416 
TYR HA   H  N N 417 
TYR HB2  H  N N 418 
TYR HB3  H  N N 419 
TYR HD1  H  N N 420 
TYR HD2  H  N N 421 
TYR HE1  H  N N 422 
TYR HE2  H  N N 423 
TYR HH   H  N N 424 
TYR HXT  H  N N 425 
VAL N    N  N N 426 
VAL CA   C  N S 427 
VAL C    C  N N 428 
VAL O    O  N N 429 
VAL CB   C  N N 430 
VAL CG1  C  N N 431 
VAL CG2  C  N N 432 
VAL OXT  O  N N 433 
VAL H    H  N N 434 
VAL H2   H  N N 435 
VAL HA   H  N N 436 
VAL HB   H  N N 437 
VAL HG11 H  N N 438 
VAL HG12 H  N N 439 
VAL HG13 H  N N 440 
VAL HG21 H  N N 441 
VAL HG22 H  N N 442 
VAL HG23 H  N N 443 
VAL HXT  H  N N 444 
# 
loop_
_chem_comp_bond.comp_id 
_chem_comp_bond.atom_id_1 
_chem_comp_bond.atom_id_2 
_chem_comp_bond.value_order 
_chem_comp_bond.pdbx_aromatic_flag 
_chem_comp_bond.pdbx_stereo_config 
_chem_comp_bond.pdbx_ordinal 
ALA N   CA   sing N N 1   
ALA N   H    sing N N 2   
ALA N   H2   sing N N 3   
ALA CA  C    sing N N 4   
ALA CA  CB   sing N N 5   
ALA CA  HA   sing N N 6   
ALA C   O    doub N N 7   
ALA C   OXT  sing N N 8   
ALA CB  HB1  sing N N 9   
ALA CB  HB2  sing N N 10  
ALA CB  HB3  sing N N 11  
ALA OXT HXT  sing N N 12  
ARG N   CA   sing N N 13  
ARG N   H    sing N N 14  
ARG N   H2   sing N N 15  
ARG CA  C    sing N N 16  
ARG CA  CB   sing N N 17  
ARG CA  HA   sing N N 18  
ARG C   O    doub N N 19  
ARG C   OXT  sing N N 20  
ARG CB  CG   sing N N 21  
ARG CB  HB2  sing N N 22  
ARG CB  HB3  sing N N 23  
ARG CG  CD   sing N N 24  
ARG CG  HG2  sing N N 25  
ARG CG  HG3  sing N N 26  
ARG CD  NE   sing N N 27  
ARG CD  HD2  sing N N 28  
ARG CD  HD3  sing N N 29  
ARG NE  CZ   sing N N 30  
ARG NE  HE   sing N N 31  
ARG CZ  NH1  sing N N 32  
ARG CZ  NH2  doub N N 33  
ARG NH1 HH11 sing N N 34  
ARG NH1 HH12 sing N N 35  
ARG NH2 HH21 sing N N 36  
ARG NH2 HH22 sing N N 37  
ARG OXT HXT  sing N N 38  
ASN N   CA   sing N N 39  
ASN N   H    sing N N 40  
ASN N   H2   sing N N 41  
ASN CA  C    sing N N 42  
ASN CA  CB   sing N N 43  
ASN CA  HA   sing N N 44  
ASN C   O    doub N N 45  
ASN C   OXT  sing N N 46  
ASN CB  CG   sing N N 47  
ASN CB  HB2  sing N N 48  
ASN CB  HB3  sing N N 49  
ASN CG  OD1  doub N N 50  
ASN CG  ND2  sing N N 51  
ASN ND2 HD21 sing N N 52  
ASN ND2 HD22 sing N N 53  
ASN OXT HXT  sing N N 54  
ASP N   CA   sing N N 55  
ASP N   H    sing N N 56  
ASP N   H2   sing N N 57  
ASP CA  C    sing N N 58  
ASP CA  CB   sing N N 59  
ASP CA  HA   sing N N 60  
ASP C   O    doub N N 61  
ASP C   OXT  sing N N 62  
ASP CB  CG   sing N N 63  
ASP CB  HB2  sing N N 64  
ASP CB  HB3  sing N N 65  
ASP CG  OD1  doub N N 66  
ASP CG  OD2  sing N N 67  
ASP OD2 HD2  sing N N 68  
ASP OXT HXT  sing N N 69  
CYS N   CA   sing N N 70  
CYS N   H    sing N N 71  
CYS N   H2   sing N N 72  
CYS CA  C    sing N N 73  
CYS CA  CB   sing N N 74  
CYS CA  HA   sing N N 75  
CYS C   O    doub N N 76  
CYS C   OXT  sing N N 77  
CYS CB  SG   sing N N 78  
CYS CB  HB2  sing N N 79  
CYS CB  HB3  sing N N 80  
CYS SG  HG   sing N N 81  
CYS OXT HXT  sing N N 82  
GLN N   CA   sing N N 83  
GLN N   H    sing N N 84  
GLN N   H2   sing N N 85  
GLN CA  C    sing N N 86  
GLN CA  CB   sing N N 87  
GLN CA  HA   sing N N 88  
GLN C   O    doub N N 89  
GLN C   OXT  sing N N 90  
GLN CB  CG   sing N N 91  
GLN CB  HB2  sing N N 92  
GLN CB  HB3  sing N N 93  
GLN CG  CD   sing N N 94  
GLN CG  HG2  sing N N 95  
GLN CG  HG3  sing N N 96  
GLN CD  OE1  doub N N 97  
GLN CD  NE2  sing N N 98  
GLN NE2 HE21 sing N N 99  
GLN NE2 HE22 sing N N 100 
GLN OXT HXT  sing N N 101 
GLU N   CA   sing N N 102 
GLU N   H    sing N N 103 
GLU N   H2   sing N N 104 
GLU CA  C    sing N N 105 
GLU CA  CB   sing N N 106 
GLU CA  HA   sing N N 107 
GLU C   O    doub N N 108 
GLU C   OXT  sing N N 109 
GLU CB  CG   sing N N 110 
GLU CB  HB2  sing N N 111 
GLU CB  HB3  sing N N 112 
GLU CG  CD   sing N N 113 
GLU CG  HG2  sing N N 114 
GLU CG  HG3  sing N N 115 
GLU CD  OE1  doub N N 116 
GLU CD  OE2  sing N N 117 
GLU OE2 HE2  sing N N 118 
GLU OXT HXT  sing N N 119 
GLY N   CA   sing N N 120 
GLY N   H    sing N N 121 
GLY N   H2   sing N N 122 
GLY CA  C    sing N N 123 
GLY CA  HA2  sing N N 124 
GLY CA  HA3  sing N N 125 
GLY C   O    doub N N 126 
GLY C   OXT  sing N N 127 
GLY OXT HXT  sing N N 128 
HIS N   CA   sing N N 129 
HIS N   H    sing N N 130 
HIS N   H2   sing N N 131 
HIS CA  C    sing N N 132 
HIS CA  CB   sing N N 133 
HIS CA  HA   sing N N 134 
HIS C   O    doub N N 135 
HIS C   OXT  sing N N 136 
HIS CB  CG   sing N N 137 
HIS CB  HB2  sing N N 138 
HIS CB  HB3  sing N N 139 
HIS CG  ND1  sing Y N 140 
HIS CG  CD2  doub Y N 141 
HIS ND1 CE1  doub Y N 142 
HIS ND1 HD1  sing N N 143 
HIS CD2 NE2  sing Y N 144 
HIS CD2 HD2  sing N N 145 
HIS CE1 NE2  sing Y N 146 
HIS CE1 HE1  sing N N 147 
HIS NE2 HE2  sing N N 148 
HIS OXT HXT  sing N N 149 
HOH O   H1   sing N N 150 
HOH O   H2   sing N N 151 
ILE N   CA   sing N N 152 
ILE N   H    sing N N 153 
ILE N   H2   sing N N 154 
ILE CA  C    sing N N 155 
ILE CA  CB   sing N N 156 
ILE CA  HA   sing N N 157 
ILE C   O    doub N N 158 
ILE C   OXT  sing N N 159 
ILE CB  CG1  sing N N 160 
ILE CB  CG2  sing N N 161 
ILE CB  HB   sing N N 162 
ILE CG1 CD1  sing N N 163 
ILE CG1 HG12 sing N N 164 
ILE CG1 HG13 sing N N 165 
ILE CG2 HG21 sing N N 166 
ILE CG2 HG22 sing N N 167 
ILE CG2 HG23 sing N N 168 
ILE CD1 HD11 sing N N 169 
ILE CD1 HD12 sing N N 170 
ILE CD1 HD13 sing N N 171 
ILE OXT HXT  sing N N 172 
LCF C1  C7   doub Y N 173 
LCF C1  N    sing Y N 174 
LCF C1  C8   sing N N 175 
LCF C2  C3   sing N N 176 
LCF C2  N    sing N N 177 
LCF C2  H21  sing N N 178 
LCF C2  H22A sing N N 179 
LCF C3  C4   sing N N 180 
LCF C3  C10  sing N N 181 
LCF C3  C11  sing N N 182 
LCF C4  C5   sing N N 183 
LCF C4  H41  sing N N 184 
LCF C4  H42  sing N N 185 
LCF C5  C6   doub Y N 186 
LCF C5  N    sing Y N 187 
LCF C6  C7   sing Y N 188 
LCF C6  C12  sing Y N 189 
LCF C7  C18  sing Y N 190 
LCF C8  C9   sing N N 191 
LCF C8  H81  sing N N 192 
LCF C8  H82  sing N N 193 
LCF C9  O1   sing N N 194 
LCF C9  O2   doub N N 195 
LCF O1  HO1  sing N N 196 
LCF C10 H101 sing N N 197 
LCF C10 H102 sing N N 198 
LCF C10 H103 sing N N 199 
LCF C11 H111 sing N N 200 
LCF C11 H112 sing N N 201 
LCF C11 H113 sing N N 202 
LCF C12 C13  doub Y N 203 
LCF C12 C17  sing Y N 204 
LCF C13 C14  sing Y N 205 
LCF C13 H13  sing N N 206 
LCF C14 C15  doub Y N 207 
LCF C14 H14  sing N N 208 
LCF C15 C16  sing Y N 209 
LCF C15 H15  sing N N 210 
LCF C16 C17  doub Y N 211 
LCF C16 H16  sing N N 212 
LCF C17 H17  sing N N 213 
LCF C18 C19  doub Y N 214 
LCF C18 C23  sing Y N 215 
LCF C19 C20  sing Y N 216 
LCF C19 H19  sing N N 217 
LCF C20 C21  doub Y N 218 
LCF C20 H20  sing N N 219 
LCF C21 C22  sing Y N 220 
LCF C21 CL1  sing N N 221 
LCF C22 C23  doub Y N 222 
LCF C22 H22  sing N N 223 
LCF C23 H23  sing N N 224 
LEU N   CA   sing N N 225 
LEU N   H    sing N N 226 
LEU N   H2   sing N N 227 
LEU CA  C    sing N N 228 
LEU CA  CB   sing N N 229 
LEU CA  HA   sing N N 230 
LEU C   O    doub N N 231 
LEU C   OXT  sing N N 232 
LEU CB  CG   sing N N 233 
LEU CB  HB2  sing N N 234 
LEU CB  HB3  sing N N 235 
LEU CG  CD1  sing N N 236 
LEU CG  CD2  sing N N 237 
LEU CG  HG   sing N N 238 
LEU CD1 HD11 sing N N 239 
LEU CD1 HD12 sing N N 240 
LEU CD1 HD13 sing N N 241 
LEU CD2 HD21 sing N N 242 
LEU CD2 HD22 sing N N 243 
LEU CD2 HD23 sing N N 244 
LEU OXT HXT  sing N N 245 
LYS N   CA   sing N N 246 
LYS N   H    sing N N 247 
LYS N   H2   sing N N 248 
LYS CA  C    sing N N 249 
LYS CA  CB   sing N N 250 
LYS CA  HA   sing N N 251 
LYS C   O    doub N N 252 
LYS C   OXT  sing N N 253 
LYS CB  CG   sing N N 254 
LYS CB  HB2  sing N N 255 
LYS CB  HB3  sing N N 256 
LYS CG  CD   sing N N 257 
LYS CG  HG2  sing N N 258 
LYS CG  HG3  sing N N 259 
LYS CD  CE   sing N N 260 
LYS CD  HD2  sing N N 261 
LYS CD  HD3  sing N N 262 
LYS CE  NZ   sing N N 263 
LYS CE  HE2  sing N N 264 
LYS CE  HE3  sing N N 265 
LYS NZ  HZ1  sing N N 266 
LYS NZ  HZ2  sing N N 267 
LYS NZ  HZ3  sing N N 268 
LYS OXT HXT  sing N N 269 
MET N   CA   sing N N 270 
MET N   H    sing N N 271 
MET N   H2   sing N N 272 
MET CA  C    sing N N 273 
MET CA  CB   sing N N 274 
MET CA  HA   sing N N 275 
MET C   O    doub N N 276 
MET C   OXT  sing N N 277 
MET CB  CG   sing N N 278 
MET CB  HB2  sing N N 279 
MET CB  HB3  sing N N 280 
MET CG  SD   sing N N 281 
MET CG  HG2  sing N N 282 
MET CG  HG3  sing N N 283 
MET SD  CE   sing N N 284 
MET CE  HE1  sing N N 285 
MET CE  HE2  sing N N 286 
MET CE  HE3  sing N N 287 
MET OXT HXT  sing N N 288 
PHE N   CA   sing N N 289 
PHE N   H    sing N N 290 
PHE N   H2   sing N N 291 
PHE CA  C    sing N N 292 
PHE CA  CB   sing N N 293 
PHE CA  HA   sing N N 294 
PHE C   O    doub N N 295 
PHE C   OXT  sing N N 296 
PHE CB  CG   sing N N 297 
PHE CB  HB2  sing N N 298 
PHE CB  HB3  sing N N 299 
PHE CG  CD1  doub Y N 300 
PHE CG  CD2  sing Y N 301 
PHE CD1 CE1  sing Y N 302 
PHE CD1 HD1  sing N N 303 
PHE CD2 CE2  doub Y N 304 
PHE CD2 HD2  sing N N 305 
PHE CE1 CZ   doub Y N 306 
PHE CE1 HE1  sing N N 307 
PHE CE2 CZ   sing Y N 308 
PHE CE2 HE2  sing N N 309 
PHE CZ  HZ   sing N N 310 
PHE OXT HXT  sing N N 311 
PRO N   CA   sing N N 312 
PRO N   CD   sing N N 313 
PRO N   H    sing N N 314 
PRO CA  C    sing N N 315 
PRO CA  CB   sing N N 316 
PRO CA  HA   sing N N 317 
PRO C   O    doub N N 318 
PRO C   OXT  sing N N 319 
PRO CB  CG   sing N N 320 
PRO CB  HB2  sing N N 321 
PRO CB  HB3  sing N N 322 
PRO CG  CD   sing N N 323 
PRO CG  HG2  sing N N 324 
PRO CG  HG3  sing N N 325 
PRO CD  HD2  sing N N 326 
PRO CD  HD3  sing N N 327 
PRO OXT HXT  sing N N 328 
SER N   CA   sing N N 329 
SER N   H    sing N N 330 
SER N   H2   sing N N 331 
SER CA  C    sing N N 332 
SER CA  CB   sing N N 333 
SER CA  HA   sing N N 334 
SER C   O    doub N N 335 
SER C   OXT  sing N N 336 
SER CB  OG   sing N N 337 
SER CB  HB2  sing N N 338 
SER CB  HB3  sing N N 339 
SER OG  HG   sing N N 340 
SER OXT HXT  sing N N 341 
SO4 S   O1   doub N N 342 
SO4 S   O2   doub N N 343 
SO4 S   O3   sing N N 344 
SO4 S   O4   sing N N 345 
THR N   CA   sing N N 346 
THR N   H    sing N N 347 
THR N   H2   sing N N 348 
THR CA  C    sing N N 349 
THR CA  CB   sing N N 350 
THR CA  HA   sing N N 351 
THR C   O    doub N N 352 
THR C   OXT  sing N N 353 
THR CB  OG1  sing N N 354 
THR CB  CG2  sing N N 355 
THR CB  HB   sing N N 356 
THR OG1 HG1  sing N N 357 
THR CG2 HG21 sing N N 358 
THR CG2 HG22 sing N N 359 
THR CG2 HG23 sing N N 360 
THR OXT HXT  sing N N 361 
TRP N   CA   sing N N 362 
TRP N   H    sing N N 363 
TRP N   H2   sing N N 364 
TRP CA  C    sing N N 365 
TRP CA  CB   sing N N 366 
TRP CA  HA   sing N N 367 
TRP C   O    doub N N 368 
TRP C   OXT  sing N N 369 
TRP CB  CG   sing N N 370 
TRP CB  HB2  sing N N 371 
TRP CB  HB3  sing N N 372 
TRP CG  CD1  doub Y N 373 
TRP CG  CD2  sing Y N 374 
TRP CD1 NE1  sing Y N 375 
TRP CD1 HD1  sing N N 376 
TRP CD2 CE2  doub Y N 377 
TRP CD2 CE3  sing Y N 378 
TRP NE1 CE2  sing Y N 379 
TRP NE1 HE1  sing N N 380 
TRP CE2 CZ2  sing Y N 381 
TRP CE3 CZ3  doub Y N 382 
TRP CE3 HE3  sing N N 383 
TRP CZ2 CH2  doub Y N 384 
TRP CZ2 HZ2  sing N N 385 
TRP CZ3 CH2  sing Y N 386 
TRP CZ3 HZ3  sing N N 387 
TRP CH2 HH2  sing N N 388 
TRP OXT HXT  sing N N 389 
TYR N   CA   sing N N 390 
TYR N   H    sing N N 391 
TYR N   H2   sing N N 392 
TYR CA  C    sing N N 393 
TYR CA  CB   sing N N 394 
TYR CA  HA   sing N N 395 
TYR C   O    doub N N 396 
TYR C   OXT  sing N N 397 
TYR CB  CG   sing N N 398 
TYR CB  HB2  sing N N 399 
TYR CB  HB3  sing N N 400 
TYR CG  CD1  doub Y N 401 
TYR CG  CD2  sing Y N 402 
TYR CD1 CE1  sing Y N 403 
TYR CD1 HD1  sing N N 404 
TYR CD2 CE2  doub Y N 405 
TYR CD2 HD2  sing N N 406 
TYR CE1 CZ   doub Y N 407 
TYR CE1 HE1  sing N N 408 
TYR CE2 CZ   sing Y N 409 
TYR CE2 HE2  sing N N 410 
TYR CZ  OH   sing N N 411 
TYR OH  HH   sing N N 412 
TYR OXT HXT  sing N N 413 
VAL N   CA   sing N N 414 
VAL N   H    sing N N 415 
VAL N   H2   sing N N 416 
VAL CA  C    sing N N 417 
VAL CA  CB   sing N N 418 
VAL CA  HA   sing N N 419 
VAL C   O    doub N N 420 
VAL C   OXT  sing N N 421 
VAL CB  CG1  sing N N 422 
VAL CB  CG2  sing N N 423 
VAL CB  HB   sing N N 424 
VAL CG1 HG11 sing N N 425 
VAL CG1 HG12 sing N N 426 
VAL CG1 HG13 sing N N 427 
VAL CG2 HG21 sing N N 428 
VAL CG2 HG22 sing N N 429 
VAL CG2 HG23 sing N N 430 
VAL OXT HXT  sing N N 431 
# 
_atom_sites.entry_id                    1ZYX 
_atom_sites.fract_transf_matrix[1][1]   -0.00984082 
_atom_sites.fract_transf_matrix[1][2]   -0.01583585 
_atom_sites.fract_transf_matrix[1][3]   0.00160018 
_atom_sites.fract_transf_matrix[2][1]   0.00393376 
_atom_sites.fract_transf_matrix[2][2]   -0.00424280 
_atom_sites.fract_transf_matrix[2][3]   -0.01779608 
_atom_sites.fract_transf_matrix[3][1]   0.01696886 
_atom_sites.fract_transf_matrix[3][2]   -0.00992673 
_atom_sites.fract_transf_matrix[3][3]   0.00611756 
_atom_sites.fract_transf_vector[1]      0.163680 
_atom_sites.fract_transf_vector[2]      0.470216 
_atom_sites.fract_transf_vector[3]      -0.000896 
# 
loop_
_atom_type.symbol 
C  
CL 
N  
O  
S  
# 
loop_
_atom_site.group_PDB 
_atom_site.id 
_atom_site.type_symbol 
_atom_site.label_atom_id 
_atom_site.label_alt_id 
_atom_site.label_comp_id 
_atom_site.label_asym_id 
_atom_site.label_entity_id 
_atom_site.label_seq_id 
_atom_site.pdbx_PDB_ins_code 
_atom_site.Cartn_x 
_atom_site.Cartn_y 
_atom_site.Cartn_z 
_atom_site.occupancy 
_atom_site.B_iso_or_equiv 
_atom_site.pdbx_formal_charge 
_atom_site.auth_seq_id 
_atom_site.auth_comp_id 
_atom_site.auth_asym_id 
_atom_site.auth_atom_id 
_atom_site.pdbx_PDB_model_num 
ATOM   1    N  N   . SER A 1 1   ? -7.679  -0.708  8.533   1.00 23.26  ? 1    SER A N   1 
ATOM   2    C  CA  . SER A 1 1   ? -8.184  0.565   7.933   1.00 24.14  ? 1    SER A CA  1 
ATOM   3    C  C   . SER A 1 1   ? -7.027  1.506   7.619   1.00 24.72  ? 1    SER A C   1 
ATOM   4    O  O   . SER A 1 1   ? -5.887  1.252   8.009   1.00 24.19  ? 1    SER A O   1 
ATOM   5    C  CB  . SER A 1 1   ? -9.159  1.263   8.892   1.00 23.91  ? 1    SER A CB  1 
ATOM   6    O  OG  . SER A 1 1   ? -8.489  1.779   10.031  1.00 24.12  ? 1    SER A OG  1 
ATOM   7    N  N   . LEU A 1 2   ? -7.330  2.593   6.913   1.00 25.47  ? 2    LEU A N   1 
ATOM   8    C  CA  . LEU A 1 2   ? -6.321  3.577   6.540   1.00 26.64  ? 2    LEU A CA  1 
ATOM   9    C  C   . LEU A 1 2   ? -5.546  4.109   7.746   1.00 26.35  ? 2    LEU A C   1 
ATOM   10   O  O   . LEU A 1 2   ? -4.414  4.573   7.610   1.00 25.99  ? 2    LEU A O   1 
ATOM   11   C  CB  . LEU A 1 2   ? -6.981  4.736   5.785   1.00 28.19  ? 2    LEU A CB  1 
ATOM   12   C  CG  . LEU A 1 2   ? -7.191  4.560   4.277   1.00 29.32  ? 2    LEU A CG  1 
ATOM   13   C  CD1 . LEU A 1 2   ? -7.686  3.167   3.957   1.00 30.89  ? 2    LEU A CD1 1 
ATOM   14   C  CD2 . LEU A 1 2   ? -8.191  5.595   3.795   1.00 30.98  ? 2    LEU A CD2 1 
ATOM   15   N  N   . LEU A 1 3   ? -6.153  4.036   8.924   1.00 26.41  ? 3    LEU A N   1 
ATOM   16   C  CA  . LEU A 1 3   ? -5.501  4.505   10.143  1.00 26.48  ? 3    LEU A CA  1 
ATOM   17   C  C   . LEU A 1 3   ? -4.337  3.598   10.543  1.00 25.76  ? 3    LEU A C   1 
ATOM   18   O  O   . LEU A 1 3   ? -3.274  4.083   10.927  1.00 25.35  ? 3    LEU A O   1 
ATOM   19   C  CB  . LEU A 1 3   ? -6.522  4.598   11.280  1.00 27.89  ? 3    LEU A CB  1 
ATOM   20   C  CG  . LEU A 1 3   ? -7.247  5.944   11.426  1.00 29.98  ? 3    LEU A CG  1 
ATOM   21   C  CD1 . LEU A 1 3   ? -6.360  6.913   12.192  1.00 31.17  ? 3    LEU A CD1 1 
ATOM   22   C  CD2 . LEU A 1 3   ? -7.605  6.513   10.055  1.00 31.34  ? 3    LEU A CD2 1 
ATOM   23   N  N   . GLU A 1 4   ? -4.534  2.284   10.451  1.00 25.01  ? 4    GLU A N   1 
ATOM   24   C  CA  . GLU A 1 4   ? -3.472  1.341   10.789  1.00 24.46  ? 4    GLU A CA  1 
ATOM   25   C  C   . GLU A 1 4   ? -2.421  1.309   9.683   1.00 24.00  ? 4    GLU A C   1 
ATOM   26   O  O   . GLU A 1 4   ? -1.224  1.211   9.952   1.00 24.29  ? 4    GLU A O   1 
ATOM   27   C  CB  . GLU A 1 4   ? -4.034  -0.070  10.985  1.00 24.32  ? 4    GLU A CB  1 
ATOM   28   C  CG  . GLU A 1 4   ? -4.877  -0.243  12.236  1.00 25.36  ? 4    GLU A CG  1 
ATOM   29   C  CD  . GLU A 1 4   ? -6.273  0.318   12.086  1.00 25.86  ? 4    GLU A CD  1 
ATOM   30   O  OE1 . GLU A 1 4   ? -6.791  0.895   13.062  1.00 27.27  ? 4    GLU A OE1 1 
ATOM   31   O  OE2 . GLU A 1 4   ? -6.859  0.170   10.997  1.00 26.14  ? 4    GLU A OE2 1 
ATOM   32   N  N   . PHE A 1 5   ? -2.876  1.395   8.439   1.00 23.19  ? 5    PHE A N   1 
ATOM   33   C  CA  . PHE A 1 5   ? -1.978  1.361   7.297   1.00 22.65  ? 5    PHE A CA  1 
ATOM   34   C  C   . PHE A 1 5   ? -1.019  2.555   7.313   1.00 23.05  ? 5    PHE A C   1 
ATOM   35   O  O   . PHE A 1 5   ? 0.184   2.391   7.102   1.00 23.08  ? 5    PHE A O   1 
ATOM   36   C  CB  . PHE A 1 5   ? -2.797  1.335   6.002   1.00 21.50  ? 5    PHE A CB  1 
ATOM   37   C  CG  . PHE A 1 5   ? -1.983  1.052   4.766   1.00 20.85  ? 5    PHE A CG  1 
ATOM   38   C  CD1 . PHE A 1 5   ? -0.910  0.164   4.805   1.00 20.40  ? 5    PHE A CD1 1 
ATOM   39   C  CD2 . PHE A 1 5   ? -2.307  1.650   3.557   1.00 20.48  ? 5    PHE A CD2 1 
ATOM   40   C  CE1 . PHE A 1 5   ? -0.176  -0.121  3.656   1.00 20.60  ? 5    PHE A CE1 1 
ATOM   41   C  CE2 . PHE A 1 5   ? -1.578  1.370   2.401   1.00 20.74  ? 5    PHE A CE2 1 
ATOM   42   C  CZ  . PHE A 1 5   ? -0.510  0.482   2.454   1.00 20.43  ? 5    PHE A CZ  1 
ATOM   43   N  N   . GLY A 1 6   ? -1.548  3.748   7.577   1.00 22.96  ? 6    GLY A N   1 
ATOM   44   C  CA  . GLY A 1 6   ? -0.716  4.940   7.617   1.00 23.00  ? 6    GLY A CA  1 
ATOM   45   C  C   . GLY A 1 6   ? 0.331   4.893   8.716   1.00 23.25  ? 6    GLY A C   1 
ATOM   46   O  O   . GLY A 1 6   ? 1.459   5.345   8.533   1.00 23.64  ? 6    GLY A O   1 
ATOM   47   N  N   . LYS A 1 7   ? -0.049  4.347   9.863   1.00 23.54  ? 7    LYS A N   1 
ATOM   48   C  CA  . LYS A 1 7   ? 0.848   4.227   11.002  1.00 24.25  ? 7    LYS A CA  1 
ATOM   49   C  C   . LYS A 1 7   ? 1.955   3.228   10.679  1.00 23.95  ? 7    LYS A C   1 
ATOM   50   O  O   . LYS A 1 7   ? 3.109   3.415   11.056  1.00 23.72  ? 7    LYS A O   1 
ATOM   51   C  CB  . LYS A 1 7   ? 0.055   3.753   12.221  1.00 26.12  ? 7    LYS A CB  1 
ATOM   52   C  CG  . LYS A 1 7   ? 0.869   3.550   13.493  1.00 28.35  ? 7    LYS A CG  1 
ATOM   53   C  CD  . LYS A 1 7   ? -0.035  3.099   14.630  1.00 30.84  ? 7    LYS A CD  1 
ATOM   54   C  CE  . LYS A 1 7   ? 0.743   2.818   15.909  1.00 32.23  ? 7    LYS A CE  1 
ATOM   55   N  NZ  . LYS A 1 7   ? -0.172  2.337   16.988  1.00 34.35  ? 7    LYS A NZ  1 
ATOM   56   N  N   . MET A 1 8   ? 1.586   2.171   9.967   1.00 22.85  ? 8    MET A N   1 
ATOM   57   C  CA  . MET A 1 8   ? 2.516   1.120   9.576   1.00 22.88  ? 8    MET A CA  1 
ATOM   58   C  C   . MET A 1 8   ? 3.578   1.676   8.615   1.00 22.77  ? 8    MET A C   1 
ATOM   59   O  O   . MET A 1 8   ? 4.775   1.444   8.794   1.00 22.73  ? 8    MET A O   1 
ATOM   60   C  CB  . MET A 1 8   ? 1.719   -0.004  8.907   1.00 22.66  ? 8    MET A CB  1 
ATOM   61   C  CG  . MET A 1 8   ? 2.391   -1.349  8.872   1.00 23.93  ? 8    MET A CG  1 
ATOM   62   S  SD  . MET A 1 8   ? 1.306   -2.559  8.077   1.00 23.53  ? 8    MET A SD  1 
ATOM   63   C  CE  . MET A 1 8   ? 0.398   -3.180  9.487   1.00 22.46  ? 8    MET A CE  1 
ATOM   64   N  N   . ILE A 1 9   ? 3.121   2.404   7.598   1.00 21.90  ? 9    ILE A N   1 
ATOM   65   C  CA  . ILE A 1 9   ? 3.994   3.018   6.602   1.00 21.93  ? 9    ILE A CA  1 
ATOM   66   C  C   . ILE A 1 9   ? 4.978   3.999   7.256   1.00 22.20  ? 9    ILE A C   1 
ATOM   67   O  O   . ILE A 1 9   ? 6.182   3.964   6.992   1.00 21.47  ? 9    ILE A O   1 
ATOM   68   C  CB  . ILE A 1 9   ? 3.151   3.768   5.540   1.00 22.20  ? 9    ILE A CB  1 
ATOM   69   C  CG1 . ILE A 1 9   ? 2.285   2.759   4.773   1.00 22.08  ? 9    ILE A CG1 1 
ATOM   70   C  CG2 . ILE A 1 9   ? 4.059   4.545   4.584   1.00 21.35  ? 9    ILE A CG2 1 
ATOM   71   C  CD1 . ILE A 1 9   ? 1.292   3.392   3.814   1.00 22.97  ? 9    ILE A CD1 1 
ATOM   72   N  N   . LEU A 1 10  ? 4.457   4.873   8.110   1.00 22.20  ? 10   LEU A N   1 
ATOM   73   C  CA  . LEU A 1 10  ? 5.294   5.849   8.801   1.00 22.91  ? 10   LEU A CA  1 
ATOM   74   C  C   . LEU A 1 10  ? 6.383   5.160   9.626   1.00 23.01  ? 10   LEU A C   1 
ATOM   75   O  O   . LEU A 1 10  ? 7.544   5.562   9.577   1.00 22.66  ? 10   LEU A O   1 
ATOM   76   C  CB  . LEU A 1 10  ? 4.433   6.739   9.703   1.00 23.74  ? 10   LEU A CB  1 
ATOM   77   C  CG  . LEU A 1 10  ? 5.161   7.757   10.588  1.00 24.89  ? 10   LEU A CG  1 
ATOM   78   C  CD1 . LEU A 1 10  ? 5.996   8.705   9.730   1.00 24.87  ? 10   LEU A CD1 1 
ATOM   79   C  CD2 . LEU A 1 10  ? 4.135   8.530   11.400  1.00 25.25  ? 10   LEU A CD2 1 
ATOM   80   N  N   . GLU A 1 11  ? 6.013   4.123   10.378  1.00 23.10  ? 11   GLU A N   1 
ATOM   81   C  CA  . GLU A 1 11  ? 6.976   3.394   11.205  1.00 23.91  ? 11   GLU A CA  1 
ATOM   82   C  C   . GLU A 1 11  ? 8.035   2.706   10.345  1.00 24.20  ? 11   GLU A C   1 
ATOM   83   O  O   . GLU A 1 11  ? 9.233   2.731   10.647  1.00 23.83  ? 11   GLU A O   1 
ATOM   84   C  CB  . GLU A 1 11  ? 6.276   2.317   12.038  1.00 24.15  ? 11   GLU A CB  1 
ATOM   85   C  CG  . GLU A 1 11  ? 5.137   2.806   12.910  1.00 25.02  ? 11   GLU A CG  1 
ATOM   86   C  CD  . GLU A 1 11  ? 4.480   1.673   13.685  1.00 25.96  ? 11   GLU A CD  1 
ATOM   87   O  OE1 . GLU A 1 11  ? 4.383   0.553   13.144  1.00 24.61  ? 11   GLU A OE1 1 
ATOM   88   O  OE2 . GLU A 1 11  ? 4.044   1.906   14.829  1.00 26.72  ? 11   GLU A OE2 1 
ATOM   89   N  N   . GLU A 1 12  ? 7.577   2.088   9.268   1.00 24.33  ? 12   GLU A N   1 
ATOM   90   C  CA  . GLU A 1 12  ? 8.461   1.367   8.376   1.00 24.57  ? 12   GLU A CA  1 
ATOM   91   C  C   . GLU A 1 12  ? 9.387   2.245   7.538   1.00 24.40  ? 12   GLU A C   1 
ATOM   92   O  O   . GLU A 1 12  ? 10.591  1.999   7.477   1.00 24.40  ? 12   GLU A O   1 
ATOM   93   C  CB  . GLU A 1 12  ? 7.635   0.478   7.443   1.00 25.07  ? 12   GLU A CB  1 
ATOM   94   C  CG  . GLU A 1 12  ? 8.331   -0.816  7.046   1.00 25.86  ? 12   GLU A CG  1 
ATOM   95   C  CD  . GLU A 1 12  ? 8.481   -1.775  8.207   1.00 25.83  ? 12   GLU A CD  1 
ATOM   96   O  OE1 . GLU A 1 12  ? 9.152   -2.808  8.039   1.00 27.68  ? 12   GLU A OE1 1 
ATOM   97   O  OE2 . GLU A 1 12  ? 7.925   -1.507  9.290   1.00 26.19  ? 12   GLU A OE2 1 
ATOM   98   N  N   . THR A 1 13  ? 8.829   3.272   6.905   1.00 24.50  ? 13   THR A N   1 
ATOM   99   C  CA  . THR A 1 13  ? 9.604   4.136   6.019   1.00 24.82  ? 13   THR A CA  1 
ATOM   100  C  C   . THR A 1 13  ? 10.018  5.501   6.548   1.00 25.84  ? 13   THR A C   1 
ATOM   101  O  O   . THR A 1 13  ? 10.928  6.129   6.001   1.00 25.27  ? 13   THR A O   1 
ATOM   102  C  CB  . THR A 1 13  ? 8.836   4.396   4.726   1.00 24.28  ? 13   THR A CB  1 
ATOM   103  O  OG1 . THR A 1 13  ? 7.705   5.232   5.018   1.00 24.02  ? 13   THR A OG1 1 
ATOM   104  C  CG2 . THR A 1 13  ? 8.357   3.083   4.115   1.00 24.39  ? 13   THR A CG2 1 
ATOM   105  N  N   . GLY A 1 14  ? 9.341   5.977   7.586   1.00 26.55  ? 14   GLY A N   1 
ATOM   106  C  CA  . GLY A 1 14  ? 9.662   7.286   8.116   1.00 28.00  ? 14   GLY A CA  1 
ATOM   107  C  C   . GLY A 1 14  ? 8.912   8.349   7.334   1.00 29.33  ? 14   GLY A C   1 
ATOM   108  O  O   . GLY A 1 14  ? 8.953   9.528   7.682   1.00 29.92  ? 14   GLY A O   1 
ATOM   109  N  N   . LYS A 1 15  ? 8.223   7.934   6.272   1.00 29.87  ? 16   LYS A N   1 
ATOM   110  C  CA  . LYS A 1 15  ? 7.451   8.862   5.443   1.00 30.82  ? 16   LYS A CA  1 
ATOM   111  C  C   . LYS A 1 15  ? 5.971   8.825   5.812   1.00 31.28  ? 16   LYS A C   1 
ATOM   112  O  O   . LYS A 1 15  ? 5.442   7.778   6.183   1.00 30.78  ? 16   LYS A O   1 
ATOM   113  C  CB  . LYS A 1 15  ? 7.578   8.512   3.957   1.00 30.86  ? 16   LYS A CB  1 
ATOM   114  C  CG  . LYS A 1 15  ? 8.946   8.724   3.332   1.00 31.47  ? 16   LYS A CG  1 
ATOM   115  C  CD  . LYS A 1 15  ? 8.889   8.346   1.854   1.00 32.71  ? 16   LYS A CD  1 
ATOM   116  C  CE  . LYS A 1 15  ? 10.221  8.524   1.155   1.00 33.45  ? 16   LYS A CE  1 
ATOM   117  N  NZ  . LYS A 1 15  ? 10.628  9.952   1.114   1.00 34.86  ? 16   LYS A NZ  1 
ATOM   118  N  N   . LEU A 1 16  ? 5.307   9.971   5.705   1.00 31.61  ? 17   LEU A N   1 
ATOM   119  C  CA  . LEU A 1 16  ? 3.883   10.054  6.002   1.00 32.32  ? 17   LEU A CA  1 
ATOM   120  C  C   . LEU A 1 16  ? 3.109   9.570   4.777   1.00 32.45  ? 17   LEU A C   1 
ATOM   121  O  O   . LEU A 1 16  ? 3.393   9.990   3.651   1.00 32.11  ? 17   LEU A O   1 
ATOM   122  C  CB  . LEU A 1 16  ? 3.499   11.500  6.339   1.00 33.08  ? 17   LEU A CB  1 
ATOM   123  C  CG  . LEU A 1 16  ? 4.049   12.035  7.666   1.00 33.98  ? 17   LEU A CG  1 
ATOM   124  C  CD1 . LEU A 1 16  ? 3.951   13.552  7.718   1.00 34.53  ? 17   LEU A CD1 1 
ATOM   125  C  CD2 . LEU A 1 16  ? 3.277   11.406  8.810   1.00 34.26  ? 17   LEU A CD2 1 
ATOM   126  N  N   . ALA A 1 17  ? 2.143   8.677   5.000   1.00 32.51  ? 18   ALA A N   1 
ATOM   127  C  CA  . ALA A 1 17  ? 1.324   8.131   3.919   1.00 32.77  ? 18   ALA A CA  1 
ATOM   128  C  C   . ALA A 1 17  ? 0.858   9.257   3.007   1.00 33.23  ? 18   ALA A C   1 
ATOM   129  O  O   . ALA A 1 17  ? 0.972   9.169   1.783   1.00 33.36  ? 18   ALA A O   1 
ATOM   130  C  CB  . ALA A 1 17  ? 0.134   7.390   4.493   1.00 32.81  ? 18   ALA A CB  1 
ATOM   131  N  N   . ILE A 1 18  ? 0.316   10.306  3.615   1.00 33.48  ? 19   ILE A N   1 
ATOM   132  C  CA  . ILE A 1 18  ? -0.132  11.485  2.880   1.00 34.08  ? 19   ILE A CA  1 
ATOM   133  C  C   . ILE A 1 18  ? 0.953   12.517  3.181   1.00 33.69  ? 19   ILE A C   1 
ATOM   134  O  O   . ILE A 1 18  ? 1.249   12.778  4.344   1.00 34.06  ? 19   ILE A O   1 
ATOM   135  C  CB  . ILE A 1 18  ? -1.477  12.033  3.429   1.00 34.91  ? 19   ILE A CB  1 
ATOM   136  C  CG1 . ILE A 1 18  ? -2.528  10.926  3.483   1.00 35.46  ? 19   ILE A CG1 1 
ATOM   137  C  CG2 . ILE A 1 18  ? -1.970  13.174  2.548   1.00 35.07  ? 19   ILE A CG2 1 
ATOM   138  C  CD1 . ILE A 1 18  ? -3.003  10.459  2.131   1.00 36.78  ? 19   ILE A CD1 1 
ATOM   139  N  N   . PRO A 1 19  ? 1.547   13.132  2.148   1.00 33.47  ? 20   PRO A N   1 
ATOM   140  C  CA  . PRO A 1 19  ? 1.314   12.973  0.711   1.00 33.02  ? 20   PRO A CA  1 
ATOM   141  C  C   . PRO A 1 19  ? 2.437   12.215  0.002   1.00 32.41  ? 20   PRO A C   1 
ATOM   142  O  O   . PRO A 1 19  ? 2.660   12.421  -1.190  1.00 32.90  ? 20   PRO A O   1 
ATOM   143  C  CB  . PRO A 1 19  ? 1.274   14.407  0.245   1.00 33.47  ? 20   PRO A CB  1 
ATOM   144  C  CG  . PRO A 1 19  ? 2.482   14.951  0.974   1.00 33.38  ? 20   PRO A CG  1 
ATOM   145  C  CD  . PRO A 1 19  ? 2.352   14.345  2.387   1.00 33.26  ? 20   PRO A CD  1 
ATOM   146  N  N   . SER A 1 20  ? 3.153   11.361  0.722   1.00 31.16  ? 21   SER A N   1 
ATOM   147  C  CA  . SER A 1 20  ? 4.249   10.617  0.113   1.00 30.50  ? 21   SER A CA  1 
ATOM   148  C  C   . SER A 1 20  ? 3.800   9.434   -0.737  1.00 29.83  ? 21   SER A C   1 
ATOM   149  O  O   . SER A 1 20  ? 4.382   9.166   -1.787  1.00 29.60  ? 21   SER A O   1 
ATOM   150  C  CB  . SER A 1 20  ? 5.211   10.120  1.190   1.00 30.75  ? 21   SER A CB  1 
ATOM   151  O  OG  . SER A 1 20  ? 5.904   11.199  1.783   1.00 31.55  ? 21   SER A OG  1 
ATOM   152  N  N   . TYR A 1 21  ? 2.762   8.736   -0.289  1.00 29.09  ? 22   TYR A N   1 
ATOM   153  C  CA  . TYR A 1 21  ? 2.296   7.548   -0.992  1.00 28.79  ? 22   TYR A CA  1 
ATOM   154  C  C   . TYR A 1 21  ? 0.859   7.633   -1.511  1.00 28.93  ? 22   TYR A C   1 
ATOM   155  O  O   . TYR A 1 21  ? 0.396   6.690   -2.167  1.00 30.23  ? 22   TYR A O   1 
ATOM   156  C  CB  . TYR A 1 21  ? 2.481   6.325   -0.114  1.00 27.98  ? 22   TYR A CB  1 
ATOM   157  C  CG  . TYR A 1 21  ? 3.932   5.968   0.083   1.00 27.94  ? 22   TYR A CG  1 
ATOM   158  C  CD1 . TYR A 1 21  ? 4.696   5.391   -0.931  1.00 27.23  ? 22   TYR A CD1 1 
ATOM   159  C  CD2 . TYR A 1 21  ? 4.539   6.206   1.315   1.00 27.47  ? 22   TYR A CD2 1 
ATOM   160  C  CE1 . TYR A 1 21  ? 6.029   5.057   -0.721  1.00 27.26  ? 22   TYR A CE1 1 
ATOM   161  C  CE2 . TYR A 1 21  ? 5.870   5.879   1.536   1.00 27.61  ? 22   TYR A CE2 1 
ATOM   162  C  CZ  . TYR A 1 21  ? 6.609   5.303   0.514   1.00 27.21  ? 22   TYR A CZ  1 
ATOM   163  O  OH  . TYR A 1 21  ? 7.920   4.966   0.733   1.00 26.43  ? 22   TYR A OH  1 
ATOM   164  N  N   . SER A 1 22  ? 0.157   8.738   -1.274  1.00 28.72  ? 23   SER A N   1 
ATOM   165  C  CA  . SER A 1 22  ? -1.258  8.836   -1.669  1.00 28.55  ? 23   SER A CA  1 
ATOM   166  C  C   . SER A 1 22  ? -1.515  9.317   -3.092  1.00 28.42  ? 23   SER A C   1 
ATOM   167  O  O   . SER A 1 22  ? -2.624  9.181   -3.604  1.00 28.73  ? 23   SER A O   1 
ATOM   168  C  CB  . SER A 1 22  ? -1.999  9.739   -0.682  1.00 28.61  ? 23   SER A CB  1 
ATOM   169  O  OG  . SER A 1 22  ? -1.405  11.023  -0.615  1.00 28.33  ? 23   SER A OG  1 
ATOM   170  N  N   . SER A 1 23  ? -0.495  9.880   -3.726  1.00 28.28  ? 24   SER A N   1 
ATOM   171  C  CA  . SER A 1 23  ? -0.626  10.374  -5.090  1.00 28.15  ? 24   SER A CA  1 
ATOM   172  C  C   . SER A 1 23  ? 0.653   10.081  -5.861  1.00 27.57  ? 24   SER A C   1 
ATOM   173  O  O   . SER A 1 23  ? 1.089   10.881  -6.690  1.00 27.91  ? 24   SER A O   1 
ATOM   174  C  CB  . SER A 1 23  ? -0.888  11.880  -5.081  1.00 29.02  ? 24   SER A CB  1 
ATOM   175  O  OG  . SER A 1 23  ? 0.151   12.568  -4.405  1.00 30.81  ? 24   SER A OG  1 
ATOM   176  N  N   . TYR A 1 24  ? 1.234   8.917   -5.595  1.00 25.82  ? 25   TYR A N   1 
ATOM   177  C  CA  . TYR A 1 24  ? 2.477   8.511   -6.232  1.00 24.90  ? 25   TYR A CA  1 
ATOM   178  C  C   . TYR A 1 24  ? 2.272   7.561   -7.411  1.00 24.69  ? 25   TYR A C   1 
ATOM   179  O  O   . TYR A 1 24  ? 1.563   6.560   -7.306  1.00 25.52  ? 25   TYR A O   1 
ATOM   180  C  CB  . TYR A 1 24  ? 3.380   7.863   -5.177  1.00 24.03  ? 25   TYR A CB  1 
ATOM   181  C  CG  . TYR A 1 24  ? 4.797   7.568   -5.620  1.00 23.37  ? 25   TYR A CG  1 
ATOM   182  C  CD1 . TYR A 1 24  ? 5.079   6.504   -6.480  1.00 23.00  ? 25   TYR A CD1 1 
ATOM   183  C  CD2 . TYR A 1 24  ? 5.863   8.337   -5.150  1.00 23.07  ? 25   TYR A CD2 1 
ATOM   184  C  CE1 . TYR A 1 24  ? 6.393   6.208   -6.856  1.00 23.09  ? 25   TYR A CE1 1 
ATOM   185  C  CE2 . TYR A 1 24  ? 7.177   8.054   -5.522  1.00 23.33  ? 25   TYR A CE2 1 
ATOM   186  C  CZ  . TYR A 1 24  ? 7.435   6.987   -6.374  1.00 23.10  ? 25   TYR A CZ  1 
ATOM   187  O  OH  . TYR A 1 24  ? 8.730   6.713   -6.739  1.00 22.46  ? 25   TYR A OH  1 
ATOM   188  N  N   . GLY A 1 25  ? 2.897   7.887   -8.537  1.00 24.28  ? 26   GLY A N   1 
ATOM   189  C  CA  . GLY A 1 25  ? 2.803   7.047   -9.716  1.00 23.85  ? 26   GLY A CA  1 
ATOM   190  C  C   . GLY A 1 25  ? 1.406   6.833   -10.260 1.00 23.71  ? 26   GLY A C   1 
ATOM   191  O  O   . GLY A 1 25  ? 0.569   7.728   -10.215 1.00 23.89  ? 26   GLY A O   1 
ATOM   192  N  N   . CYS A 1 26  ? 1.157   5.629   -10.768 1.00 23.19  ? 27   CYS A N   1 
ATOM   193  C  CA  . CYS A 1 26  ? -0.130  5.273   -11.346 1.00 22.83  ? 27   CYS A CA  1 
ATOM   194  C  C   . CYS A 1 26  ? -1.037  4.458   -10.441 1.00 23.20  ? 27   CYS A C   1 
ATOM   195  O  O   . CYS A 1 26  ? -2.239  4.362   -10.701 1.00 23.10  ? 27   CYS A O   1 
ATOM   196  C  CB  . CYS A 1 26  ? 0.089   4.493   -12.638 1.00 23.42  ? 27   CYS A CB  1 
ATOM   197  S  SG  . CYS A 1 26  ? 0.937   5.472   -13.909 1.00 24.88  ? 27   CYS A SG  1 
ATOM   198  N  N   . TYR A 1 27  ? -0.541  3.841   -9.333  1.00 22.83  ? 28   TYR A N   1 
ATOM   199  C  CA  . TYR A 1 27  ? -1.420  2.951   -8.483  1.00 23.28  ? 28   TYR A CA  1 
ATOM   200  C  C   . TYR A 1 27  ? -1.550  3.376   -7.003  1.00 24.18  ? 28   TYR A C   1 
ATOM   201  O  O   . TYR A 1 27  ? -2.531  3.068   -6.328  1.00 23.85  ? 28   TYR A O   1 
ATOM   202  C  CB  . TYR A 1 27  ? -0.923  1.511   -8.559  1.00 21.74  ? 28   TYR A CB  1 
ATOM   203  C  CG  . TYR A 1 27  ? -1.396  0.915   -9.850  1.00 21.80  ? 28   TYR A CG  1 
ATOM   204  C  CD1 . TYR A 1 27  ? -0.662  1.144   -11.012 1.00 21.02  ? 28   TYR A CD1 1 
ATOM   205  C  CD2 . TYR A 1 27  ? -2.554  0.170   -9.939  1.00 20.89  ? 28   TYR A CD2 1 
ATOM   206  C  CE1 . TYR A 1 27  ? -1.074  0.648   -12.235 1.00 21.91  ? 28   TYR A CE1 1 
ATOM   207  C  CE2 . TYR A 1 27  ? -3.000  -0.311  -11.160 1.00 21.96  ? 28   TYR A CE2 1 
ATOM   208  C  CZ  . TYR A 1 27  ? -2.257  -0.067  -12.306 1.00 22.18  ? 28   TYR A CZ  1 
ATOM   209  O  OH  . TYR A 1 27  ? -2.713  -0.525  -13.520 1.00 23.33  ? 28   TYR A OH  1 
ATOM   210  N  N   . CYS A 1 28  ? -0.543  4.103   -6.525  1.00 24.85  ? 29   CYS A N   1 
ATOM   211  C  CA  . CYS A 1 28  ? -0.528  4.670   -5.153  1.00 27.14  ? 29   CYS A CA  1 
ATOM   212  C  C   . CYS A 1 28  ? -1.413  5.887   -5.138  1.00 30.01  ? 29   CYS A C   1 
ATOM   213  O  O   . CYS A 1 28  ? -0.981  7.011   -5.397  1.00 30.80  ? 29   CYS A O   1 
ATOM   214  C  CB  . CYS A 1 28  ? 0.896   5.047   -4.709  1.00 25.01  ? 29   CYS A CB  1 
ATOM   215  S  SG  . CYS A 1 28  ? 2.137   3.732   -4.946  1.00 22.32  ? 29   CYS A SG  1 
ATOM   216  N  N   . GLY A 1 29  ? -2.658  5.627   -4.848  1.00 32.37  ? 30   GLY A N   1 
ATOM   217  C  CA  . GLY A 1 29  ? -3.693  6.621   -4.856  1.00 35.71  ? 30   GLY A CA  1 
ATOM   218  C  C   . GLY A 1 29  ? -4.995  5.975   -5.334  1.00 37.81  ? 30   GLY A C   1 
ATOM   219  O  O   . GLY A 1 29  ? -5.136  4.754   -5.315  1.00 38.25  ? 30   GLY A O   1 
ATOM   220  N  N   . TRP A 1 30  ? -5.952  6.793   -5.741  1.00 40.22  ? 31   TRP A N   1 
ATOM   221  C  CA  . TRP A 1 30  ? -7.264  6.279   -6.156  1.00 41.75  ? 31   TRP A CA  1 
ATOM   222  C  C   . TRP A 1 30  ? -7.218  5.428   -7.402  1.00 41.53  ? 31   TRP A C   1 
ATOM   223  O  O   . TRP A 1 30  ? -6.680  5.848   -8.427  1.00 42.01  ? 31   TRP A O   1 
ATOM   224  C  CB  . TRP A 1 30  ? -8.224  7.430   -6.395  1.00 44.29  ? 31   TRP A CB  1 
ATOM   225  C  CG  . TRP A 1 30  ? -9.661  7.035   -6.210  1.00 46.47  ? 31   TRP A CG  1 
ATOM   226  C  CD1 . TRP A 1 30  ? -10.409 6.225   -7.022  1.00 47.46  ? 31   TRP A CD1 1 
ATOM   227  C  CD2 . TRP A 1 30  ? -10.517 7.423   -5.132  1.00 47.69  ? 31   TRP A CD2 1 
ATOM   228  N  NE1 . TRP A 1 30  ? -11.680 6.087   -6.512  1.00 48.20  ? 31   TRP A NE1 1 
ATOM   229  C  CE2 . TRP A 1 30  ? -11.773 6.813   -5.352  1.00 48.12  ? 31   TRP A CE2 1 
ATOM   230  C  CE3 . TRP A 1 30  ? -10.344 8.229   -3.996  1.00 48.23  ? 31   TRP A CE3 1 
ATOM   231  C  CZ2 . TRP A 1 30  ? -12.853 6.983   -4.478  1.00 48.69  ? 31   TRP A CZ2 1 
ATOM   232  C  CZ3 . TRP A 1 30  ? -11.417 8.399   -3.126  1.00 48.64  ? 31   TRP A CZ3 1 
ATOM   233  C  CH2 . TRP A 1 30  ? -12.657 7.777   -3.373  1.00 48.94  ? 31   TRP A CH2 1 
ATOM   234  N  N   . GLY A 1 31  ? -7.780  4.231   -7.332  1.00 41.27  ? 32   GLY A N   1 
ATOM   235  C  CA  . GLY A 1 31  ? -7.802  3.327   -8.457  1.00 40.66  ? 32   GLY A CA  1 
ATOM   236  C  C   . GLY A 1 31  ? -6.400  3.106   -9.011  1.00 40.10  ? 32   GLY A C   1 
ATOM   237  O  O   . GLY A 1 31  ? -5.433  3.070   -8.252  1.00 39.77  ? 32   GLY A O   1 
ATOM   238  N  N   . GLY A 1 32  ? -6.314  2.955   -10.324 1.00 39.75  ? 33   GLY A N   1 
ATOM   239  C  CA  . GLY A 1 32  ? -5.061  2.755   -10.972 1.00 39.08  ? 33   GLY A CA  1 
ATOM   240  C  C   . GLY A 1 32  ? -5.289  2.277   -12.403 1.00 38.73  ? 33   GLY A C   1 
ATOM   241  O  O   . GLY A 1 32  ? -6.270  1.584   -12.676 1.00 39.01  ? 33   GLY A O   1 
ATOM   242  N  N   . LYS A 1 33  ? -4.406  2.658   -13.301 1.00 38.15  ? 34   LYS A N   1 
ATOM   243  C  CA  . LYS A 1 33  ? -4.449  2.281   -14.707 1.00 37.96  ? 34   LYS A CA  1 
ATOM   244  C  C   . LYS A 1 33  ? -3.038  2.256   -15.209 1.00 36.59  ? 34   LYS A C   1 
ATOM   245  O  O   . LYS A 1 33  ? -2.141  2.778   -14.559 1.00 36.02  ? 34   LYS A O   1 
ATOM   246  C  CB  . LYS A 1 33  ? -5.254  3.281   -15.541 1.00 39.64  ? 34   LYS A CB  1 
ATOM   247  C  CG  . LYS A 1 33  ? -6.763  3.208   -15.366 1.00 41.98  ? 34   LYS A CG  1 
ATOM   248  C  CD  . LYS A 1 33  ? -7.468  4.092   -16.379 1.00 43.45  ? 34   LYS A CD  1 
ATOM   249  C  CE  . LYS A 1 33  ? -8.983  3.941   -16.323 1.00 43.99  ? 34   LYS A CE  1 
ATOM   250  N  NZ  . LYS A 1 33  ? -9.666  4.718   -17.396 1.00 45.06  ? 34   LYS A NZ  1 
ATOM   251  N  N   . GLY A 1 34  ? -2.828  1.629   -16.356 1.00 35.30  ? 35   GLY A N   1 
ATOM   252  C  CA  . GLY A 1 34  ? -1.508  1.598   -16.949 1.00 34.38  ? 35   GLY A CA  1 
ATOM   253  C  C   . GLY A 1 34  ? -0.467  0.745   -16.258 1.00 33.36  ? 35   GLY A C   1 
ATOM   254  O  O   . GLY A 1 34  ? -0.776  -0.090  -15.408 1.00 33.35  ? 35   GLY A O   1 
ATOM   255  N  N   . THR A 1 35  ? 0.783   0.975   -16.639 1.00 32.60  ? 36   THR A N   1 
ATOM   256  C  CA  . THR A 1 35  ? 1.926   0.248   -16.112 1.00 31.91  ? 36   THR A CA  1 
ATOM   257  C  C   . THR A 1 35  ? 2.579   0.986   -14.947 1.00 30.90  ? 36   THR A C   1 
ATOM   258  O  O   . THR A 1 35  ? 2.821   2.194   -15.025 1.00 30.57  ? 36   THR A O   1 
ATOM   259  C  CB  . THR A 1 35  ? 2.984   0.061   -17.210 1.00 32.50  ? 36   THR A CB  1 
ATOM   260  O  OG1 . THR A 1 35  ? 2.345   -0.395  -18.408 1.00 33.83  ? 36   THR A OG1 1 
ATOM   261  C  CG2 . THR A 1 35  ? 4.032   -0.958  -16.779 1.00 33.47  ? 36   THR A CG2 1 
ATOM   262  N  N   . PRO A 1 36  ? 2.865   0.271   -13.846 1.00 29.74  ? 37   PRO A N   1 
ATOM   263  C  CA  . PRO A 1 36  ? 3.500   0.909   -12.689 1.00 28.77  ? 37   PRO A CA  1 
ATOM   264  C  C   . PRO A 1 36  ? 4.803   1.574   -13.133 1.00 28.30  ? 37   PRO A C   1 
ATOM   265  O  O   . PRO A 1 36  ? 5.591   0.981   -13.871 1.00 27.32  ? 37   PRO A O   1 
ATOM   266  C  CB  . PRO A 1 36  ? 3.731   -0.261  -11.737 1.00 28.73  ? 37   PRO A CB  1 
ATOM   267  C  CG  . PRO A 1 36  ? 2.538   -1.141  -12.018 1.00 29.10  ? 37   PRO A CG  1 
ATOM   268  C  CD  . PRO A 1 36  ? 2.481   -1.119  -13.538 1.00 29.60  ? 37   PRO A CD  1 
ATOM   269  N  N   . LYS A 1 37  ? 5.020   2.801   -12.673 1.00 27.32  ? 38   LYS A N   1 
ATOM   270  C  CA  . LYS A 1 37  ? 6.196   3.581   -13.036 1.00 26.57  ? 38   LYS A CA  1 
ATOM   271  C  C   . LYS A 1 37  ? 7.527   3.069   -12.487 1.00 25.53  ? 38   LYS A C   1 
ATOM   272  O  O   . LYS A 1 37  ? 8.566   3.227   -13.128 1.00 25.05  ? 38   LYS A O   1 
ATOM   273  C  CB  . LYS A 1 37  ? 5.991   5.033   -12.601 1.00 27.44  ? 38   LYS A CB  1 
ATOM   274  C  CG  . LYS A 1 37  ? 4.742   5.694   -13.184 1.00 28.56  ? 38   LYS A CG  1 
ATOM   275  C  CD  . LYS A 1 37  ? 4.984   6.256   -14.582 1.00 30.46  ? 38   LYS A CD  1 
ATOM   276  C  CE  . LYS A 1 37  ? 5.234   5.185   -15.623 1.00 31.36  ? 38   LYS A CE  1 
ATOM   277  N  NZ  . LYS A 1 37  ? 5.623   5.769   -16.941 1.00 32.46  ? 38   LYS A NZ  1 
ATOM   278  N  N   . ASP A 1 38  ? 7.499   2.472   -11.300 1.00 23.77  ? 39   ASP A N   1 
ATOM   279  C  CA  . ASP A 1 38  ? 8.720   1.956   -10.693 1.00 22.36  ? 39   ASP A CA  1 
ATOM   280  C  C   . ASP A 1 38  ? 8.399   0.939   -9.598  1.00 21.77  ? 39   ASP A C   1 
ATOM   281  O  O   . ASP A 1 38  ? 7.239   0.551   -9.422  1.00 21.07  ? 39   ASP A O   1 
ATOM   282  C  CB  . ASP A 1 38  ? 9.549   3.111   -10.118 1.00 22.15  ? 39   ASP A CB  1 
ATOM   283  C  CG  . ASP A 1 38  ? 8.847   3.825   -8.983  1.00 22.42  ? 39   ASP A CG  1 
ATOM   284  O  OD1 . ASP A 1 38  ? 7.687   3.469   -8.691  1.00 22.33  ? 39   ASP A OD1 1 
ATOM   285  O  OD2 . ASP A 1 38  ? 9.455   4.740   -8.383  1.00 21.98  ? 39   ASP A OD2 1 
ATOM   286  N  N   . ALA A 1 39  ? 9.428   0.512   -8.869  1.00 19.92  ? 40   ALA A N   1 
ATOM   287  C  CA  . ALA A 1 39  ? 9.263   -0.472  -7.803  1.00 19.31  ? 40   ALA A CA  1 
ATOM   288  C  C   . ALA A 1 39  ? 8.216   -0.058  -6.768  1.00 18.43  ? 40   ALA A C   1 
ATOM   289  O  O   . ALA A 1 39  ? 7.366   -0.858  -6.391  1.00 18.21  ? 40   ALA A O   1 
ATOM   290  C  CB  . ALA A 1 39  ? 10.603  -0.731  -7.119  1.00 18.65  ? 40   ALA A CB  1 
ATOM   291  N  N   . THR A 1 40  ? 8.288   1.185   -6.301  1.00 18.16  ? 41   THR A N   1 
ATOM   292  C  CA  . THR A 1 40  ? 7.329   1.685   -5.317  1.00 17.74  ? 41   THR A CA  1 
ATOM   293  C  C   . THR A 1 40  ? 5.899   1.652   -5.852  1.00 17.47  ? 41   THR A C   1 
ATOM   294  O  O   . THR A 1 40  ? 4.971   1.290   -5.131  1.00 16.96  ? 41   THR A O   1 
ATOM   295  C  CB  . THR A 1 40  ? 7.670   3.122   -4.886  1.00 17.59  ? 41   THR A CB  1 
ATOM   296  O  OG1 . THR A 1 40  ? 8.866   3.102   -4.105  1.00 18.07  ? 41   THR A OG1 1 
ATOM   297  C  CG2 . THR A 1 40  ? 6.537   3.726   -4.060  1.00 17.94  ? 41   THR A CG2 1 
ATOM   298  N  N   . ASP A 1 41  ? 5.731   2.023   -7.117  1.00 17.44  ? 42   ASP A N   1 
ATOM   299  C  CA  . ASP A 1 41  ? 4.418   2.022   -7.746  1.00 18.28  ? 42   ASP A CA  1 
ATOM   300  C  C   . ASP A 1 41  ? 3.951   0.574   -7.917  1.00 18.85  ? 42   ASP A C   1 
ATOM   301  O  O   . ASP A 1 41  ? 2.749   0.293   -7.902  1.00 17.68  ? 42   ASP A O   1 
ATOM   302  C  CB  . ASP A 1 41  ? 4.486   2.737   -9.106  1.00 18.54  ? 42   ASP A CB  1 
ATOM   303  C  CG  . ASP A 1 41  ? 3.127   3.234   -9.586  1.00 18.90  ? 42   ASP A CG  1 
ATOM   304  O  OD1 . ASP A 1 41  ? 2.175   3.297   -8.775  1.00 19.42  ? 42   ASP A OD1 1 
ATOM   305  O  OD2 . ASP A 1 41  ? 3.011   3.576   -10.779 1.00 19.31  ? 42   ASP A OD2 1 
ATOM   306  N  N   . ARG A 1 42  ? 4.905   -0.346  -8.082  1.00 19.36  ? 43   ARG A N   1 
ATOM   307  C  CA  . ARG A 1 42  ? 4.553   -1.753  -8.226  1.00 19.99  ? 43   ARG A CA  1 
ATOM   308  C  C   . ARG A 1 42  ? 4.033   -2.264  -6.885  1.00 19.11  ? 43   ARG A C   1 
ATOM   309  O  O   . ARG A 1 42  ? 3.151   -3.114  -6.840  1.00 19.51  ? 43   ARG A O   1 
ATOM   310  C  CB  . ARG A 1 42  ? 5.757   -2.593  -8.694  1.00 21.24  ? 43   ARG A CB  1 
ATOM   311  C  CG  . ARG A 1 42  ? 6.068   -2.444  -10.186 1.00 24.40  ? 43   ARG A CG  1 
ATOM   312  C  CD  . ARG A 1 42  ? 6.988   -3.558  -10.701 1.00 26.41  ? 43   ARG A CD  1 
ATOM   313  N  NE  . ARG A 1 42  ? 8.393   -3.369  -10.340 1.00 28.08  ? 43   ARG A NE  1 
ATOM   314  C  CZ  . ARG A 1 42  ? 9.197   -2.466  -10.899 1.00 29.73  ? 43   ARG A CZ  1 
ATOM   315  N  NH1 . ARG A 1 42  ? 8.737   -1.660  -11.849 1.00 30.36  ? 43   ARG A NH1 1 
ATOM   316  N  NH2 . ARG A 1 42  ? 10.465  -2.373  -10.521 1.00 29.51  ? 43   ARG A NH2 1 
ATOM   317  N  N   . CYS A 1 43  ? 4.575   -1.736  -5.790  1.00 18.85  ? 44   CYS A N   1 
ATOM   318  C  CA  . CYS A 1 43  ? 4.120   -2.133  -4.463  1.00 18.43  ? 44   CYS A CA  1 
ATOM   319  C  C   . CYS A 1 43  ? 2.638   -1.807  -4.317  1.00 18.34  ? 44   CYS A C   1 
ATOM   320  O  O   . CYS A 1 43  ? 1.875   -2.597  -3.766  1.00 18.15  ? 44   CYS A O   1 
ATOM   321  C  CB  . CYS A 1 43  ? 4.872   -1.379  -3.366  1.00 19.03  ? 44   CYS A CB  1 
ATOM   322  S  SG  . CYS A 1 43  ? 6.653   -1.689  -3.181  1.00 20.06  ? 44   CYS A SG  1 
ATOM   323  N  N   . CYS A 1 44  ? 2.239   -0.628  -4.793  1.00 18.66  ? 45   CYS A N   1 
ATOM   324  C  CA  . CYS A 1 44  ? 0.845   -0.205  -4.707  1.00 18.50  ? 45   CYS A CA  1 
ATOM   325  C  C   . CYS A 1 44  ? -0.029  -1.038  -5.639  1.00 18.64  ? 45   CYS A C   1 
ATOM   326  O  O   . CYS A 1 44  ? -1.185  -1.332  -5.328  1.00 18.22  ? 45   CYS A O   1 
ATOM   327  C  CB  . CYS A 1 44  ? 0.719   1.287   -5.034  1.00 19.33  ? 45   CYS A CB  1 
ATOM   328  S  SG  . CYS A 1 44  ? 1.595   2.334   -3.832  1.00 20.68  ? 45   CYS A SG  1 
ATOM   329  N  N   . PHE A 1 45  ? 0.525   -1.425  -6.781  1.00 18.36  ? 46   PHE A N   1 
ATOM   330  C  CA  . PHE A 1 45  ? -0.214  -2.250  -7.731  1.00 19.06  ? 46   PHE A CA  1 
ATOM   331  C  C   . PHE A 1 45  ? -0.565  -3.578  -7.057  1.00 18.07  ? 46   PHE A C   1 
ATOM   332  O  O   . PHE A 1 45  ? -1.718  -4.008  -7.071  1.00 18.50  ? 46   PHE A O   1 
ATOM   333  C  CB  . PHE A 1 45  ? 0.631   -2.532  -8.975  1.00 19.56  ? 46   PHE A CB  1 
ATOM   334  C  CG  . PHE A 1 45  ? -0.019  -3.490  -9.927  1.00 21.18  ? 46   PHE A CG  1 
ATOM   335  C  CD1 . PHE A 1 45  ? -1.120  -3.099  -10.678 1.00 20.93  ? 46   PHE A CD1 1 
ATOM   336  C  CD2 . PHE A 1 45  ? 0.429   -4.805  -10.024 1.00 21.35  ? 46   PHE A CD2 1 
ATOM   337  C  CE1 . PHE A 1 45  ? -1.774  -4.005  -11.509 1.00 21.80  ? 46   PHE A CE1 1 
ATOM   338  C  CE2 . PHE A 1 45  ? -0.220  -5.718  -10.854 1.00 21.97  ? 46   PHE A CE2 1 
ATOM   339  C  CZ  . PHE A 1 45  ? -1.323  -5.316  -11.595 1.00 21.58  ? 46   PHE A CZ  1 
ATOM   340  N  N   . VAL A 1 46  ? 0.439   -4.225  -6.474  1.00 17.45  ? 47   VAL A N   1 
ATOM   341  C  CA  . VAL A 1 46  ? 0.232   -5.492  -5.784  1.00 16.98  ? 47   VAL A CA  1 
ATOM   342  C  C   . VAL A 1 46  ? -0.727  -5.315  -4.600  1.00 16.71  ? 47   VAL A C   1 
ATOM   343  O  O   . VAL A 1 46  ? -1.572  -6.167  -4.352  1.00 16.27  ? 47   VAL A O   1 
ATOM   344  C  CB  . VAL A 1 46  ? 1.570   -6.072  -5.287  1.00 17.61  ? 47   VAL A CB  1 
ATOM   345  C  CG1 . VAL A 1 46  ? 1.323   -7.309  -4.433  1.00 16.89  ? 47   VAL A CG1 1 
ATOM   346  C  CG2 . VAL A 1 46  ? 2.454   -6.419  -6.484  1.00 16.88  ? 47   VAL A CG2 1 
ATOM   347  N  N   . HIS A 1 47  ? -0.593  -4.201  -3.882  1.00 16.06  ? 48   HIS A N   1 
ATOM   348  C  CA  . HIS A 1 47  ? -1.459  -3.901  -2.743  1.00 15.63  ? 48   HIS A CA  1 
ATOM   349  C  C   . HIS A 1 47  ? -2.906  -3.762  -3.228  1.00 15.83  ? 48   HIS A C   1 
ATOM   350  O  O   . HIS A 1 47  ? -3.822  -4.283  -2.590  1.00 15.43  ? 48   HIS A O   1 
ATOM   351  C  CB  . HIS A 1 47  ? -0.980  -2.611  -2.085  1.00 15.41  ? 48   HIS A CB  1 
ATOM   352  C  CG  . HIS A 1 47  ? -1.746  -2.269  -0.809  1.00 15.70  ? 48   HIS A CG  1 
ATOM   353  N  ND1 . HIS A 1 47  ? -2.669  -1.245  -0.751  1.00 14.97  ? 48   HIS A ND1 1 
ATOM   354  C  CD2 . HIS A 1 47  ? -1.732  -2.835  0.424   1.00 14.96  ? 48   HIS A CD2 1 
ATOM   355  C  CE1 . HIS A 1 47  ? -3.189  -1.194  0.465   1.00 15.80  ? 48   HIS A CE1 1 
ATOM   356  N  NE2 . HIS A 1 47  ? -2.638  -2.147  1.197   1.00 15.25  ? 48   HIS A NE2 1 
ATOM   357  N  N   . ASP A 1 48  ? -3.076  -3.021  -4.338  1.00 16.10  ? 49   ASP A N   1 
ATOM   358  C  CA  . ASP A 1 48  ? -4.393  -2.848  -4.952  1.00 17.08  ? 49   ASP A CA  1 
ATOM   359  C  C   . ASP A 1 48  ? -5.018  -4.245  -5.261  1.00 17.26  ? 49   ASP A C   1 
ATOM   360  O  O   . ASP A 1 48  ? -6.205  -4.483  -5.031  1.00 17.03  ? 49   ASP A O   1 
ATOM   361  C  CB  . ASP A 1 48  ? -4.290  -2.032  -6.248  1.00 18.68  ? 49   ASP A CB  1 
ATOM   362  C  CG  . ASP A 1 48  ? -4.381  -0.528  -6.106  1.00 20.80  ? 49   ASP A CG  1 
ATOM   363  O  OD1 . ASP A 1 48  ? -4.186  -0.031  -4.982  1.00 21.99  ? 49   ASP A OD1 1 
ATOM   364  O  OD2 . ASP A 1 48  ? -4.645  0.160   -7.112  1.00 21.61  ? 49   ASP A OD2 1 
ATOM   365  N  N   . CYS A 1 49  ? -4.186  -5.179  -5.827  1.00 17.22  ? 50   CYS A N   1 
ATOM   366  C  CA  . CYS A 1 49  ? -4.590  -6.543  -6.203  1.00 18.22  ? 50   CYS A CA  1 
ATOM   367  C  C   . CYS A 1 49  ? -4.912  -7.347  -4.952  1.00 17.81  ? 50   CYS A C   1 
ATOM   368  O  O   . CYS A 1 49  ? -5.833  -8.165  -4.945  1.00 17.78  ? 50   CYS A O   1 
ATOM   369  C  CB  . CYS A 1 49  ? -3.477  -7.254  -6.965  1.00 19.54  ? 50   CYS A CB  1 
ATOM   370  S  SG  . CYS A 1 49  ? -3.163  -6.600  -8.637  1.00 22.41  ? 50   CYS A SG  1 
ATOM   371  N  N   . CYS A 1 50  ? -4.143  -7.118  -3.894  1.00 17.08  ? 51   CYS A N   1 
ATOM   372  C  CA  . CYS A 1 50  ? -4.357  -7.829  -2.648  1.00 17.25  ? 51   CYS A CA  1 
ATOM   373  C  C   . CYS A 1 50  ? -5.745  -7.486  -2.091  1.00 17.94  ? 51   CYS A C   1 
ATOM   374  O  O   . CYS A 1 50  ? -6.484  -8.370  -1.662  1.00 18.71  ? 51   CYS A O   1 
ATOM   375  C  CB  . CYS A 1 50  ? -3.261  -7.464  -1.650  1.00 16.21  ? 51   CYS A CB  1 
ATOM   376  S  SG  . CYS A 1 50  ? -3.073  -8.600  -0.238  1.00 15.82  ? 51   CYS A SG  1 
ATOM   377  N  N   . TYR A 1 51  ? -6.090  -6.200  -2.095  1.00 18.51  ? 52   TYR A N   1 
ATOM   378  C  CA  . TYR A 1 51  ? -7.400  -5.753  -1.625  1.00 19.06  ? 52   TYR A CA  1 
ATOM   379  C  C   . TYR A 1 51  ? -8.466  -6.325  -2.558  1.00 19.86  ? 52   TYR A C   1 
ATOM   380  O  O   . TYR A 1 51  ? -9.558  -6.692  -2.122  1.00 19.79  ? 52   TYR A O   1 
ATOM   381  C  CB  . TYR A 1 51  ? -7.499  -4.222  -1.653  1.00 18.59  ? 52   TYR A CB  1 
ATOM   382  C  CG  . TYR A 1 51  ? -6.965  -3.509  -0.430  1.00 17.27  ? 52   TYR A CG  1 
ATOM   383  C  CD1 . TYR A 1 51  ? -6.276  -4.195  0.571   1.00 17.43  ? 52   TYR A CD1 1 
ATOM   384  C  CD2 . TYR A 1 51  ? -7.158  -2.138  -0.273  1.00 18.33  ? 52   TYR A CD2 1 
ATOM   385  C  CE1 . TYR A 1 51  ? -5.794  -3.529  1.702   1.00 17.23  ? 52   TYR A CE1 1 
ATOM   386  C  CE2 . TYR A 1 51  ? -6.682  -1.462  0.851   1.00 17.30  ? 52   TYR A CE2 1 
ATOM   387  C  CZ  . TYR A 1 51  ? -6.003  -2.161  1.830   1.00 17.37  ? 52   TYR A CZ  1 
ATOM   388  O  OH  . TYR A 1 51  ? -5.520  -1.479  2.923   1.00 18.87  ? 52   TYR A OH  1 
ATOM   389  N  N   . GLY A 1 52  ? -8.134  -6.377  -3.846  1.00 20.33  ? 53   GLY A N   1 
ATOM   390  C  CA  . GLY A 1 52  ? -9.053  -6.899  -4.846  1.00 21.88  ? 53   GLY A CA  1 
ATOM   391  C  C   . GLY A 1 52  ? -9.472  -8.344  -4.633  1.00 22.63  ? 53   GLY A C   1 
ATOM   392  O  O   . GLY A 1 52  ? -10.511 -8.766  -5.143  1.00 23.01  ? 53   GLY A O   1 
ATOM   393  N  N   . ASN A 1 53  ? -8.673  -9.111  -3.897  1.00 23.67  ? 54   ASN A N   1 
ATOM   394  C  CA  . ASN A 1 53  ? -9.011  -10.507 -3.623  1.00 25.03  ? 54   ASN A CA  1 
ATOM   395  C  C   . ASN A 1 53  ? -9.962  -10.590 -2.425  1.00 24.65  ? 54   ASN A C   1 
ATOM   396  O  O   . ASN A 1 53  ? -10.365 -11.680 -2.029  1.00 24.96  ? 54   ASN A O   1 
ATOM   397  C  CB  . ASN A 1 53  ? -7.760  -11.338 -3.296  1.00 27.30  ? 54   ASN A CB  1 
ATOM   398  C  CG  . ASN A 1 53  ? -6.798  -11.452 -4.464  1.00 30.03  ? 54   ASN A CG  1 
ATOM   399  O  OD1 . ASN A 1 53  ? -7.210  -11.575 -5.619  1.00 31.87  ? 54   ASN A OD1 1 
ATOM   400  N  ND2 . ASN A 1 53  ? -5.498  -11.434 -4.165  1.00 30.47  ? 54   ASN A ND2 1 
ATOM   401  N  N   . LEU A 1 54  ? -10.309 -9.439  -1.850  1.00 24.42  ? 55   LEU A N   1 
ATOM   402  C  CA  . LEU A 1 54  ? -11.200 -9.383  -0.680  1.00 24.54  ? 55   LEU A CA  1 
ATOM   403  C  C   . LEU A 1 54  ? -12.468 -8.584  -0.997  1.00 24.18  ? 55   LEU A C   1 
ATOM   404  O  O   . LEU A 1 54  ? -12.723 -7.544  -0.393  1.00 23.99  ? 55   LEU A O   1 
ATOM   405  C  CB  . LEU A 1 54  ? -10.463 -8.725  0.495   1.00 23.77  ? 55   LEU A CB  1 
ATOM   406  C  CG  . LEU A 1 54  ? -9.040  -9.225  0.769   1.00 24.16  ? 55   LEU A CG  1 
ATOM   407  C  CD1 . LEU A 1 54  ? -8.369  -8.343  1.816   1.00 23.80  ? 55   LEU A CD1 1 
ATOM   408  C  CD2 . LEU A 1 54  ? -9.084  -10.672 1.231   1.00 24.11  ? 55   LEU A CD2 1 
ATOM   409  N  N   . PRO A 1 55  ? -13.316 -9.201  -1.847  1.00 24.84  ? 56   PRO A N   1 
ATOM   410  C  CA  . PRO A 1 55  ? -14.603 -8.589  -2.327  1.00 25.25  ? 56   PRO A CA  1 
ATOM   411  C  C   . PRO A 1 55  ? -15.547 -8.065  -1.287  1.00 25.10  ? 56   PRO A C   1 
ATOM   412  O  O   . PRO A 1 55  ? -16.082 -6.958  -1.357  1.00 25.38  ? 56   PRO A O   1 
ATOM   413  C  CB  . PRO A 1 55  ? -15.172 -9.667  -3.207  1.00 25.69  ? 56   PRO A CB  1 
ATOM   414  C  CG  . PRO A 1 55  ? -13.920 -10.202 -3.840  1.00 26.32  ? 56   PRO A CG  1 
ATOM   415  C  CD  . PRO A 1 55  ? -12.752 -9.985  -2.933  1.00 25.55  ? 56   PRO A CD  1 
ATOM   416  N  N   . ASP A 1 56  ? -15.792 -8.954  -0.296  1.00 24.74  ? 59   ASP A N   1 
ATOM   417  C  CA  . ASP A 1 56  ? -16.756 -8.703  0.765   1.00 24.58  ? 59   ASP A CA  1 
ATOM   418  C  C   . ASP A 1 56  ? -16.185 -7.952  1.979   1.00 23.73  ? 59   ASP A C   1 
ATOM   419  O  O   . ASP A 1 56  ? -16.931 -7.584  2.904   1.00 23.98  ? 59   ASP A O   1 
ATOM   420  C  CB  . ASP A 1 56  ? -17.510 -10.002 1.054   1.00 26.23  ? 59   ASP A CB  1 
ATOM   421  C  CG  . ASP A 1 56  ? -18.416 -10.395 -0.107  1.00 27.40  ? 59   ASP A CG  1 
ATOM   422  O  OD1 . ASP A 1 56  ? -18.744 -11.578 -0.230  1.00 28.79  ? 59   ASP A OD1 1 
ATOM   423  O  OD2 . ASP A 1 56  ? -18.794 -9.492  -0.890  1.00 27.23  ? 59   ASP A OD2 1 
ATOM   424  N  N   . CYS A 1 57  ? -14.882 -7.658  1.984   1.00 21.90  ? 61   CYS A N   1 
ATOM   425  C  CA  . CYS A 1 57  ? -14.302 -6.912  3.093   1.00 20.58  ? 61   CYS A CA  1 
ATOM   426  C  C   . CYS A 1 57  ? -14.287 -5.420  2.812   1.00 20.82  ? 61   CYS A C   1 
ATOM   427  O  O   . CYS A 1 57  ? -14.569 -4.997  1.692   1.00 21.16  ? 61   CYS A O   1 
ATOM   428  C  CB  . CYS A 1 57  ? -12.882 -7.384  3.368   1.00 19.27  ? 61   CYS A CB  1 
ATOM   429  S  SG  . CYS A 1 57  ? -12.778 -9.054  4.091   1.00 16.60  ? 61   CYS A SG  1 
ATOM   430  N  N   . ASN A 1 58  ? -13.959 -4.626  3.823   1.00 20.80  ? 67   ASN A N   1 
ATOM   431  C  CA  . ASN A 1 58  ? -13.911 -3.173  3.690   1.00 21.45  ? 67   ASN A CA  1 
ATOM   432  C  C   . ASN A 1 58  ? -12.585 -2.696  4.288   1.00 21.68  ? 67   ASN A C   1 
ATOM   433  O  O   . ASN A 1 58  ? -12.548 -2.214  5.413   1.00 21.10  ? 67   ASN A O   1 
ATOM   434  C  CB  . ASN A 1 58  ? -15.095 -2.558  4.440   1.00 22.02  ? 67   ASN A CB  1 
ATOM   435  C  CG  . ASN A 1 58  ? -16.431 -2.933  3.819   1.00 22.79  ? 67   ASN A CG  1 
ATOM   436  O  OD1 . ASN A 1 58  ? -16.955 -2.212  2.973   1.00 23.13  ? 67   ASN A OD1 1 
ATOM   437  N  ND2 . ASN A 1 58  ? -16.977 -4.077  4.223   1.00 22.12  ? 67   ASN A ND2 1 
ATOM   438  N  N   . PRO A 1 59  ? -11.483 -2.826  3.524   1.00 22.76  ? 68   PRO A N   1 
ATOM   439  C  CA  . PRO A 1 59  ? -10.114 -2.449  3.899   1.00 23.10  ? 68   PRO A CA  1 
ATOM   440  C  C   . PRO A 1 59  ? -9.900  -1.021  4.368   1.00 23.54  ? 68   PRO A C   1 
ATOM   441  O  O   . PRO A 1 59  ? -9.059  -0.762  5.225   1.00 23.64  ? 68   PRO A O   1 
ATOM   442  C  CB  . PRO A 1 59  ? -9.316  -2.752  2.633   1.00 23.16  ? 68   PRO A CB  1 
ATOM   443  C  CG  . PRO A 1 59  ? -10.084 -3.868  2.007   1.00 23.60  ? 68   PRO A CG  1 
ATOM   444  C  CD  . PRO A 1 59  ? -11.500 -3.378  2.157   1.00 22.99  ? 68   PRO A CD  1 
ATOM   445  N  N   . LYS A 1 60  ? -10.656 -0.095  3.796   1.00 24.40  ? 69   LYS A N   1 
ATOM   446  C  CA  . LYS A 1 60  ? -10.525 1.311   4.144   1.00 25.51  ? 69   LYS A CA  1 
ATOM   447  C  C   . LYS A 1 60  ? -11.055 1.661   5.528   1.00 25.06  ? 69   LYS A C   1 
ATOM   448  O  O   . LYS A 1 60  ? -10.510 2.540   6.195   1.00 25.38  ? 69   LYS A O   1 
ATOM   449  C  CB  . LYS A 1 60  ? -11.252 2.167   3.107   1.00 27.04  ? 69   LYS A CB  1 
ATOM   450  C  CG  . LYS A 1 60  ? -11.086 3.659   3.306   1.00 30.19  ? 69   LYS A CG  1 
ATOM   451  C  CD  . LYS A 1 60  ? -12.078 4.449   2.457   1.00 31.85  ? 69   LYS A CD  1 
ATOM   452  C  CE  . LYS A 1 60  ? -13.466 4.460   3.089   1.00 32.79  ? 69   LYS A CE  1 
ATOM   453  N  NZ  . LYS A 1 60  ? -13.497 5.267   4.350   1.00 33.48  ? 69   LYS A NZ  1 
ATOM   454  N  N   . SER A 1 61  ? -12.093 0.959   5.970   1.00 23.99  ? 70   SER A N   1 
ATOM   455  C  CA  . SER A 1 61  ? -12.716 1.266   7.252   1.00 23.63  ? 70   SER A CA  1 
ATOM   456  C  C   . SER A 1 61  ? -12.673 0.213   8.357   1.00 23.13  ? 70   SER A C   1 
ATOM   457  O  O   . SER A 1 61  ? -12.919 0.520   9.526   1.00 23.25  ? 70   SER A O   1 
ATOM   458  C  CB  . SER A 1 61  ? -14.174 1.660   7.007   1.00 23.94  ? 70   SER A CB  1 
ATOM   459  O  OG  . SER A 1 61  ? -14.841 0.690   6.225   1.00 24.15  ? 70   SER A OG  1 
ATOM   460  N  N   . ASP A 1 62  ? -12.399 -1.045  8.005   1.00 21.93  ? 71   ASP A N   1 
ATOM   461  C  CA  . ASP A 1 62  ? -12.304 -2.106  9.003   1.00 20.74  ? 71   ASP A CA  1 
ATOM   462  C  C   . ASP A 1 62  ? -10.983 -1.953  9.726   1.00 20.97  ? 71   ASP A C   1 
ATOM   463  O  O   . ASP A 1 62  ? -9.920  -1.914  9.098   1.00 19.88  ? 71   ASP A O   1 
ATOM   464  C  CB  . ASP A 1 62  ? -12.452 -3.479  8.325   1.00 19.30  ? 71   ASP A CB  1 
ATOM   465  C  CG  . ASP A 1 62  ? -12.767 -4.590  9.299   1.00 18.30  ? 71   ASP A CG  1 
ATOM   466  O  OD1 . ASP A 1 62  ? -12.732 -4.338  10.513  1.00 17.00  ? 71   ASP A OD1 1 
ATOM   467  O  OD2 . ASP A 1 62  ? -13.056 -5.719  8.845   1.00 17.33  ? 71   ASP A OD2 1 
ATOM   468  N  N   . ARG A 1 63  ? -11.005 -1.863  11.055  1.00 20.76  ? 72   ARG A N   1 
ATOM   469  C  CA  . ARG A 1 63  ? -9.764  -1.728  11.810  1.00 21.60  ? 72   ARG A CA  1 
ATOM   470  C  C   . ARG A 1 63  ? -9.246  -3.058  12.327  1.00 21.03  ? 72   ARG A C   1 
ATOM   471  O  O   . ARG A 1 63  ? -10.009 -3.887  12.818  1.00 20.68  ? 72   ARG A O   1 
ATOM   472  C  CB  . ARG A 1 63  ? -9.962  -0.757  12.956  1.00 23.69  ? 72   ARG A CB  1 
ATOM   473  C  CG  . ARG A 1 63  ? -10.999 0.340   12.674  1.00 26.70  ? 72   ARG A CG  1 
ATOM   474  C  CD  . ARG A 1 63  ? -10.417 1.721   12.980  1.00 29.65  ? 72   ARG A CD  1 
ATOM   475  N  NE  . ARG A 1 63  ? -10.142 1.896   14.400  1.00 31.82  ? 72   ARG A NE  1 
ATOM   476  C  CZ  . ARG A 1 63  ? -10.229 3.065   15.030  1.00 33.27  ? 72   ARG A CZ  1 
ATOM   477  N  NH1 . ARG A 1 63  ? -10.590 4.155   14.365  1.00 34.79  ? 72   ARG A NH1 1 
ATOM   478  N  NH2 . ARG A 1 63  ? -9.950  3.146   16.323  1.00 33.67  ? 72   ARG A NH2 1 
ATOM   479  N  N   . TYR A 1 64  ? -7.938  -3.256  12.206  1.00 20.52  ? 73   TYR A N   1 
ATOM   480  C  CA  . TYR A 1 64  ? -7.303  -4.469  12.698  1.00 20.62  ? 73   TYR A CA  1 
ATOM   481  C  C   . TYR A 1 64  ? -6.259  -4.077  13.730  1.00 21.08  ? 73   TYR A C   1 
ATOM   482  O  O   . TYR A 1 64  ? -5.985  -2.893  13.937  1.00 20.50  ? 73   TYR A O   1 
ATOM   483  C  CB  . TYR A 1 64  ? -6.660  -5.259  11.547  1.00 20.66  ? 73   TYR A CB  1 
ATOM   484  C  CG  . TYR A 1 64  ? -5.657  -4.494  10.702  1.00 19.14  ? 73   TYR A CG  1 
ATOM   485  C  CD1 . TYR A 1 64  ? -4.341  -4.310  11.134  1.00 18.81  ? 73   TYR A CD1 1 
ATOM   486  C  CD2 . TYR A 1 64  ? -6.022  -3.963  9.465   1.00 18.97  ? 73   TYR A CD2 1 
ATOM   487  C  CE1 . TYR A 1 64  ? -3.414  -3.618  10.353  1.00 17.99  ? 73   TYR A CE1 1 
ATOM   488  C  CE2 . TYR A 1 64  ? -5.098  -3.264  8.676   1.00 18.56  ? 73   TYR A CE2 1 
ATOM   489  C  CZ  . TYR A 1 64  ? -3.798  -3.098  9.132   1.00 18.42  ? 73   TYR A CZ  1 
ATOM   490  O  OH  . TYR A 1 64  ? -2.891  -2.391  8.372   1.00 18.92  ? 73   TYR A OH  1 
ATOM   491  N  N   . LYS A 1 65  ? -5.698  -5.077  14.393  1.00 22.33  ? 74   LYS A N   1 
ATOM   492  C  CA  . LYS A 1 65  ? -4.677  -4.850  15.403  1.00 23.08  ? 74   LYS A CA  1 
ATOM   493  C  C   . LYS A 1 65  ? -3.394  -5.507  14.923  1.00 22.65  ? 74   LYS A C   1 
ATOM   494  O  O   . LYS A 1 65  ? -3.426  -6.554  14.281  1.00 22.14  ? 74   LYS A O   1 
ATOM   495  C  CB  . LYS A 1 65  ? -5.077  -5.492  16.737  1.00 25.17  ? 74   LYS A CB  1 
ATOM   496  C  CG  . LYS A 1 65  ? -6.406  -5.039  17.315  1.00 27.74  ? 74   LYS A CG  1 
ATOM   497  C  CD  . LYS A 1 65  ? -6.321  -3.639  17.890  1.00 30.13  ? 74   LYS A CD  1 
ATOM   498  C  CE  . LYS A 1 65  ? -7.597  -3.295  18.649  1.00 31.21  ? 74   LYS A CE  1 
ATOM   499  N  NZ  . LYS A 1 65  ? -7.549  -1.914  19.197  1.00 32.59  ? 74   LYS A NZ  1 
ATOM   500  N  N   . TYR A 1 66  ? -2.267  -4.884  15.230  1.00 23.03  ? 75   TYR A N   1 
ATOM   501  C  CA  . TYR A 1 66  ? -0.977  -5.441  14.862  1.00 23.66  ? 75   TYR A CA  1 
ATOM   502  C  C   . TYR A 1 66  ? 0.014   -4.937  15.890  1.00 24.54  ? 75   TYR A C   1 
ATOM   503  O  O   . TYR A 1 66  ? -0.208  -3.904  16.522  1.00 23.73  ? 75   TYR A O   1 
ATOM   504  C  CB  . TYR A 1 66  ? -0.574  -5.007  13.442  1.00 23.02  ? 75   TYR A CB  1 
ATOM   505  C  CG  . TYR A 1 66  ? 0.006   -3.615  13.317  1.00 22.53  ? 75   TYR A CG  1 
ATOM   506  C  CD1 . TYR A 1 66  ? 1.360   -3.377  13.570  1.00 22.54  ? 75   TYR A CD1 1 
ATOM   507  C  CD2 . TYR A 1 66  ? -0.789  -2.539  12.918  1.00 21.84  ? 75   TYR A CD2 1 
ATOM   508  C  CE1 . TYR A 1 66  ? 1.909   -2.107  13.423  1.00 21.80  ? 75   TYR A CE1 1 
ATOM   509  C  CE2 . TYR A 1 66  ? -0.247  -1.261  12.769  1.00 22.20  ? 75   TYR A CE2 1 
ATOM   510  C  CZ  . TYR A 1 66  ? 1.105   -1.058  13.024  1.00 21.76  ? 75   TYR A CZ  1 
ATOM   511  O  OH  . TYR A 1 66  ? 1.656   0.192   12.871  1.00 22.20  ? 75   TYR A OH  1 
ATOM   512  N  N   . LYS A 1 67  ? 1.095   -5.683  16.074  1.00 25.65  ? 76   LYS A N   1 
ATOM   513  C  CA  . LYS A 1 67  ? 2.119   -5.303  17.026  1.00 27.63  ? 76   LYS A CA  1 
ATOM   514  C  C   . LYS A 1 67  ? 3.471   -5.519  16.375  1.00 28.68  ? 76   LYS A C   1 
ATOM   515  O  O   . LYS A 1 67  ? 3.571   -6.190  15.347  1.00 28.64  ? 76   LYS A O   1 
ATOM   516  C  CB  . LYS A 1 67  ? 2.018   -6.163  18.285  1.00 27.73  ? 76   LYS A CB  1 
ATOM   517  C  CG  . LYS A 1 67  ? 2.187   -7.647  18.016  1.00 28.97  ? 76   LYS A CG  1 
ATOM   518  C  CD  . LYS A 1 67  ? 2.154   -8.453  19.301  1.00 30.87  ? 76   LYS A CD  1 
ATOM   519  C  CE  . LYS A 1 67  ? 2.288   -9.939  19.010  1.00 31.19  ? 76   LYS A CE  1 
ATOM   520  N  NZ  . LYS A 1 67  ? 2.338   -10.744 20.258  1.00 32.51  ? 76   LYS A NZ  1 
ATOM   521  N  N   . ARG A 1 68  ? 4.503   -4.931  16.969  1.00 30.31  ? 77   ARG A N   1 
ATOM   522  C  CA  . ARG A 1 68  ? 5.855   -5.087  16.458  1.00 31.76  ? 77   ARG A CA  1 
ATOM   523  C  C   . ARG A 1 68  ? 6.551   -6.043  17.420  1.00 32.74  ? 77   ARG A C   1 
ATOM   524  O  O   . ARG A 1 68  ? 6.458   -5.883  18.641  1.00 32.68  ? 77   ARG A O   1 
ATOM   525  C  CB  . ARG A 1 68  ? 6.622   -3.756  16.463  1.00 32.14  ? 77   ARG A CB  1 
ATOM   526  C  CG  . ARG A 1 68  ? 5.869   -2.501  15.998  1.00 32.69  ? 77   ARG A CG  1 
ATOM   527  C  CD  . ARG A 1 68  ? 5.576   -2.434  14.496  1.00 32.53  ? 77   ARG A CD  1 
ATOM   528  N  NE  . ARG A 1 68  ? 6.737   -2.705  13.654  1.00 32.25  ? 77   ARG A NE  1 
ATOM   529  C  CZ  . ARG A 1 68  ? 6.887   -2.251  12.410  1.00 31.42  ? 77   ARG A CZ  1 
ATOM   530  N  NH1 . ARG A 1 68  ? 5.963   -1.486  11.851  1.00 31.17  ? 77   ARG A NH1 1 
ATOM   531  N  NH2 . ARG A 1 68  ? 7.950   -2.595  11.703  1.00 31.38  ? 77   ARG A NH2 1 
ATOM   532  N  N   . VAL A 1 69  ? 7.220   -7.049  16.873  1.00 33.72  ? 78   VAL A N   1 
ATOM   533  C  CA  . VAL A 1 69  ? 7.969   -8.001  17.682  1.00 34.76  ? 78   VAL A CA  1 
ATOM   534  C  C   . VAL A 1 69  ? 9.416   -7.829  17.233  1.00 35.37  ? 78   VAL A C   1 
ATOM   535  O  O   . VAL A 1 69  ? 9.887   -8.519  16.329  1.00 35.52  ? 78   VAL A O   1 
ATOM   536  C  CB  . VAL A 1 69  ? 7.508   -9.448  17.435  1.00 34.83  ? 78   VAL A CB  1 
ATOM   537  C  CG1 . VAL A 1 69  ? 8.373   -10.415 18.233  1.00 35.22  ? 78   VAL A CG1 1 
ATOM   538  C  CG2 . VAL A 1 69  ? 6.055   -9.597  17.844  1.00 34.90  ? 78   VAL A CG2 1 
ATOM   539  N  N   . ASN A 1 70  ? 10.104  -6.879  17.861  1.00 36.30  ? 79   ASN A N   1 
ATOM   540  C  CA  . ASN A 1 70  ? 11.488  -6.566  17.520  1.00 36.64  ? 79   ASN A CA  1 
ATOM   541  C  C   . ASN A 1 70  ? 11.603  -6.141  16.059  1.00 36.29  ? 79   ASN A C   1 
ATOM   542  O  O   . ASN A 1 70  ? 12.420  -6.674  15.308  1.00 37.34  ? 79   ASN A O   1 
ATOM   543  C  CB  . ASN A 1 70  ? 12.386  -7.773  17.776  1.00 38.03  ? 79   ASN A CB  1 
ATOM   544  C  CG  . ASN A 1 70  ? 13.250  -7.596  18.998  1.00 38.91  ? 79   ASN A CG  1 
ATOM   545  O  OD1 . ASN A 1 70  ? 12.746  -7.507  20.123  1.00 39.83  ? 79   ASN A OD1 1 
ATOM   546  N  ND2 . ASN A 1 70  ? 14.560  -7.530  18.789  1.00 39.56  ? 79   ASN A ND2 1 
ATOM   547  N  N   . GLY A 1 71  ? 10.780  -5.179  15.659  1.00 34.96  ? 80   GLY A N   1 
ATOM   548  C  CA  . GLY A 1 71  ? 10.816  -4.717  14.284  1.00 32.99  ? 80   GLY A CA  1 
ATOM   549  C  C   . GLY A 1 71  ? 9.829   -5.435  13.375  1.00 31.31  ? 80   GLY A C   1 
ATOM   550  O  O   . GLY A 1 71  ? 9.253   -4.821  12.481  1.00 31.62  ? 80   GLY A O   1 
ATOM   551  N  N   . ALA A 1 72  ? 9.625   -6.730  13.597  1.00 29.41  ? 81   ALA A N   1 
ATOM   552  C  CA  . ALA A 1 72  ? 8.707   -7.496  12.761  1.00 27.84  ? 81   ALA A CA  1 
ATOM   553  C  C   . ALA A 1 72  ? 7.246   -7.133  13.012  1.00 26.85  ? 81   ALA A C   1 
ATOM   554  O  O   . ALA A 1 72  ? 6.836   -6.900  14.150  1.00 26.19  ? 81   ALA A O   1 
ATOM   555  C  CB  . ALA A 1 72  ? 8.917   -8.993  12.978  1.00 27.72  ? 81   ALA A CB  1 
ATOM   556  N  N   . ILE A 1 73  ? 6.468   -7.081  11.935  1.00 25.55  ? 82   ILE A N   1 
ATOM   557  C  CA  . ILE A 1 73  ? 5.049   -6.765  12.027  1.00 24.82  ? 82   ILE A CA  1 
ATOM   558  C  C   . ILE A 1 73  ? 4.289   -8.070  12.241  1.00 24.94  ? 82   ILE A C   1 
ATOM   559  O  O   . ILE A 1 73  ? 4.477   -9.032  11.500  1.00 25.28  ? 82   ILE A O   1 
ATOM   560  C  CB  . ILE A 1 73  ? 4.535   -6.085  10.727  1.00 24.23  ? 82   ILE A CB  1 
ATOM   561  C  CG1 . ILE A 1 73  ? 5.282   -4.767  10.497  1.00 23.83  ? 82   ILE A CG1 1 
ATOM   562  C  CG2 . ILE A 1 73  ? 3.032   -5.824  10.831  1.00 23.92  ? 82   ILE A CG2 1 
ATOM   563  C  CD1 . ILE A 1 73  ? 5.021   -4.123  9.142   1.00 22.42  ? 82   ILE A CD1 1 
ATOM   564  N  N   . VAL A 1 74  ? 3.447   -8.107  13.265  1.00 25.11  ? 83   VAL A N   1 
ATOM   565  C  CA  . VAL A 1 74  ? 2.658   -9.298  13.561  1.00 25.25  ? 83   VAL A CA  1 
ATOM   566  C  C   . VAL A 1 74  ? 1.181   -8.914  13.630  1.00 24.88  ? 83   VAL A C   1 
ATOM   567  O  O   . VAL A 1 74  ? 0.774   -8.131  14.491  1.00 24.95  ? 83   VAL A O   1 
ATOM   568  C  CB  . VAL A 1 74  ? 3.071   -9.933  14.910  1.00 26.00  ? 83   VAL A CB  1 
ATOM   569  C  CG1 . VAL A 1 74  ? 2.264   -11.202 15.161  1.00 26.66  ? 83   VAL A CG1 1 
ATOM   570  C  CG2 . VAL A 1 74  ? 4.563   -10.252 14.903  1.00 27.19  ? 83   VAL A CG2 1 
ATOM   571  N  N   . CYS A 1 75  ? 0.391   -9.451  12.706  1.00 24.25  ? 84   CYS A N   1 
ATOM   572  C  CA  . CYS A 1 75  ? -1.039  -9.171  12.668  1.00 24.24  ? 84   CYS A CA  1 
ATOM   573  C  C   . CYS A 1 75  ? -1.746  -9.937  13.784  1.00 25.11  ? 84   CYS A C   1 
ATOM   574  O  O   . CYS A 1 75  ? -1.595  -11.154 13.894  1.00 25.27  ? 84   CYS A O   1 
ATOM   575  C  CB  . CYS A 1 75  ? -1.622  -9.579  11.309  1.00 22.18  ? 84   CYS A CB  1 
ATOM   576  S  SG  . CYS A 1 75  ? -1.064  -8.572  9.893   1.00 21.16  ? 84   CYS A SG  1 
ATOM   577  N  N   . GLU A 1 76  ? -2.504  -9.225  14.615  1.00 26.48  ? 85   GLU A N   1 
ATOM   578  C  CA  . GLU A 1 76  ? -3.235  -9.856  15.719  1.00 27.62  ? 85   GLU A CA  1 
ATOM   579  C  C   . GLU A 1 76  ? -4.480  -10.562 15.182  1.00 27.53  ? 85   GLU A C   1 
ATOM   580  O  O   . GLU A 1 76  ? -5.019  -10.192 14.141  1.00 27.00  ? 85   GLU A O   1 
ATOM   581  C  CB  . GLU A 1 76  ? -3.670  -8.811  16.755  1.00 29.11  ? 85   GLU A CB  1 
ATOM   582  C  CG  . GLU A 1 76  ? -2.545  -8.046  17.457  1.00 31.74  ? 85   GLU A CG  1 
ATOM   583  C  CD  . GLU A 1 76  ? -1.920  -8.810  18.616  1.00 33.26  ? 85   GLU A CD  1 
ATOM   584  O  OE1 . GLU A 1 76  ? -1.366  -8.152  19.523  1.00 34.29  ? 85   GLU A OE1 1 
ATOM   585  O  OE2 . GLU A 1 76  ? -1.973  -10.061 18.622  1.00 34.38  ? 85   GLU A OE2 1 
ATOM   586  N  N   . LYS A 1 77  ? -4.941  -11.573 15.906  1.00 27.15  ? 86   LYS A N   1 
ATOM   587  C  CA  . LYS A 1 77  ? -6.121  -12.325 15.501  1.00 27.54  ? 86   LYS A CA  1 
ATOM   588  C  C   . LYS A 1 77  ? -7.399  -11.492 15.650  1.00 26.06  ? 86   LYS A C   1 
ATOM   589  O  O   . LYS A 1 77  ? -7.673  -10.936 16.714  1.00 25.46  ? 86   LYS A O   1 
ATOM   590  C  CB  . LYS A 1 77  ? -6.234  -13.601 16.343  1.00 29.91  ? 86   LYS A CB  1 
ATOM   591  C  CG  . LYS A 1 77  ? -7.422  -14.479 16.003  1.00 32.05  ? 86   LYS A CG  1 
ATOM   592  C  CD  . LYS A 1 77  ? -7.579  -15.600 17.025  1.00 34.18  ? 86   LYS A CD  1 
ATOM   593  C  CE  . LYS A 1 77  ? -8.681  -16.574 16.611  1.00 35.19  ? 86   LYS A CE  1 
ATOM   594  N  NZ  . LYS A 1 77  ? -8.383  -17.212 15.290  1.00 36.96  ? 86   LYS A NZ  1 
ATOM   595  N  N   . GLY A 1 78  ? -8.167  -11.410 14.567  1.00 24.65  ? 88   GLY A N   1 
ATOM   596  C  CA  . GLY A 1 78  ? -9.418  -10.669 14.572  1.00 22.85  ? 88   GLY A CA  1 
ATOM   597  C  C   . GLY A 1 78  ? -10.391 -11.398 13.663  1.00 21.90  ? 88   GLY A C   1 
ATOM   598  O  O   . GLY A 1 78  ? -10.411 -12.629 13.649  1.00 22.08  ? 88   GLY A O   1 
ATOM   599  N  N   . THR A 1 79  ? -11.205 -10.671 12.904  1.00 20.68  ? 89   THR A N   1 
ATOM   600  C  CA  . THR A 1 79  ? -12.127 -11.353 12.001  1.00 19.56  ? 89   THR A CA  1 
ATOM   601  C  C   . THR A 1 79  ? -11.335 -11.802 10.780  1.00 19.71  ? 89   THR A C   1 
ATOM   602  O  O   . THR A 1 79  ? -10.205 -11.362 10.568  1.00 18.13  ? 89   THR A O   1 
ATOM   603  C  CB  . THR A 1 79  ? -13.292 -10.438 11.543  1.00 19.66  ? 89   THR A CB  1 
ATOM   604  O  OG1 . THR A 1 79  ? -12.786 -9.357  10.748  1.00 18.38  ? 89   THR A OG1 1 
ATOM   605  C  CG2 . THR A 1 79  ? -14.028 -9.880  12.751  1.00 19.24  ? 89   THR A CG2 1 
ATOM   606  N  N   . SER A 1 80  ? -11.917 -12.694 9.989   1.00 19.31  ? 90   SER A N   1 
ATOM   607  C  CA  . SER A 1 80  ? -11.241 -13.181 8.805   1.00 20.00  ? 90   SER A CA  1 
ATOM   608  C  C   . SER A 1 80  ? -10.809 -12.026 7.901   1.00 19.07  ? 90   SER A C   1 
ATOM   609  O  O   . SER A 1 80  ? -9.685  -12.013 7.401   1.00 19.32  ? 90   SER A O   1 
ATOM   610  C  CB  . SER A 1 80  ? -12.151 -14.137 8.038   1.00 20.60  ? 90   SER A CB  1 
ATOM   611  O  OG  . SER A 1 80  ? -11.501 -14.593 6.870   1.00 24.80  ? 90   SER A OG  1 
ATOM   612  N  N   . CYS A 1 81  ? -11.700 -11.060 7.696   1.00 18.44  ? 91   CYS A N   1 
ATOM   613  C  CA  . CYS A 1 81  ? -11.390 -9.902  6.855   1.00 18.22  ? 91   CYS A CA  1 
ATOM   614  C  C   . CYS A 1 81  ? -10.243 -9.080  7.431   1.00 17.74  ? 91   CYS A C   1 
ATOM   615  O  O   . CYS A 1 81  ? -9.333  -8.670  6.709   1.00 17.55  ? 91   CYS A O   1 
ATOM   616  C  CB  . CYS A 1 81  ? -12.609 -8.989  6.710   1.00 17.78  ? 91   CYS A CB  1 
ATOM   617  S  SG  . CYS A 1 81  ? -13.764 -9.429  5.372   1.00 17.45  ? 91   CYS A SG  1 
ATOM   618  N  N   . GLU A 1 82  ? -10.309 -8.823  8.731   1.00 16.94  ? 92   GLU A N   1 
ATOM   619  C  CA  . GLU A 1 82  ? -9.270  -8.051  9.400   1.00 17.34  ? 92   GLU A CA  1 
ATOM   620  C  C   . GLU A 1 82  ? -7.899  -8.720  9.275   1.00 17.33  ? 92   GLU A C   1 
ATOM   621  O  O   . GLU A 1 82  ? -6.903  -8.039  9.047   1.00 17.42  ? 92   GLU A O   1 
ATOM   622  C  CB  . GLU A 1 82  ? -9.656  -7.843  10.868  1.00 16.84  ? 92   GLU A CB  1 
ATOM   623  C  CG  . GLU A 1 82  ? -10.789 -6.842  11.015  1.00 17.00  ? 92   GLU A CG  1 
ATOM   624  C  CD  . GLU A 1 82  ? -11.487 -6.888  12.354  1.00 16.83  ? 92   GLU A CD  1 
ATOM   625  O  OE1 . GLU A 1 82  ? -11.091 -7.694  13.217  1.00 17.05  ? 92   GLU A OE1 1 
ATOM   626  O  OE2 . GLU A 1 82  ? -12.444 -6.105  12.535  1.00 17.81  ? 92   GLU A OE2 1 
ATOM   627  N  N   . ASN A 1 83  ? -7.846  -10.044 9.408   1.00 17.11  ? 93   ASN A N   1 
ATOM   628  C  CA  . ASN A 1 83  ? -6.575  -10.756 9.292   1.00 17.83  ? 93   ASN A CA  1 
ATOM   629  C  C   . ASN A 1 83  ? -5.987  -10.592 7.889   1.00 17.54  ? 93   ASN A C   1 
ATOM   630  O  O   . ASN A 1 83  ? -4.806  -10.301 7.732   1.00 16.17  ? 93   ASN A O   1 
ATOM   631  C  CB  . ASN A 1 83  ? -6.739  -12.255 9.572   1.00 19.33  ? 93   ASN A CB  1 
ATOM   632  C  CG  . ASN A 1 83  ? -7.276  -12.545 10.964  1.00 21.33  ? 93   ASN A CG  1 
ATOM   633  O  OD1 . ASN A 1 83  ? -7.070  -11.771 11.901  1.00 21.80  ? 93   ASN A OD1 1 
ATOM   634  N  ND2 . ASN A 1 83  ? -7.955  -13.685 11.110  1.00 22.08  ? 93   ASN A ND2 1 
ATOM   635  N  N   . ARG A 1 84  ? -6.827  -10.776 6.876   1.00 17.16  ? 94   ARG A N   1 
ATOM   636  C  CA  . ARG A 1 84  ? -6.398  -10.670 5.489   1.00 17.72  ? 94   ARG A CA  1 
ATOM   637  C  C   . ARG A 1 84  ? -6.056  -9.246  5.058   1.00 17.15  ? 94   ARG A C   1 
ATOM   638  O  O   . ARG A 1 84  ? -5.176  -9.042  4.224   1.00 16.82  ? 94   ARG A O   1 
ATOM   639  C  CB  . ARG A 1 84  ? -7.474  -11.268 4.580   1.00 19.08  ? 94   ARG A CB  1 
ATOM   640  C  CG  . ARG A 1 84  ? -7.720  -12.742 4.876   1.00 21.65  ? 94   ARG A CG  1 
ATOM   641  C  CD  . ARG A 1 84  ? -9.032  -13.220 4.272   1.00 23.83  ? 94   ARG A CD  1 
ATOM   642  N  NE  . ARG A 1 84  ? -8.909  -13.473 2.844   1.00 26.36  ? 94   ARG A NE  1 
ATOM   643  C  CZ  . ARG A 1 84  ? -9.942  -13.667 2.033   1.00 27.57  ? 94   ARG A CZ  1 
ATOM   644  N  NH1 . ARG A 1 84  ? -11.180 -13.633 2.511   1.00 27.35  ? 94   ARG A NH1 1 
ATOM   645  N  NH2 . ARG A 1 84  ? -9.734  -13.898 0.744   1.00 28.38  ? 94   ARG A NH2 1 
ATOM   646  N  N   . ILE A 1 85  ? -6.755  -8.263  5.610   1.00 16.01  ? 95   ILE A N   1 
ATOM   647  C  CA  . ILE A 1 85  ? -6.478  -6.869  5.276   1.00 15.20  ? 95   ILE A CA  1 
ATOM   648  C  C   . ILE A 1 85  ? -5.100  -6.532  5.834   1.00 14.99  ? 95   ILE A C   1 
ATOM   649  O  O   . ILE A 1 85  ? -4.257  -5.938  5.159   1.00 14.87  ? 95   ILE A O   1 
ATOM   650  C  CB  . ILE A 1 85  ? -7.527  -5.912  5.914   1.00 15.01  ? 95   ILE A CB  1 
ATOM   651  C  CG1 . ILE A 1 85  ? -8.876  -6.076  5.214   1.00 15.32  ? 95   ILE A CG1 1 
ATOM   652  C  CG2 . ILE A 1 85  ? -7.048  -4.467  5.821   1.00 14.74  ? 95   ILE A CG2 1 
ATOM   653  C  CD1 . ILE A 1 85  ? -10.029 -5.373  5.933   1.00 16.31  ? 95   ILE A CD1 1 
ATOM   654  N  N   . CYS A 1 86  ? -4.874  -6.922  7.079   1.00 14.97  ? 96   CYS A N   1 
ATOM   655  C  CA  . CYS A 1 86  ? -3.604  -6.663  7.728   1.00 15.51  ? 96   CYS A CA  1 
ATOM   656  C  C   . CYS A 1 86  ? -2.421  -7.279  6.962   1.00 15.94  ? 96   CYS A C   1 
ATOM   657  O  O   . CYS A 1 86  ? -1.356  -6.663  6.860   1.00 14.79  ? 96   CYS A O   1 
ATOM   658  C  CB  . CYS A 1 86  ? -3.642  -7.195  9.160   1.00 16.21  ? 96   CYS A CB  1 
ATOM   659  S  SG  . CYS A 1 86  ? -2.122  -6.850  10.100  1.00 17.86  ? 96   CYS A SG  1 
ATOM   660  N  N   . GLU A 1 87  ? -2.598  -8.495  6.438   1.00 15.51  ? 97   GLU A N   1 
ATOM   661  C  CA  . GLU A 1 87  ? -1.527  -9.138  5.683   1.00 16.42  ? 97   GLU A CA  1 
ATOM   662  C  C   . GLU A 1 87  ? -1.228  -8.358  4.396   1.00 16.56  ? 97   GLU A C   1 
ATOM   663  O  O   . GLU A 1 87  ? -0.073  -8.258  3.985   1.00 16.41  ? 97   GLU A O   1 
ATOM   664  C  CB  . GLU A 1 87  ? -1.884  -10.596 5.346   1.00 17.24  ? 97   GLU A CB  1 
ATOM   665  C  CG  . GLU A 1 87  ? -1.816  -11.580 6.532   1.00 19.15  ? 97   GLU A CG  1 
ATOM   666  C  CD  . GLU A 1 87  ? -0.436  -11.656 7.184   1.00 20.44  ? 97   GLU A CD  1 
ATOM   667  O  OE1 . GLU A 1 87  ? 0.580   -11.524 6.470   1.00 21.01  ? 97   GLU A OE1 1 
ATOM   668  O  OE2 . GLU A 1 87  ? -0.362  -11.868 8.418   1.00 21.69  ? 97   GLU A OE2 1 
ATOM   669  N  N   . CYS A 1 88  ? -2.263  -7.813  3.760   1.00 15.77  ? 98   CYS A N   1 
ATOM   670  C  CA  . CYS A 1 88  ? -2.072  -7.016  2.546   1.00 15.95  ? 98   CYS A CA  1 
ATOM   671  C  C   . CYS A 1 88  ? -1.256  -5.762  2.838   1.00 16.11  ? 98   CYS A C   1 
ATOM   672  O  O   . CYS A 1 88  ? -0.326  -5.414  2.096   1.00 16.25  ? 98   CYS A O   1 
ATOM   673  C  CB  . CYS A 1 88  ? -3.411  -6.565  1.962   1.00 15.84  ? 98   CYS A CB  1 
ATOM   674  S  SG  . CYS A 1 88  ? -4.373  -7.854  1.122   1.00 16.67  ? 98   CYS A SG  1 
ATOM   675  N  N   . ASP A 1 89  ? -1.628  -5.071  3.911   1.00 15.71  ? 99   ASP A N   1 
ATOM   676  C  CA  . ASP A 1 89  ? -0.948  -3.843  4.312   1.00 16.04  ? 99   ASP A CA  1 
ATOM   677  C  C   . ASP A 1 89  ? 0.491   -4.102  4.742   1.00 16.67  ? 99   ASP A C   1 
ATOM   678  O  O   . ASP A 1 89  ? 1.397   -3.372  4.353   1.00 18.07  ? 99   ASP A O   1 
ATOM   679  C  CB  . ASP A 1 89  ? -1.697  -3.169  5.462   1.00 15.50  ? 99   ASP A CB  1 
ATOM   680  C  CG  . ASP A 1 89  ? -3.051  -2.627  5.049   1.00 15.25  ? 99   ASP A CG  1 
ATOM   681  O  OD1 . ASP A 1 89  ? -3.372  -2.632  3.843   1.00 16.37  ? 99   ASP A OD1 1 
ATOM   682  O  OD2 . ASP A 1 89  ? -3.798  -2.186  5.942   1.00 15.97  ? 99   ASP A OD2 1 
ATOM   683  N  N   . LYS A 1 90  ? 0.688   -5.130  5.563   1.00 17.00  ? 100  LYS A N   1 
ATOM   684  C  CA  . LYS A 1 90  ? 2.014   -5.494  6.048   1.00 16.76  ? 100  LYS A CA  1 
ATOM   685  C  C   . LYS A 1 90  ? 2.974   -5.693  4.872   1.00 16.40  ? 100  LYS A C   1 
ATOM   686  O  O   . LYS A 1 90  ? 4.114   -5.222  4.902   1.00 16.04  ? 100  LYS A O   1 
ATOM   687  C  CB  . LYS A 1 90  ? 1.929   -6.780  6.874   1.00 17.39  ? 100  LYS A CB  1 
ATOM   688  C  CG  . LYS A 1 90  ? 3.279   -7.374  7.243   1.00 17.74  ? 100  LYS A CG  1 
ATOM   689  C  CD  . LYS A 1 90  ? 3.103   -8.714  7.939   1.00 19.38  ? 100  LYS A CD  1 
ATOM   690  C  CE  . LYS A 1 90  ? 4.440   -9.366  8.227   1.00 20.30  ? 100  LYS A CE  1 
ATOM   691  N  NZ  . LYS A 1 90  ? 4.261   -10.697 8.866   1.00 22.86  ? 100  LYS A NZ  1 
ATOM   692  N  N   . ALA A 1 91  ? 2.501   -6.391  3.843   1.00 15.49  ? 101  ALA A N   1 
ATOM   693  C  CA  . ALA A 1 91  ? 3.304   -6.651  2.651   1.00 15.67  ? 101  ALA A CA  1 
ATOM   694  C  C   . ALA A 1 91  ? 3.667   -5.343  1.955   1.00 15.20  ? 101  ALA A C   1 
ATOM   695  O  O   . ALA A 1 91  ? 4.803   -5.158  1.519   1.00 15.35  ? 101  ALA A O   1 
ATOM   696  C  CB  . ALA A 1 91  ? 2.533   -7.565  1.688   1.00 15.01  ? 101  ALA A CB  1 
ATOM   697  N  N   . ALA A 1 92  ? 2.702   -4.436  1.849   1.00 14.90  ? 102  ALA A N   1 
ATOM   698  C  CA  . ALA A 1 92  ? 2.942   -3.150  1.209   1.00 15.15  ? 102  ALA A CA  1 
ATOM   699  C  C   . ALA A 1 92  ? 3.982   -2.322  1.981   1.00 16.06  ? 102  ALA A C   1 
ATOM   700  O  O   . ALA A 1 92  ? 4.876   -1.716  1.377   1.00 15.22  ? 102  ALA A O   1 
ATOM   701  C  CB  . ALA A 1 92  ? 1.629   -2.376  1.082   1.00 15.07  ? 102  ALA A CB  1 
ATOM   702  N  N   . ALA A 1 93  ? 3.872   -2.297  3.309   1.00 16.28  ? 103  ALA A N   1 
ATOM   703  C  CA  . ALA A 1 93  ? 4.813   -1.539  4.136   1.00 17.48  ? 103  ALA A CA  1 
ATOM   704  C  C   . ALA A 1 93  ? 6.235   -2.059  3.932   1.00 18.23  ? 103  ALA A C   1 
ATOM   705  O  O   . ALA A 1 93  ? 7.176   -1.278  3.797   1.00 18.27  ? 103  ALA A O   1 
ATOM   706  C  CB  . ALA A 1 93  ? 4.430   -1.637  5.610   1.00 17.27  ? 103  ALA A CB  1 
ATOM   707  N  N   . ILE A 1 94  ? 6.382   -3.381  3.920   1.00 18.58  ? 104  ILE A N   1 
ATOM   708  C  CA  . ILE A 1 94  ? 7.685   -4.007  3.717   1.00 19.11  ? 104  ILE A CA  1 
ATOM   709  C  C   . ILE A 1 94  ? 8.200   -3.674  2.313   1.00 18.99  ? 104  ILE A C   1 
ATOM   710  O  O   . ILE A 1 94  ? 9.366   -3.324  2.133   1.00 18.85  ? 104  ILE A O   1 
ATOM   711  C  CB  . ILE A 1 94  ? 7.586   -5.540  3.895   1.00 19.49  ? 104  ILE A CB  1 
ATOM   712  C  CG1 . ILE A 1 94  ? 7.420   -5.875  5.385   1.00 20.81  ? 104  ILE A CG1 1 
ATOM   713  C  CG2 . ILE A 1 94  ? 8.824   -6.227  3.329   1.00 19.86  ? 104  ILE A CG2 1 
ATOM   714  C  CD1 . ILE A 1 94  ? 7.085   -7.345  5.657   1.00 20.08  ? 104  ILE A CD1 1 
ATOM   715  N  N   . CYS A 1 95  ? 7.319   -3.774  1.323   1.00 18.27  ? 105  CYS A N   1 
ATOM   716  C  CA  . CYS A 1 95  ? 7.683   -3.473  -0.057  1.00 18.59  ? 105  CYS A CA  1 
ATOM   717  C  C   . CYS A 1 95  ? 8.154   -2.018  -0.180  1.00 19.10  ? 105  CYS A C   1 
ATOM   718  O  O   . CYS A 1 95  ? 9.162   -1.739  -0.841  1.00 18.32  ? 105  CYS A O   1 
ATOM   719  C  CB  . CYS A 1 95  ? 6.486   -3.745  -0.968  1.00 18.43  ? 105  CYS A CB  1 
ATOM   720  S  SG  . CYS A 1 95  ? 6.784   -3.669  -2.763  1.00 19.10  ? 105  CYS A SG  1 
ATOM   721  N  N   . PHE A 1 96  ? 7.434   -1.089  0.453   1.00 19.00  ? 106  PHE A N   1 
ATOM   722  C  CA  . PHE A 1 96  ? 7.830   0.319   0.411   1.00 19.94  ? 106  PHE A CA  1 
ATOM   723  C  C   . PHE A 1 96  ? 9.226   0.495   1.019   1.00 21.07  ? 106  PHE A C   1 
ATOM   724  O  O   . PHE A 1 96  ? 10.060  1.235   0.491   1.00 20.90  ? 106  PHE A O   1 
ATOM   725  C  CB  . PHE A 1 96  ? 6.847   1.203   1.196   1.00 19.55  ? 106  PHE A CB  1 
ATOM   726  C  CG  . PHE A 1 96  ? 5.523   1.405   0.520   1.00 19.53  ? 106  PHE A CG  1 
ATOM   727  C  CD1 . PHE A 1 96  ? 5.424   1.430   -0.868  1.00 19.42  ? 106  PHE A CD1 1 
ATOM   728  C  CD2 . PHE A 1 96  ? 4.374   1.612   1.275   1.00 19.53  ? 106  PHE A CD2 1 
ATOM   729  C  CE1 . PHE A 1 96  ? 4.200   1.659   -1.491  1.00 20.09  ? 106  PHE A CE1 1 
ATOM   730  C  CE2 . PHE A 1 96  ? 3.145   1.841   0.663   1.00 19.36  ? 106  PHE A CE2 1 
ATOM   731  C  CZ  . PHE A 1 96  ? 3.056   1.865   -0.720  1.00 20.36  ? 106  PHE A CZ  1 
ATOM   732  N  N   . ARG A 1 97  ? 9.465   -0.174  2.141   1.00 22.37  ? 107  ARG A N   1 
ATOM   733  C  CA  . ARG A 1 97  ? 10.752  -0.102  2.828   1.00 24.21  ? 107  ARG A CA  1 
ATOM   734  C  C   . ARG A 1 97  ? 11.889  -0.643  1.968   1.00 24.77  ? 107  ARG A C   1 
ATOM   735  O  O   . ARG A 1 97  ? 12.979  -0.069  1.932   1.00 24.38  ? 107  ARG A O   1 
ATOM   736  C  CB  . ARG A 1 97  ? 10.694  -0.909  4.127   1.00 25.80  ? 107  ARG A CB  1 
ATOM   737  C  CG  . ARG A 1 97  ? 10.982  -0.105  5.371   1.00 29.65  ? 107  ARG A CG  1 
ATOM   738  C  CD  . ARG A 1 97  ? 12.430  -0.200  5.805   1.00 31.54  ? 107  ARG A CD  1 
ATOM   739  N  NE  . ARG A 1 97  ? 13.342  0.385   4.839   1.00 34.00  ? 107  ARG A NE  1 
ATOM   740  C  CZ  . ARG A 1 97  ? 14.663  0.420   4.988   1.00 34.36  ? 107  ARG A CZ  1 
ATOM   741  N  NH1 . ARG A 1 97  ? 15.227  -0.093  6.071   1.00 34.96  ? 107  ARG A NH1 1 
ATOM   742  N  NH2 . ARG A 1 97  ? 15.420  0.947   4.040   1.00 33.97  ? 107  ARG A NH2 1 
ATOM   743  N  N   . GLN A 1 98  ? 11.629  -1.749  1.278   1.00 24.78  ? 108  GLN A N   1 
ATOM   744  C  CA  . GLN A 1 98  ? 12.643  -2.379  0.446   1.00 25.27  ? 108  GLN A CA  1 
ATOM   745  C  C   . GLN A 1 98  ? 12.989  -1.554  -0.787  1.00 24.98  ? 108  GLN A C   1 
ATOM   746  O  O   . GLN A 1 98  ? 14.053  -1.733  -1.381  1.00 24.79  ? 108  GLN A O   1 
ATOM   747  C  CB  . GLN A 1 98  ? 12.172  -3.776  0.021   1.00 26.82  ? 108  GLN A CB  1 
ATOM   748  C  CG  . GLN A 1 98  ? 13.297  -4.699  -0.451  1.00 30.28  ? 108  GLN A CG  1 
ATOM   749  C  CD  . GLN A 1 98  ? 12.836  -6.140  -0.653  1.00 31.84  ? 108  GLN A CD  1 
ATOM   750  O  OE1 . GLN A 1 98  ? 13.653  -7.058  -0.739  1.00 33.04  ? 108  GLN A OE1 1 
ATOM   751  N  NE2 . GLN A 1 98  ? 11.524  -6.341  -0.733  1.00 31.75  ? 108  GLN A NE2 1 
ATOM   752  N  N   . ASN A 1 99  ? 12.094  -0.647  -1.162  1.00 23.85  ? 109  ASN A N   1 
ATOM   753  C  CA  . ASN A 1 99  ? 12.306  0.180   -2.339  1.00 24.26  ? 109  ASN A CA  1 
ATOM   754  C  C   . ASN A 1 99  ? 12.462  1.670   -2.057  1.00 24.74  ? 109  ASN A C   1 
ATOM   755  O  O   . ASN A 1 99  ? 12.359  2.488   -2.970  1.00 23.82  ? 109  ASN A O   1 
ATOM   756  C  CB  . ASN A 1 99  ? 11.166  -0.052  -3.332  1.00 23.40  ? 109  ASN A CB  1 
ATOM   757  C  CG  . ASN A 1 99  ? 11.163  -1.463  -3.885  1.00 23.76  ? 109  ASN A CG  1 
ATOM   758  O  OD1 . ASN A 1 99  ? 12.069  -1.850  -4.623  1.00 23.46  ? 109  ASN A OD1 1 
ATOM   759  N  ND2 . ASN A 1 99  ? 10.157  -2.242  -3.521  1.00 23.19  ? 109  ASN A ND2 1 
ATOM   760  N  N   . LEU A 1 100 ? 12.718  2.020   -0.798  1.00 26.24  ? 110  LEU A N   1 
ATOM   761  C  CA  . LEU A 1 100 ? 12.901  3.421   -0.419  1.00 28.22  ? 110  LEU A CA  1 
ATOM   762  C  C   . LEU A 1 100 ? 14.031  4.064   -1.218  1.00 29.64  ? 110  LEU A C   1 
ATOM   763  O  O   . LEU A 1 100 ? 13.972  5.250   -1.554  1.00 29.69  ? 110  LEU A O   1 
ATOM   764  C  CB  . LEU A 1 100 ? 13.228  3.539   1.070   1.00 28.57  ? 110  LEU A CB  1 
ATOM   765  C  CG  . LEU A 1 100 ? 12.120  3.964   2.039   1.00 29.56  ? 110  LEU A CG  1 
ATOM   766  C  CD1 . LEU A 1 100 ? 12.675  3.995   3.460   1.00 29.27  ? 110  LEU A CD1 1 
ATOM   767  C  CD2 . LEU A 1 100 ? 11.586  5.335   1.648   1.00 29.59  ? 110  LEU A CD2 1 
ATOM   768  N  N   . ASN A 1 101 ? 15.056  3.269   -1.517  1.00 30.55  ? 111  ASN A N   1 
ATOM   769  C  CA  . ASN A 1 101 ? 16.224  3.742   -2.253  1.00 31.91  ? 111  ASN A CA  1 
ATOM   770  C  C   . ASN A 1 101 ? 15.932  4.262   -3.657  1.00 31.55  ? 111  ASN A C   1 
ATOM   771  O  O   . ASN A 1 101 ? 16.709  5.047   -4.200  1.00 32.08  ? 111  ASN A O   1 
ATOM   772  C  CB  . ASN A 1 101 ? 17.284  2.635   -2.337  1.00 33.58  ? 111  ASN A CB  1 
ATOM   773  C  CG  . ASN A 1 101 ? 16.756  1.351   -2.980  1.00 35.48  ? 111  ASN A CG  1 
ATOM   774  O  OD1 . ASN A 1 101 ? 17.536  0.506   -3.430  1.00 37.09  ? 111  ASN A OD1 1 
ATOM   775  N  ND2 . ASN A 1 101 ? 15.432  1.195   -3.013  1.00 35.70  ? 111  ASN A ND2 1 
ATOM   776  N  N   . THR A 1 102 ? 14.827  3.825   -4.253  1.00 30.94  ? 112  THR A N   1 
ATOM   777  C  CA  . THR A 1 102 ? 14.483  4.276   -5.595  1.00 30.23  ? 112  THR A CA  1 
ATOM   778  C  C   . THR A 1 102 ? 13.263  5.197   -5.620  1.00 29.92  ? 112  THR A C   1 
ATOM   779  O  O   . THR A 1 102 ? 12.796  5.587   -6.684  1.00 29.51  ? 112  THR A O   1 
ATOM   780  C  CB  . THR A 1 102 ? 14.228  3.088   -6.542  1.00 30.17  ? 112  THR A CB  1 
ATOM   781  O  OG1 . THR A 1 102 ? 13.173  2.274   -6.014  1.00 30.04  ? 112  THR A OG1 1 
ATOM   782  C  CG2 . THR A 1 102 ? 15.497  2.248   -6.701  1.00 29.74  ? 112  THR A CG2 1 
ATOM   783  N  N   . TYR A 1 103 ? 12.745  5.539   -4.447  1.00 30.01  ? 113  TYR A N   1 
ATOM   784  C  CA  . TYR A 1 103 ? 11.593  6.431   -4.365  1.00 30.41  ? 113  TYR A CA  1 
ATOM   785  C  C   . TYR A 1 103 ? 11.977  7.735   -5.061  1.00 30.95  ? 113  TYR A C   1 
ATOM   786  O  O   . TYR A 1 103 ? 13.002  8.333   -4.743  1.00 31.11  ? 113  TYR A O   1 
ATOM   787  C  CB  . TYR A 1 103 ? 11.237  6.679   -2.896  1.00 29.50  ? 113  TYR A CB  1 
ATOM   788  C  CG  . TYR A 1 103 ? 10.064  7.604   -2.674  1.00 28.94  ? 113  TYR A CG  1 
ATOM   789  C  CD1 . TYR A 1 103 ? 10.201  8.985   -2.816  1.00 29.37  ? 113  TYR A CD1 1 
ATOM   790  C  CD2 . TYR A 1 103 ? 8.821   7.102   -2.304  1.00 29.21  ? 113  TYR A CD2 1 
ATOM   791  C  CE1 . TYR A 1 103 ? 9.129   9.844   -2.590  1.00 29.49  ? 113  TYR A CE1 1 
ATOM   792  C  CE2 . TYR A 1 103 ? 7.740   7.951   -2.073  1.00 29.41  ? 113  TYR A CE2 1 
ATOM   793  C  CZ  . TYR A 1 103 ? 7.902   9.321   -2.216  1.00 29.48  ? 113  TYR A CZ  1 
ATOM   794  O  OH  . TYR A 1 103 ? 6.845   10.166  -1.975  1.00 29.45  ? 113  TYR A OH  1 
ATOM   795  N  N   . SER A 1 104 ? 11.156  8.169   -6.014  1.00 32.27  ? 114  SER A N   1 
ATOM   796  C  CA  . SER A 1 104 ? 11.443  9.388   -6.768  1.00 33.36  ? 114  SER A CA  1 
ATOM   797  C  C   . SER A 1 104 ? 10.352  10.456  -6.681  1.00 33.99  ? 114  SER A C   1 
ATOM   798  O  O   . SER A 1 104 ? 9.185   10.197  -6.965  1.00 33.62  ? 114  SER A O   1 
ATOM   799  C  CB  . SER A 1 104 ? 11.690  9.028   -8.234  1.00 33.65  ? 114  SER A CB  1 
ATOM   800  O  OG  . SER A 1 104 ? 11.925  10.187  -9.011  1.00 35.19  ? 114  SER A OG  1 
ATOM   801  N  N   . LYS A 1 105 ? 10.744  11.667  -6.305  1.00 35.36  ? 115  LYS A N   1 
ATOM   802  C  CA  . LYS A 1 105 ? 9.801   12.772  -6.181  1.00 36.54  ? 115  LYS A CA  1 
ATOM   803  C  C   . LYS A 1 105 ? 9.124   13.159  -7.493  1.00 36.79  ? 115  LYS A C   1 
ATOM   804  O  O   . LYS A 1 105 ? 8.065   13.785  -7.483  1.00 36.84  ? 115  LYS A O   1 
ATOM   805  C  CB  . LYS A 1 105 ? 10.496  13.998  -5.580  1.00 37.93  ? 115  LYS A CB  1 
ATOM   806  C  CG  . LYS A 1 105 ? 10.924  13.816  -4.125  1.00 39.45  ? 115  LYS A CG  1 
ATOM   807  C  CD  . LYS A 1 105 ? 11.545  15.085  -3.548  1.00 40.41  ? 115  LYS A CD  1 
ATOM   808  C  CE  . LYS A 1 105 ? 12.820  15.483  -4.286  1.00 41.43  ? 115  LYS A CE  1 
ATOM   809  N  NZ  . LYS A 1 105 ? 13.420  16.735  -3.725  1.00 42.30  ? 115  LYS A NZ  1 
ATOM   810  N  N   . LYS A 1 106 ? 9.719   12.792  -8.624  1.00 37.10  ? 116  LYS A N   1 
ATOM   811  C  CA  . LYS A 1 106 ? 9.119   13.132  -9.908  1.00 37.20  ? 116  LYS A CA  1 
ATOM   812  C  C   . LYS A 1 106 ? 7.828   12.351  -10.140 1.00 36.75  ? 116  LYS A C   1 
ATOM   813  O  O   . LYS A 1 106 ? 7.058   12.669  -11.051 1.00 36.49  ? 116  LYS A O   1 
ATOM   814  C  CB  . LYS A 1 106 ? 10.102  12.875  -11.058 1.00 38.33  ? 116  LYS A CB  1 
ATOM   815  C  CG  . LYS A 1 106 ? 10.430  11.417  -11.329 1.00 39.94  ? 116  LYS A CG  1 
ATOM   816  C  CD  . LYS A 1 106 ? 11.365  11.298  -12.530 1.00 41.10  ? 116  LYS A CD  1 
ATOM   817  C  CE  . LYS A 1 106 ? 11.807  9.857   -12.761 1.00 42.19  ? 116  LYS A CE  1 
ATOM   818  N  NZ  . LYS A 1 106 ? 12.790  9.744   -13.880 1.00 43.00  ? 116  LYS A NZ  1 
ATOM   819  N  N   . TYR A 1 107 ? 7.589   11.335  -9.313  1.00 35.74  ? 117  TYR A N   1 
ATOM   820  C  CA  . TYR A 1 107 ? 6.381   10.530  -9.439  1.00 34.99  ? 117  TYR A CA  1 
ATOM   821  C  C   . TYR A 1 107 ? 5.279   10.982  -8.489  1.00 34.22  ? 117  TYR A C   1 
ATOM   822  O  O   . TYR A 1 107 ? 4.191   10.411  -8.475  1.00 33.79  ? 117  TYR A O   1 
ATOM   823  C  CB  . TYR A 1 107 ? 6.698   9.048   -9.224  1.00 35.40  ? 117  TYR A CB  1 
ATOM   824  C  CG  . TYR A 1 107 ? 7.535   8.469   -10.339 1.00 35.85  ? 117  TYR A CG  1 
ATOM   825  C  CD1 . TYR A 1 107 ? 7.151   8.627   -11.672 1.00 36.29  ? 117  TYR A CD1 1 
ATOM   826  C  CD2 . TYR A 1 107 ? 8.727   7.796   -10.071 1.00 36.19  ? 117  TYR A CD2 1 
ATOM   827  C  CE1 . TYR A 1 107 ? 7.935   8.135   -12.709 1.00 36.73  ? 117  TYR A CE1 1 
ATOM   828  C  CE2 . TYR A 1 107 ? 9.519   7.298   -11.104 1.00 36.45  ? 117  TYR A CE2 1 
ATOM   829  C  CZ  . TYR A 1 107 ? 9.117   7.474   -12.418 1.00 36.70  ? 117  TYR A CZ  1 
ATOM   830  O  OH  . TYR A 1 107 ? 9.899   7.003   -13.445 1.00 37.84  ? 117  TYR A OH  1 
ATOM   831  N  N   . MET A 1 108 ? 5.566   12.006  -7.692  1.00 33.68  ? 118  MET A N   1 
ATOM   832  C  CA  . MET A 1 108 ? 4.569   12.549  -6.778  1.00 33.49  ? 118  MET A CA  1 
ATOM   833  C  C   . MET A 1 108 ? 3.614   13.376  -7.634  1.00 32.84  ? 118  MET A C   1 
ATOM   834  O  O   . MET A 1 108 ? 4.052   14.079  -8.545  1.00 33.26  ? 118  MET A O   1 
ATOM   835  C  CB  . MET A 1 108 ? 5.224   13.453  -5.728  1.00 34.43  ? 118  MET A CB  1 
ATOM   836  C  CG  . MET A 1 108 ? 6.039   12.723  -4.669  1.00 35.94  ? 118  MET A CG  1 
ATOM   837  S  SD  . MET A 1 108 ? 6.714   13.843  -3.396  1.00 37.83  ? 118  MET A SD  1 
ATOM   838  C  CE  . MET A 1 108 ? 5.320   13.999  -2.317  1.00 36.12  ? 118  MET A CE  1 
ATOM   839  N  N   . LEU A 1 109 ? 2.320   13.285  -7.354  1.00 31.91  ? 119  LEU A N   1 
ATOM   840  C  CA  . LEU A 1 109 ? 1.319   14.039  -8.109  1.00 31.28  ? 119  LEU A CA  1 
ATOM   841  C  C   . LEU A 1 109 ? 1.446   13.782  -9.605  1.00 30.24  ? 119  LEU A C   1 
ATOM   842  O  O   . LEU A 1 109 ? 1.294   14.695  -10.420 1.00 30.24  ? 119  LEU A O   1 
ATOM   843  C  CB  . LEU A 1 109 ? 1.470   15.542  -7.838  1.00 32.54  ? 119  LEU A CB  1 
ATOM   844  C  CG  . LEU A 1 109 ? 1.350   16.010  -6.384  1.00 33.30  ? 119  LEU A CG  1 
ATOM   845  C  CD1 . LEU A 1 109 ? 1.518   17.523  -6.317  1.00 33.54  ? 119  LEU A CD1 1 
ATOM   846  C  CD2 . LEU A 1 109 ? -0.002  15.597  -5.818  1.00 34.01  ? 119  LEU A CD2 1 
ATOM   847  N  N   . TYR A 1 110 ? 1.720   12.531  -9.956  1.00 28.49  ? 120  TYR A N   1 
ATOM   848  C  CA  . TYR A 1 110 ? 1.884   12.134  -11.347 1.00 27.02  ? 120  TYR A CA  1 
ATOM   849  C  C   . TYR A 1 110 ? 0.593   12.339  -12.150 1.00 26.17  ? 120  TYR A C   1 
ATOM   850  O  O   . TYR A 1 110 ? -0.483  11.918  -11.728 1.00 24.81  ? 120  TYR A O   1 
ATOM   851  C  CB  . TYR A 1 110 ? 2.316   10.666  -11.400 1.00 26.68  ? 120  TYR A CB  1 
ATOM   852  C  CG  . TYR A 1 110 ? 2.975   10.253  -12.691 1.00 26.54  ? 120  TYR A CG  1 
ATOM   853  C  CD1 . TYR A 1 110 ? 4.179   10.829  -13.097 1.00 26.55  ? 120  TYR A CD1 1 
ATOM   854  C  CD2 . TYR A 1 110 ? 2.412   9.259   -13.494 1.00 26.40  ? 120  TYR A CD2 1 
ATOM   855  C  CE1 . TYR A 1 110 ? 4.812   10.422  -14.272 1.00 26.82  ? 120  TYR A CE1 1 
ATOM   856  C  CE2 . TYR A 1 110 ? 3.034   8.845   -14.666 1.00 26.57  ? 120  TYR A CE2 1 
ATOM   857  C  CZ  . TYR A 1 110 ? 4.233   9.428   -15.048 1.00 27.13  ? 120  TYR A CZ  1 
ATOM   858  O  OH  . TYR A 1 110 ? 4.854   9.001   -16.195 1.00 27.69  ? 120  TYR A OH  1 
ATOM   859  N  N   . PRO A 1 111 ? 0.688   12.998  -13.319 1.00 26.19  ? 121  PRO A N   1 
ATOM   860  C  CA  . PRO A 1 111 ? -0.465  13.267  -14.191 1.00 26.08  ? 121  PRO A CA  1 
ATOM   861  C  C   . PRO A 1 111 ? -1.116  11.981  -14.694 1.00 25.74  ? 121  PRO A C   1 
ATOM   862  O  O   . PRO A 1 111 ? -0.434  11.064  -15.143 1.00 25.46  ? 121  PRO A O   1 
ATOM   863  C  CB  . PRO A 1 111 ? 0.145   14.075  -15.341 1.00 26.08  ? 121  PRO A CB  1 
ATOM   864  C  CG  . PRO A 1 111 ? 1.348   14.714  -14.721 1.00 26.37  ? 121  PRO A CG  1 
ATOM   865  C  CD  . PRO A 1 111 ? 1.909   13.603  -13.876 1.00 26.13  ? 121  PRO A CD  1 
ATOM   866  N  N   . ASP A 1 112 ? -2.441  11.938  -14.641 1.00 25.91  ? 122  ASP A N   1 
ATOM   867  C  CA  . ASP A 1 112 ? -3.198  10.772  -15.072 1.00 26.36  ? 122  ASP A CA  1 
ATOM   868  C  C   . ASP A 1 112 ? -2.952  10.309  -16.508 1.00 27.06  ? 122  ASP A C   1 
ATOM   869  O  O   . ASP A 1 112 ? -2.863  9.105   -16.763 1.00 26.27  ? 122  ASP A O   1 
ATOM   870  C  CB  . ASP A 1 112 ? -4.695  11.030  -14.875 1.00 26.28  ? 122  ASP A CB  1 
ATOM   871  C  CG  . ASP A 1 112 ? -5.561  9.878   -15.368 1.00 27.15  ? 122  ASP A CG  1 
ATOM   872  O  OD1 . ASP A 1 112 ? -5.814  9.794   -16.586 1.00 26.43  ? 122  ASP A OD1 1 
ATOM   873  O  OD2 . ASP A 1 112 ? -5.981  9.047   -14.531 1.00 27.94  ? 122  ASP A OD2 1 
ATOM   874  N  N   . PHE A 1 113 ? -2.842  11.248  -17.444 1.00 27.43  ? 124  PHE A N   1 
ATOM   875  C  CA  . PHE A 1 113 ? -2.651  10.877  -18.845 1.00 28.20  ? 124  PHE A CA  1 
ATOM   876  C  C   . PHE A 1 113 ? -1.367  10.105  -19.136 1.00 28.28  ? 124  PHE A C   1 
ATOM   877  O  O   . PHE A 1 113 ? -1.249  9.471   -20.185 1.00 28.29  ? 124  PHE A O   1 
ATOM   878  C  CB  . PHE A 1 113 ? -2.710  12.116  -19.753 1.00 28.06  ? 124  PHE A CB  1 
ATOM   879  C  CG  . PHE A 1 113 ? -1.434  12.899  -19.802 1.00 27.99  ? 124  PHE A CG  1 
ATOM   880  C  CD1 . PHE A 1 113 ? -1.062  13.720  -18.748 1.00 27.77  ? 124  PHE A CD1 1 
ATOM   881  C  CD2 . PHE A 1 113 ? -0.602  12.818  -20.918 1.00 29.20  ? 124  PHE A CD2 1 
ATOM   882  C  CE1 . PHE A 1 113 ? 0.117   14.453  -18.796 1.00 28.32  ? 124  PHE A CE1 1 
ATOM   883  C  CE2 . PHE A 1 113 ? 0.586   13.549  -20.979 1.00 28.74  ? 124  PHE A CE2 1 
ATOM   884  C  CZ  . PHE A 1 113 ? 0.945   14.368  -19.916 1.00 28.61  ? 124  PHE A CZ  1 
ATOM   885  N  N   . LEU A 1 114 ? -0.400  10.162  -18.225 1.00 28.72  ? 125  LEU A N   1 
ATOM   886  C  CA  . LEU A 1 114 ? 0.854   9.445   -18.429 1.00 29.11  ? 125  LEU A CA  1 
ATOM   887  C  C   . LEU A 1 114 ? 0.749   7.986   -17.986 1.00 29.67  ? 125  LEU A C   1 
ATOM   888  O  O   . LEU A 1 114 ? 1.693   7.208   -18.137 1.00 29.61  ? 125  LEU A O   1 
ATOM   889  C  CB  . LEU A 1 114 ? 2.002   10.142  -17.691 1.00 29.50  ? 125  LEU A CB  1 
ATOM   890  C  CG  . LEU A 1 114 ? 2.447   11.487  -18.276 1.00 29.84  ? 125  LEU A CG  1 
ATOM   891  C  CD1 . LEU A 1 114 ? 3.609   12.074  -17.480 1.00 30.40  ? 125  LEU A CD1 1 
ATOM   892  C  CD2 . LEU A 1 114 ? 2.830   11.332  -19.740 1.00 29.84  ? 125  LEU A CD2 1 
ATOM   893  N  N   . CYS A 1 115 ? -0.384  7.639   -17.437 1.00 30.04  ? 126  CYS A N   1 
ATOM   894  C  CA  . CYS A 1 115 ? -0.632  6.278   -17.092 1.00 31.26  ? 126  CYS A CA  1 
ATOM   895  C  C   . CYS A 1 115 ? -1.372  5.649   -18.250 1.00 33.42  ? 126  CYS A C   1 
ATOM   896  O  O   . CYS A 1 115 ? -2.564  5.854   -18.464 1.00 34.29  ? 126  CYS A O   1 
ATOM   897  C  CB  . CYS A 1 115 ? -1.407  6.191   -15.770 1.00 28.58  ? 126  CYS A CB  1 
ATOM   898  S  SG  . CYS A 1 115 ? -0.420  6.568   -14.286 1.00 24.88  ? 126  CYS A SG  1 
ATOM   899  N  N   . LYS A 1 116 ? -0.624  4.895   -19.016 1.00 36.15  ? 127  LYS A N   1 
ATOM   900  C  CA  . LYS A 1 116 ? -1.124  4.218   -20.174 1.00 38.78  ? 127  LYS A CA  1 
ATOM   901  C  C   . LYS A 1 116 ? -0.656  2.767   -20.148 1.00 39.90  ? 127  LYS A C   1 
ATOM   902  O  O   . LYS A 1 116 ? 0.414   2.457   -19.618 1.00 39.80  ? 127  LYS A O   1 
ATOM   903  C  CB  . LYS A 1 116 ? -0.663  4.905   -21.467 1.00 39.78  ? 127  LYS A CB  1 
ATOM   904  C  CG  . LYS A 1 116 ? -1.490  4.538   -22.688 1.00 42.13  ? 127  LYS A CG  1 
ATOM   905  C  CD  . LYS A 1 116 ? -1.179  3.151   -23.231 1.00 43.43  ? 127  LYS A CD  1 
ATOM   906  C  CE  . LYS A 1 116 ? -1.958  2.859   -24.506 1.00 44.46  ? 127  LYS A CE  1 
ATOM   907  N  NZ  . LYS A 1 116 ? -3.431  2.999   -24.304 1.00 45.43  ? 127  LYS A NZ  1 
ATOM   908  N  N   . GLY A 1 117 ? -1.470  1.882   -20.715 1.00 41.13  ? 128  GLY A N   1 
ATOM   909  C  CA  . GLY A 1 117 ? -1.116  0.475   -20.757 1.00 42.47  ? 128  GLY A CA  1 
ATOM   910  C  C   . GLY A 1 117 ? -2.087  -0.394  -19.986 1.00 43.33  ? 128  GLY A C   1 
ATOM   911  O  O   . GLY A 1 117 ? -3.149  0.062   -19.559 1.00 43.60  ? 128  GLY A O   1 
ATOM   912  N  N   . GLU A 1 118 ? -1.723  -1.658  -19.812 1.00 44.10  ? 129  GLU A N   1 
ATOM   913  C  CA  . GLU A 1 118 ? -2.564  -2.595  -19.086 1.00 44.63  ? 129  GLU A CA  1 
ATOM   914  C  C   . GLU A 1 118 ? -1.715  -3.595  -18.310 1.00 44.05  ? 129  GLU A C   1 
ATOM   915  O  O   . GLU A 1 118 ? -0.644  -4.010  -18.763 1.00 44.21  ? 129  GLU A O   1 
ATOM   916  C  CB  . GLU A 1 118 ? -3.470  -3.356  -20.054 1.00 45.83  ? 129  GLU A CB  1 
ATOM   917  C  CG  . GLU A 1 118 ? -2.698  -4.190  -21.059 1.00 47.71  ? 129  GLU A CG  1 
ATOM   918  C  CD  . GLU A 1 118 ? -3.480  -5.392  -21.546 1.00 48.72  ? 129  GLU A CD  1 
ATOM   919  O  OE1 . GLU A 1 118 ? -2.922  -6.184  -22.339 1.00 49.58  ? 129  GLU A OE1 1 
ATOM   920  O  OE2 . GLU A 1 118 ? -4.649  -5.548  -21.132 1.00 49.28  ? 129  GLU A OE2 1 
ATOM   921  N  N   . LEU A 1 119 ? -2.200  -3.975  -17.136 1.00 43.08  ? 130  LEU A N   1 
ATOM   922  C  CA  . LEU A 1 119 ? -1.511  -4.940  -16.296 1.00 41.76  ? 130  LEU A CA  1 
ATOM   923  C  C   . LEU A 1 119 ? -2.583  -5.618  -15.456 1.00 40.75  ? 130  LEU A C   1 
ATOM   924  O  O   . LEU A 1 119 ? -3.316  -4.952  -14.721 1.00 40.65  ? 130  LEU A O   1 
ATOM   925  C  CB  . LEU A 1 119 ? -0.501  -4.241  -15.381 1.00 42.13  ? 130  LEU A CB  1 
ATOM   926  C  CG  . LEU A 1 119 ? 0.759   -5.030  -14.995 1.00 42.66  ? 130  LEU A CG  1 
ATOM   927  C  CD1 . LEU A 1 119 ? 1.433   -4.347  -13.814 1.00 41.96  ? 130  LEU A CD1 1 
ATOM   928  C  CD2 . LEU A 1 119 ? 0.411   -6.467  -14.633 1.00 43.11  ? 130  LEU A CD2 1 
ATOM   929  N  N   . LYS A 1 120 ? -2.686  -6.937  -15.577 1.00 38.86  ? 131  LYS A N   1 
ATOM   930  C  CA  . LYS A 1 120 ? -3.678  -7.686  -14.819 1.00 37.08  ? 131  LYS A CA  1 
ATOM   931  C  C   . LYS A 1 120 ? -3.049  -8.269  -13.557 1.00 34.87  ? 131  LYS A C   1 
ATOM   932  O  O   . LYS A 1 120 ? -1.848  -8.533  -13.512 1.00 34.21  ? 131  LYS A O   1 
ATOM   933  C  CB  . LYS A 1 120 ? -4.270  -8.810  -15.679 1.00 38.19  ? 131  LYS A CB  1 
ATOM   934  C  CG  . LYS A 1 120 ? -5.403  -9.570  -15.000 1.00 40.42  ? 131  LYS A CG  1 
ATOM   935  C  CD  . LYS A 1 120 ? -6.167  -10.465 -15.978 1.00 41.88  ? 131  LYS A CD  1 
ATOM   936  C  CE  . LYS A 1 120 ? -5.289  -11.564 -16.559 1.00 42.86  ? 131  LYS A CE  1 
ATOM   937  N  NZ  . LYS A 1 120 ? -6.066  -12.475 -17.448 1.00 44.18  ? 131  LYS A NZ  1 
ATOM   938  N  N   . CYS A 1 121 ? -3.869  -8.451  -12.526 1.00 32.53  ? 133  CYS A N   1 
ATOM   939  C  CA  . CYS A 1 121 ? -3.400  -9.000  -11.262 1.00 30.58  ? 133  CYS A CA  1 
ATOM   940  C  C   . CYS A 1 121 ? -3.029  -10.470 -11.401 1.00 30.60  ? 133  CYS A C   1 
ATOM   941  O  O   . CYS A 1 121 ? -2.001  -10.869 -10.816 1.00 30.50  ? 133  CYS A O   1 
ATOM   942  C  CB  . CYS A 1 121 ? -4.471  -8.847  -10.188 1.00 28.44  ? 133  CYS A CB  1 
ATOM   943  S  SG  . CYS A 1 121 ? -4.798  -7.133  -9.675  1.00 25.32  ? 133  CYS A SG  1 
ATOM   944  O  OXT . CYS A 1 121 ? -3.781  -11.199 -12.075 1.00 30.62  ? 133  CYS A OXT 1 
HETATM 945  S  S   . SO4 B 2 .   ? 1.484   -13.669 22.066  1.00 100.00 ? 261  SO4 A S   1 
HETATM 946  O  O1  . SO4 B 2 .   ? 1.615   -13.906 20.611  1.00 100.00 ? 261  SO4 A O1  1 
HETATM 947  O  O2  . SO4 B 2 .   ? 2.435   -12.610 22.412  1.00 100.00 ? 261  SO4 A O2  1 
HETATM 948  O  O3  . SO4 B 2 .   ? 0.142   -13.188 22.442  1.00 100.00 ? 261  SO4 A O3  1 
HETATM 949  O  O4  . SO4 B 2 .   ? 1.787   -14.935 22.750  1.00 100.00 ? 261  SO4 A O4  1 
HETATM 950  S  S   . SO4 C 2 .   ? 11.375  -2.840  -14.736 1.00 100.00 ? 262  SO4 A S   1 
HETATM 951  O  O1  . SO4 C 2 .   ? 10.216  -3.588  -15.273 1.00 100.00 ? 262  SO4 A O1  1 
HETATM 952  O  O2  . SO4 C 2 .   ? 11.335  -1.508  -15.344 1.00 100.00 ? 262  SO4 A O2  1 
HETATM 953  O  O3  . SO4 C 2 .   ? 11.303  -2.649  -13.276 1.00 100.00 ? 262  SO4 A O3  1 
HETATM 954  O  O4  . SO4 C 2 .   ? 12.589  -3.586  -15.098 1.00 100.00 ? 262  SO4 A O4  1 
HETATM 955  C  C1  . LCF D 3 .   ? -5.344  7.196   1.268   1.00 87.90  ? 2001 LCF A C1  1 
HETATM 956  C  C2  . LCF D 3 .   ? -5.974  6.454   -1.248  1.00 87.92  ? 2001 LCF A C2  1 
HETATM 957  C  C3  . LCF D 3 .   ? -7.302  6.785   -1.905  1.00 87.87  ? 2001 LCF A C3  1 
HETATM 958  C  C4  . LCF D 3 .   ? -8.207  7.540   -0.994  1.00 87.96  ? 2001 LCF A C4  1 
HETATM 959  C  C5  . LCF D 3 .   ? -7.374  7.674   0.230   1.00 88.02  ? 2001 LCF A C5  1 
HETATM 960  C  C6  . LCF D 3 .   ? -7.577  8.304   1.564   1.00 88.05  ? 2001 LCF A C6  1 
HETATM 961  C  C7  . LCF D 3 .   ? -6.196  7.990   2.303   1.00 87.91  ? 2001 LCF A C7  1 
HETATM 962  N  N   . LCF D 3 .   ? -6.152  7.070   0.084   1.00 88.00  ? 2001 LCF A N   1 
HETATM 963  C  C8  . LCF D 3 .   ? -3.969  6.550   1.178   1.00 87.70  ? 2001 LCF A C8  1 
HETATM 964  C  C9  . LCF D 3 .   ? -4.033  5.056   1.327   1.00 87.64  ? 2001 LCF A C9  1 
HETATM 965  O  O1  . LCF D 3 .   ? -3.928  4.367   0.334   1.00 87.52  ? 2001 LCF A O1  1 
HETATM 966  O  O2  . LCF D 3 .   ? -4.191  4.541   2.413   1.00 87.68  ? 2001 LCF A O2  1 
HETATM 967  C  C10 . LCF D 3 .   ? -8.188  5.623   -2.168  1.00 87.72  ? 2001 LCF A C10 1 
HETATM 968  C  C11 . LCF D 3 .   ? -7.029  7.491   -3.204  1.00 87.78  ? 2001 LCF A C11 1 
HETATM 969  C  C12 . LCF D 3 .   ? -8.860  9.027   1.932   1.00 88.34  ? 2001 LCF A C12 1 
HETATM 970  C  C13 . LCF D 3 .   ? -9.993  9.176   1.053   1.00 88.44  ? 2001 LCF A C13 1 
HETATM 971  C  C14 . LCF D 3 .   ? -11.197 9.868   1.419   1.00 88.60  ? 2001 LCF A C14 1 
HETATM 972  C  C15 . LCF D 3 .   ? -11.315 10.446  2.695   1.00 88.74  ? 2001 LCF A C15 1 
HETATM 973  C  C16 . LCF D 3 .   ? -10.217 10.321  3.599   1.00 88.71  ? 2001 LCF A C16 1 
HETATM 974  C  C17 . LCF D 3 .   ? -9.045  9.628   3.196   1.00 88.49  ? 2001 LCF A C17 1 
HETATM 975  C  C18 . LCF D 3 .   ? -5.652  8.294   3.644   1.00 87.81  ? 2001 LCF A C18 1 
HETATM 976  C  C19 . LCF D 3 .   ? -6.390  9.005   4.609   1.00 87.72  ? 2001 LCF A C19 1 
HETATM 977  C  C20 . LCF D 3 .   ? -5.902  9.303   5.885   1.00 87.70  ? 2001 LCF A C20 1 
HETATM 978  C  C21 . LCF D 3 .   ? -4.622  8.899   6.278   1.00 87.71  ? 2001 LCF A C21 1 
HETATM 979  C  C22 . LCF D 3 .   ? -3.826  8.189   5.376   1.00 87.71  ? 2001 LCF A C22 1 
HETATM 980  C  C23 . LCF D 3 .   ? -4.335  7.891   4.081   1.00 87.70  ? 2001 LCF A C23 1 
HETATM 981  CL CL1 . LCF D 3 .   ? -4.102  9.341   7.935   1.00 87.53  ? 2001 LCF A CL1 1 
HETATM 982  O  O   . HOH E 4 .   ? -9.441  -6.863  15.699  1.00 46.28  ? 2002 HOH A O   1 
HETATM 983  O  O   . HOH E 4 .   ? -6.373  -1.203  6.011   1.00 12.39  ? 2003 HOH A O   1 
HETATM 984  O  O   . HOH E 4 .   ? 10.566  3.195   -6.294  1.00 22.56  ? 2004 HOH A O   1 
HETATM 985  O  O   . HOH E 4 .   ? 2.028   -10.016 4.546   1.00 23.53  ? 2005 HOH A O   1 
HETATM 986  O  O   . HOH E 4 .   ? 2.668   -11.382 1.747   1.00 22.07  ? 2006 HOH A O   1 
HETATM 987  O  O   . HOH E 4 .   ? -7.084  13.649  13.878  1.00 70.67  ? 2007 HOH A O   1 
HETATM 988  O  O   . HOH E 4 .   ? -16.793 -8.041  8.157   1.00 16.84  ? 2008 HOH A O   1 
HETATM 989  O  O   . HOH E 4 .   ? -17.037 -10.552 7.189   1.00 19.40  ? 2009 HOH A O   1 
HETATM 990  O  O   . HOH E 4 .   ? 1.502   6.838   14.851  1.00 50.30  ? 2010 HOH A O   1 
HETATM 991  O  O   . HOH E 4 .   ? 12.925  8.027   5.184   1.00 44.48  ? 2011 HOH A O   1 
HETATM 992  O  O   . HOH E 4 .   ? -16.902 -6.542  5.578   1.00 20.78  ? 2012 HOH A O   1 
HETATM 993  O  O   . HOH E 4 .   ? 1.458   7.993   7.824   1.00 35.81  ? 2013 HOH A O   1 
HETATM 994  O  O   . HOH E 4 .   ? 11.091  11.345  13.615  1.00 50.41  ? 2014 HOH A O   1 
HETATM 995  O  O   . HOH E 4 .   ? 5.749   2.881   -17.327 1.00 60.85  ? 2015 HOH A O   1 
HETATM 996  O  O   . HOH E 4 .   ? 4.792   -10.167 4.236   1.00 22.30  ? 2016 HOH A O   1 
HETATM 997  O  O   . HOH E 4 .   ? -4.042  9.909   -6.414  1.00 37.74  ? 2017 HOH A O   1 
HETATM 998  O  O   . HOH E 4 .   ? -15.363 -11.951 2.807   1.00 42.26  ? 2018 HOH A O   1 
HETATM 999  O  O   . HOH E 4 .   ? 3.902   4.621   15.724  1.00 49.12  ? 2019 HOH A O   1 
HETATM 1000 O  O   . HOH E 4 .   ? 8.020   12.078  -0.317  1.00 38.59  ? 2020 HOH A O   1 
HETATM 1001 O  O   . HOH E 4 .   ? 2.344   -4.538  -1.868  1.00 13.42  ? 2021 HOH A O   1 
HETATM 1002 O  O   . HOH E 4 .   ? -17.411 -10.772 4.471   1.00 27.15  ? 2022 HOH A O   1 
HETATM 1003 O  O   . HOH E 4 .   ? 0.181   -6.067  -0.696  1.00 17.10  ? 2023 HOH A O   1 
HETATM 1004 O  O   . HOH E 4 .   ? 9.495   11.247  10.623  1.00 57.86  ? 2024 HOH A O   1 
HETATM 1005 O  O   . HOH E 4 .   ? 9.324   6.316   11.742  1.00 26.06  ? 2025 HOH A O   1 
HETATM 1006 O  O   . HOH E 4 .   ? 7.793   -3.681  -6.058  1.00 28.60  ? 2026 HOH A O   1 
HETATM 1007 O  O   . HOH E 4 .   ? -19.554 -11.653 3.087   1.00 20.28  ? 2027 HOH A O   1 
HETATM 1008 O  O   . HOH E 4 .   ? -8.240  -2.640  -5.333  1.00 29.12  ? 2028 HOH A O   1 
HETATM 1009 O  O   . HOH E 4 .   ? -1.511  7.716   -8.383  1.00 30.64  ? 2029 HOH A O   1 
HETATM 1010 O  O   . HOH E 4 .   ? 12.494  1.380   -9.273  1.00 27.96  ? 2030 HOH A O   1 
HETATM 1011 O  O   . HOH E 4 .   ? 12.239  5.726   -9.167  1.00 30.53  ? 2031 HOH A O   1 
HETATM 1012 O  O   . HOH E 4 .   ? 9.614   -5.213  -4.127  1.00 31.51  ? 2032 HOH A O   1 
HETATM 1013 O  O   . HOH E 4 .   ? 9.186   3.365   -1.252  1.00 20.07  ? 2033 HOH A O   1 
HETATM 1014 O  O   . HOH E 4 .   ? -13.925 -11.071 0.623   1.00 22.95  ? 2034 HOH A O   1 
HETATM 1015 O  O   . HOH E 4 .   ? 4.345   -6.313  -2.603  1.00 26.44  ? 2035 HOH A O   1 
HETATM 1016 O  O   . HOH E 4 .   ? -18.059 -13.552 1.962   1.00 37.61  ? 2036 HOH A O   1 
HETATM 1017 O  O   . HOH E 4 .   ? -14.531 -7.699  9.833   1.00 17.32  ? 2037 HOH A O   1 
HETATM 1018 O  O   . HOH E 4 .   ? 14.099  -0.277  -5.521  1.00 29.43  ? 2038 HOH A O   1 
HETATM 1019 O  O   . HOH E 4 .   ? -1.926  9.374   -11.402 1.00 49.30  ? 2039 HOH A O   1 
HETATM 1020 O  O   . HOH E 4 .   ? 15.599  0.696   0.038   1.00 36.79  ? 2040 HOH A O   1 
HETATM 1021 O  O   . HOH E 4 .   ? -6.107  -0.550  -9.286  1.00 49.32  ? 2041 HOH A O   1 
HETATM 1022 O  O   . HOH E 4 .   ? 4.507   14.024  -11.272 1.00 45.00  ? 2042 HOH A O   1 
HETATM 1023 O  O   . HOH E 4 .   ? -18.743 -7.271  -3.336  1.00 54.14  ? 2043 HOH A O   1 
HETATM 1024 O  O   . HOH E 4 .   ? -1.002  -6.080  21.101  1.00 47.42  ? 2044 HOH A O   1 
HETATM 1025 O  O   . HOH E 4 .   ? -7.353  -10.579 -10.147 1.00 60.57  ? 2045 HOH A O   1 
HETATM 1026 O  O   . HOH E 4 .   ? -9.223  -12.640 -7.715  1.00 57.84  ? 2046 HOH A O   1 
HETATM 1027 O  O   . HOH E 4 .   ? -1.779  -13.351 -10.124 1.00 26.16  ? 2047 HOH A O   1 
HETATM 1028 O  O   . HOH E 4 .   ? 0.971   -1.246  16.645  1.00 39.41  ? 2048 HOH A O   1 
HETATM 1029 O  O   . HOH E 4 .   ? -2.224  -4.276  19.123  1.00 45.39  ? 2049 HOH A O   1 
HETATM 1030 O  O   . HOH E 4 .   ? 11.715  -10.588 15.169  1.00 71.18  ? 2050 HOH A O   1 
HETATM 1031 O  O   . HOH E 4 .   ? 0.237   -1.036  19.395  1.00 56.23  ? 2051 HOH A O   1 
HETATM 1032 O  O   . HOH E 4 .   ? 14.794  -7.116  13.812  1.00 89.88  ? 2052 HOH A O   1 
HETATM 1033 O  O   . HOH E 4 .   ? 13.851  7.582   0.066   1.00 51.41  ? 2053 HOH A O   1 
HETATM 1034 O  O   . HOH E 4 .   ? -4.578  -3.010  -16.900 1.00 52.11  ? 2054 HOH A O   1 
HETATM 1035 O  O   . HOH E 4 .   ? 0.251   -3.730  21.133  1.00 55.90  ? 2055 HOH A O   1 
HETATM 1036 O  O   . HOH E 4 .   ? -1.186  -8.272  -17.504 1.00 71.03  ? 2056 HOH A O   1 
HETATM 1037 O  O   . HOH E 4 .   ? 9.246   14.605  -1.649  1.00 70.17  ? 2057 HOH A O   1 
HETATM 1038 O  O   . HOH E 4 .   ? -7.417  -5.074  -8.394  1.00 59.40  ? 2058 HOH A O   1 
HETATM 1039 O  O   . HOH E 4 .   ? -5.415  -3.824  -11.910 1.00 46.02  ? 2059 HOH A O   1 
HETATM 1040 O  O   . HOH E 4 .   ? -4.597  -3.536  -9.491  1.00 30.94  ? 2060 HOH A O   1 
HETATM 1041 O  O   . HOH E 4 .   ? -6.744  -9.484  -7.249  1.00 31.47  ? 2061 HOH A O   1 
HETATM 1042 O  O   . HOH E 4 .   ? -14.034 -5.797  6.344   1.00 14.72  ? 2062 HOH A O   1 
HETATM 1043 O  O   . HOH E 4 .   ? -13.313 -1.593  12.812  1.00 26.53  ? 2063 HOH A O   1 
HETATM 1044 O  O   . HOH E 4 .   ? 3.585   -2.972  19.087  1.00 57.49  ? 2064 HOH A O   1 
HETATM 1045 O  O   . HOH E 4 .   ? 7.682   -7.497  9.255   1.00 29.68  ? 2065 HOH A O   1 
HETATM 1046 O  O   . HOH E 4 .   ? 1.400   -11.304 10.685  1.00 27.13  ? 2066 HOH A O   1 
HETATM 1047 O  O   . HOH E 4 .   ? -7.289  -7.492  14.421  1.00 28.96  ? 2067 HOH A O   1 
HETATM 1048 O  O   . HOH E 4 .   ? 12.751  -4.752  -5.218  1.00 71.61  ? 2068 HOH A O   1 
HETATM 1049 O  O   . HOH E 4 .   ? -5.290  -0.553  18.731  1.00 60.29  ? 2069 HOH A O   1 
HETATM 1050 O  O   . HOH E 4 .   ? 3.351   -0.105  16.609  1.00 49.07  ? 2070 HOH A O   1 
HETATM 1051 O  O   . HOH E 4 .   ? 0.184   17.396  -10.671 1.00 33.43  ? 2071 HOH A O   1 
HETATM 1052 O  O   . HOH E 4 .   ? -16.209 -0.903  0.707   1.00 66.49  ? 2072 HOH A O   1 
HETATM 1053 O  O   . HOH E 4 .   ? -2.717  -12.006 9.521   1.00 44.31  ? 2073 HOH A O   1 
HETATM 1054 O  O   . HOH E 4 .   ? -5.147  -8.914  11.934  1.00 36.60  ? 2074 HOH A O   1 
HETATM 1055 O  O   . HOH E 4 .   ? -12.908 -0.736  -0.338  1.00 58.51  ? 2075 HOH A O   1 
HETATM 1056 O  O   . HOH E 4 .   ? 2.257   3.805   -17.222 1.00 33.60  ? 2076 HOH A O   1 
HETATM 1057 O  O   . HOH E 4 .   ? 15.129  8.899   -6.384  1.00 64.73  ? 2077 HOH A O   1 
HETATM 1058 O  O   . HOH E 4 .   ? -0.840  -10.219 21.629  1.00 55.77  ? 2078 HOH A O   1 
HETATM 1059 O  O   . HOH E 4 .   ? -6.310  -0.656  15.593  1.00 49.20  ? 2079 HOH A O   1 
HETATM 1060 O  O   . HOH E 4 .   ? 6.446   12.311  4.529   1.00 46.22  ? 2080 HOH A O   1 
HETATM 1061 O  O   . HOH E 4 .   ? -0.662  10.224  6.466   1.00 65.02  ? 2081 HOH A O   1 
HETATM 1062 O  O   . HOH E 4 .   ? 6.635   -1.507  -13.861 1.00 33.93  ? 2082 HOH A O   1 
HETATM 1063 O  O   . HOH E 4 .   ? 8.803   -4.978  -8.189  1.00 50.05  ? 2083 HOH A O   1 
HETATM 1064 O  O   . HOH E 4 .   ? 8.737   -6.386  -2.016  1.00 25.73  ? 2084 HOH A O   1 
HETATM 1065 O  O   . HOH E 4 .   ? 0.468   -13.765 12.726  1.00 54.71  ? 2085 HOH A O   1 
HETATM 1066 O  O   . HOH E 4 .   ? 14.625  7.903   -2.676  1.00 61.98  ? 2086 HOH A O   1 
HETATM 1067 O  O   . HOH E 4 .   ? -8.990  -18.345 8.961   1.00 79.63  ? 2087 HOH A O   1 
HETATM 1068 O  O   . HOH E 4 .   ? -8.481  -15.605 9.007   1.00 62.20  ? 2088 HOH A O   1 
HETATM 1069 O  O   . HOH E 4 .   ? 2.513   10.938  -3.678  1.00 56.27  ? 2089 HOH A O   1 
HETATM 1070 O  O   . HOH E 4 .   ? 8.266   -2.022  -16.537 1.00 49.06  ? 2090 HOH A O   1 
HETATM 1071 O  O   . HOH E 4 .   ? -6.362  -10.947 18.912  1.00 51.85  ? 2091 HOH A O   1 
HETATM 1072 O  O   . HOH E 4 .   ? 6.363   16.498  -8.308  1.00 56.29  ? 2092 HOH A O   1 
HETATM 1073 O  O   . HOH E 4 .   ? -4.047  -13.718 -12.397 1.00 57.26  ? 2093 HOH A O   1 
HETATM 1074 O  O   . HOH E 4 .   ? -5.978  -8.283  19.434  1.00 51.84  ? 2094 HOH A O   1 
HETATM 1075 O  O   . HOH E 4 .   ? -3.966  -12.433 12.142  1.00 33.96  ? 2095 HOH A O   1 
HETATM 1076 O  O   . HOH E 4 .   ? -3.888  -12.486 18.447  1.00 57.95  ? 2096 HOH A O   1 
HETATM 1077 O  O   . HOH E 4 .   ? -6.721  9.954   -6.522  1.00 81.80  ? 2097 HOH A O   1 
HETATM 1078 O  O   . HOH E 4 .   ? 8.863   3.976   -15.808 1.00 67.43  ? 2098 HOH A O   1 
HETATM 1079 O  O   . HOH E 4 .   ? -8.988  8.867   -9.039  1.00 60.48  ? 2099 HOH A O   1 
HETATM 1080 O  O   . HOH E 4 .   ? 13.351  6.566   -11.783 1.00 45.40  ? 2100 HOH A O   1 
HETATM 1081 O  O   . HOH E 4 .   ? 8.267   6.808   -17.955 1.00 60.46  ? 2101 HOH A O   1 
HETATM 1082 O  O   . HOH E 4 .   ? 15.642  6.178   -8.335  1.00 55.77  ? 2102 HOH A O   1 
HETATM 1083 O  O   . HOH E 4 .   ? -6.566  -7.475  -12.523 1.00 60.95  ? 2103 HOH A O   1 
HETATM 1084 O  O   . HOH E 4 .   ? 14.797  -9.469  15.967  1.00 73.06  ? 2104 HOH A O   1 
HETATM 1085 O  O   . HOH E 4 .   ? -5.383  8.198   -9.216  1.00 69.99  ? 2105 HOH A O   1 
HETATM 1086 O  O   . HOH E 4 .   ? 4.449   -6.219  21.150  1.00 46.18  ? 2106 HOH A O   1 
HETATM 1087 O  O   . HOH E 4 .   ? 7.106   10.145  -16.887 1.00 55.04  ? 2107 HOH A O   1 
HETATM 1088 O  O   . HOH E 4 .   ? 12.686  -11.039 17.860  1.00 51.65  ? 2108 HOH A O   1 
HETATM 1089 O  O   . HOH E 4 .   ? -10.752 -3.084  -4.340  1.00 37.41  ? 2109 HOH A O   1 
HETATM 1090 O  O   . HOH E 4 .   ? 9.313   -5.832  20.355  1.00 58.71  ? 2110 HOH A O   1 
HETATM 1091 O  O   . HOH E 4 .   ? -8.515  -16.745 3.788   1.00 56.15  ? 2111 HOH A O   1 
HETATM 1092 O  O   . HOH E 4 .   ? -7.934  0.622   19.571  1.00 64.86  ? 2112 HOH A O   1 
HETATM 1093 O  O   . HOH E 4 .   ? 15.192  -6.176  16.310  1.00 81.36  ? 2113 HOH A O   1 
HETATM 1094 O  O   . HOH E 4 .   ? 12.987  10.040  -0.011  1.00 50.92  ? 2114 HOH A O   1 
HETATM 1095 O  O   . HOH E 4 .   ? -6.901  1.890   -5.262  1.00 77.78  ? 2115 HOH A O   1 
HETATM 1096 O  O   . HOH E 4 .   ? -16.034 -3.757  -0.608  1.00 67.03  ? 2116 HOH A O   1 
HETATM 1097 O  O   . HOH E 4 .   ? -3.847  2.708   -3.817  1.00 52.02  ? 2117 HOH A O   1 
HETATM 1098 O  O   . HOH E 4 .   ? -4.939  -0.704  -17.839 1.00 48.49  ? 2118 HOH A O   1 
HETATM 1099 O  O   . HOH E 4 .   ? -6.119  0.793   3.874   1.00 56.10  ? 2119 HOH A O   1 
HETATM 1100 O  O   . HOH E 4 .   ? 12.337  -2.533  -17.721 1.00 45.84  ? 2120 HOH A O   1 
HETATM 1101 O  O   . HOH E 4 .   ? 14.951  -2.904  -16.927 1.00 54.54  ? 2121 HOH A O   1 
HETATM 1102 O  O   . HOH E 4 .   ? -12.299 -10.965 -6.311  1.00 45.21  ? 2122 HOH A O   1 
HETATM 1103 O  O   . HOH E 4 .   ? 4.346   -10.211 21.956  1.00 59.30  ? 2123 HOH A O   1 
HETATM 1104 O  O   . HOH E 4 .   ? 3.349   7.171   -20.200 1.00 53.09  ? 2124 HOH A O   1 
HETATM 1105 O  O   . HOH E 4 .   ? -11.870 -5.233  -1.099  1.00 48.12  ? 2125 HOH A O   1 
HETATM 1106 O  O   . HOH E 4 .   ? -9.837  4.165   10.940  1.00 61.99  ? 2126 HOH A O   1 
HETATM 1107 O  O   . HOH E 4 .   ? 9.633   -3.099  19.073  1.00 56.17  ? 2127 HOH A O   1 
HETATM 1108 O  O   . HOH E 4 .   ? -2.890  -2.077  16.243  1.00 42.50  ? 2128 HOH A O   1 
HETATM 1109 O  O   . HOH E 4 .   ? 9.986   9.070   -16.433 1.00 56.40  ? 2129 HOH A O   1 
HETATM 1110 O  O   . HOH E 4 .   ? -12.624 -12.965 4.675   1.00 34.51  ? 2130 HOH A O   1 
HETATM 1111 O  O   . HOH E 4 .   ? 11.200  4.140   -13.208 1.00 42.98  ? 2131 HOH A O   1 
HETATM 1112 O  O   . HOH E 4 .   ? -12.590 3.284   10.303  1.00 44.23  ? 2132 HOH A O   1 
HETATM 1113 O  O   . HOH E 4 .   ? 9.627   -5.405  0.408   1.00 92.19  ? 2133 HOH A O   1 
HETATM 1114 O  O   . HOH E 4 .   ? -3.268  7.108   10.182  1.00 49.48  ? 2134 HOH A O   1 
HETATM 1115 O  O   . HOH E 4 .   ? 0.045   8.065   11.000  1.00 48.21  ? 2135 HOH A O   1 
HETATM 1116 O  O   . HOH E 4 .   ? 13.414  3.675   -10.949 1.00 49.17  ? 2136 HOH A O   1 
HETATM 1117 O  O   . HOH E 4 .   ? 13.422  5.039   -14.629 1.00 72.60  ? 2137 HOH A O   1 
HETATM 1118 O  O   . HOH E 4 .   ? 14.465  -0.648  -8.570  1.00 49.29  ? 2138 HOH A O   1 
HETATM 1119 O  O   . HOH E 4 .   ? 14.997  -3.470  -8.615  1.00 53.90  ? 2139 HOH A O   1 
HETATM 1120 O  O   . HOH E 4 .   ? -7.099  10.538  11.511  1.00 55.22  ? 2140 HOH A O   1 
HETATM 1121 O  O   . HOH E 4 .   ? -5.932  11.374  14.393  1.00 62.95  ? 2141 HOH A O   1 
HETATM 1122 O  O   . HOH E 4 .   ? 3.164   -12.571 7.112   1.00 45.69  ? 2142 HOH A O   1 
HETATM 1123 O  O   . HOH E 4 .   ? 7.935   6.351   -15.210 1.00 85.20  ? 2143 HOH A O   1 
HETATM 1124 O  O   . HOH E 4 .   ? -8.563  6.511   -10.638 1.00 74.48  ? 2144 HOH A O   1 
HETATM 1125 O  O   . HOH E 4 .   ? -15.047 -11.257 -6.895  1.00 55.20  ? 2145 HOH A O   1 
HETATM 1126 O  O   . HOH E 4 .   ? 13.964  13.706  -11.123 1.00 56.71  ? 2146 HOH A O   1 
HETATM 1127 O  O   . HOH E 4 .   ? -4.347  -13.853 7.407   1.00 47.60  ? 2147 HOH A O   1 
HETATM 1128 O  O   . HOH E 4 .   ? 13.922  12.293  -5.390  1.00 64.91  ? 2148 HOH A O   1 
HETATM 1129 O  O   . HOH E 4 .   ? 15.570  11.400  -9.095  1.00 58.58  ? 2149 HOH A O   1 
HETATM 1130 O  O   . HOH E 4 .   ? 13.654  13.108  -7.927  1.00 73.81  ? 2150 HOH A O   1 
HETATM 1131 O  O   . HOH E 4 .   ? 9.264   -5.154  9.792   1.00 37.57  ? 2151 HOH A O   1 
HETATM 1132 O  O   . HOH E 4 .   ? 3.484   -13.438 11.385  1.00 65.63  ? 2152 HOH A O   1 
HETATM 1133 O  O   . HOH E 4 .   ? -11.251 5.131   7.130   1.00 54.70  ? 2153 HOH A O   1 
HETATM 1134 O  O   . HOH E 4 .   ? -3.208  11.662  8.107   1.00 70.23  ? 2154 HOH A O   1 
HETATM 1135 O  O   . HOH E 4 .   ? -4.588  10.264  10.491  1.00 65.11  ? 2155 HOH A O   1 
HETATM 1136 O  O   . HOH E 4 .   ? -11.650 8.237   6.017   1.00 65.43  ? 2156 HOH A O   1 
HETATM 1137 O  O   . HOH E 4 .   ? -4.963  -0.371  -2.465  1.00 29.86  ? 2157 HOH A O   1 
HETATM 1138 O  O   . HOH E 4 .   ? -1.919  0.830   -2.869  1.00 35.31  ? 2158 HOH A O   1 
HETATM 1139 O  O   . HOH E 4 .   ? -1.237  3.449   -1.011  1.00 46.27  ? 2159 HOH A O   1 
HETATM 1140 O  O   . HOH E 4 .   ? -1.310  6.070   0.852   1.00 75.03  ? 2160 HOH A O   1 
HETATM 1141 O  O   . HOH E 4 .   ? -9.662  -4.225  15.669  1.00 42.51  ? 2161 HOH A O   1 
HETATM 1142 O  O   . HOH E 4 .   ? -4.751  2.359   -5.992  1.00 41.19  ? 2162 HOH A O   1 
# 
